data_9KCR
#
_entry.id   9KCR
#
_cell.length_a   1.00
_cell.length_b   1.00
_cell.length_c   1.00
_cell.angle_alpha   90.00
_cell.angle_beta   90.00
_cell.angle_gamma   90.00
#
_symmetry.space_group_name_H-M   'P 1'
#
loop_
_entity.id
_entity.type
_entity.pdbx_description
1 polymer 'Sodium/potassium-transporting ATPase subunit alpha-1'
2 polymer 'Sodium/potassium-transporting ATPase subunit beta-3'
3 polymer 'Protein NDRG3'
4 non-polymer 'SODIUM ION'
5 water water
#
loop_
_entity_poly.entity_id
_entity_poly.type
_entity_poly.pdbx_seq_one_letter_code
_entity_poly.pdbx_strand_id
1 'polypeptide(L)'
;VSMDDHKLSLDELHRKYGTDLSRGLTSARAAEILARDGPNALTPPPTTPEWIKFCRQLFGGFSMLLWIGAILCFLAYSIQ
AATEEEPQNDNLYLGVVLSAVVIITGCFSYYQEAKSSKIMESFKNMVPQQALVIRNGEKMSINAEEVVVGDLVEVKGGDR
IPADLRIISANGCKVDNSSLTGESEPQTRSPDFTNENPLETRNIAFFSTNCVEGTARGIVVYTGDRTVMGRIATLASGLE
GGQTPIAAEIEHFIHIITGVAVFLGVSFFILSLILEYTWLEAVIFLIGIIVANVPEGLLATVTVCLTLTAKRMARKNCLV
KNLEAVETLGSTSTICSDKTGTLTQNRMTVAHMWFDNQIHEADTTENQSGVSFDKTSATWLALSRIAGLCNRAVFQANQE
NLPILKRAVAGDASESALLKCIELCCGSVKEMRERYAKIVEIPFNSTNKYQLSIHKNPNTSEPQHLLVMKGAPERILDRC
SSILLHGKEQPLDEELKDAFQNAYLELGGLGERVLGFCHLFLPDEQFPEGFQFDTDDVNFPIDNLCFVGLISMIDPPRAA
VPDAVGKCRSAGIKVIMVTGDHPITAKAIAKGVGIISEGNETVEDIAARLNIPVSQVNPRDAKACVVHGSDLKDMTSEQL
DDILKYHTEIVFARTSPQQKLIIVEGCQRQGAIVAVTGDGVNDSPALKKADIGVAMGIAGSDVSKQAADMILLDDNFASI
VTGVEEGRLIFDNLKKSIAYTLTSNIPEITPFLIFIIANIPLPLGTVTILCIDLGTDMVPAISLAYEQAESDIMKRQPRN
PKTDKLVNERLISMAYGQIGMIQALGGFFTYFVILAENGFLPIHLLGLRVDWDDRWINDVEDSYGQQWTYEQRKIVEFTC
HTAFFVSIVVVQWADLVICKTRRNSVFQQGMKNKILIFGLFEETALAAFLSYCPGMGVALRMYPLKPTWWFCAFPYSLLI
FVYDKVRKLIIRRRPGGWVEKETYY
;
A
2 'polypeptide(L)'
;MTKNEKKSLNQSLAEWKLFIYNPTTGEFLGRTAKSWGLILLFYLVFYGFLAALFSFTMWVMLQTLNDEVPKYRDQIPSPG
LMVFPKPVTALEYTFSRSDPTSYAGYIEDLKKFLKPYTLEEQKNLTVCPDGALFEQKGPVYVACQFPISLLQACSGMNDP
DFGYSQGNPCILVKMNRIIGLKPEGVPRIDCVSKNEDIPNVAVYPHNGMIDLKYFPYYGKKLHVGYLQPLVAVQVSFAPN
NTGKEVTVECKIDGSANLKSQDDRDKFLGRVMFKITARA
;
B
3 'polypeptide(L)'
;CQEHDIETTHGVVHVTIRGLPKGNRPVILTYHDIGLNHKSCFNAFFNFEDMQEITQHFAVCHVDAPGQQEGAPSFPTGYQ
YPTMDELAEMLPPVLTHLSLKSIIGIGVGAGAYILSRFALNHPELVEGLVLINVDPCAKGWIDWAASKLSGLTTNVVDII
LAHHFGQEELQANLDLIQTYRMHIAQDINQDNLQLFLNSYNGRRDLEIERPILGQNDNKSKTLKCSTLLVVGDNSPAVEA
VVECNSRLNPINTTLLKMADCGGLPQVVQPGKLTEAFKYFLQGMGYIPSASMTRLARS
;
N
#
# COMPACT_ATOMS: atom_id res chain seq x y z
N VAL A 1 -23.01 29.19 33.10
CA VAL A 1 -23.75 27.99 33.50
C VAL A 1 -22.83 27.02 34.22
N SER A 2 -22.88 27.01 35.55
CA SER A 2 -22.08 26.08 36.33
C SER A 2 -22.87 25.72 37.59
N MET A 3 -23.67 24.67 37.48
CA MET A 3 -24.37 24.06 38.60
C MET A 3 -23.86 22.64 38.76
N ASP A 4 -23.41 22.29 39.97
CA ASP A 4 -22.78 21.00 40.19
C ASP A 4 -23.17 20.46 41.57
N ASP A 5 -22.81 19.21 41.82
CA ASP A 5 -23.18 18.49 43.02
C ASP A 5 -22.10 18.53 44.10
N HIS A 6 -21.11 19.41 43.96
CA HIS A 6 -20.04 19.48 44.95
C HIS A 6 -20.55 19.92 46.32
N LYS A 7 -21.71 20.58 46.38
CA LYS A 7 -22.29 20.97 47.65
C LYS A 7 -22.97 19.82 48.38
N LEU A 8 -23.27 18.72 47.69
CA LEU A 8 -23.93 17.59 48.31
C LEU A 8 -22.97 16.84 49.22
N SER A 9 -23.53 15.94 50.02
CA SER A 9 -22.77 15.10 50.92
C SER A 9 -22.81 13.65 50.45
N LEU A 10 -21.93 12.84 51.04
CA LEU A 10 -21.79 11.45 50.61
C LEU A 10 -23.08 10.65 50.85
N ASP A 11 -23.73 10.88 51.99
CA ASP A 11 -24.92 10.10 52.32
C ASP A 11 -26.06 10.38 51.34
N GLU A 12 -26.28 11.65 50.99
CA GLU A 12 -27.36 12.00 50.08
C GLU A 12 -27.03 11.69 48.63
N LEU A 13 -25.76 11.49 48.29
CA LEU A 13 -25.41 11.05 46.94
C LEU A 13 -25.97 9.66 46.64
N HIS A 14 -26.22 8.86 47.68
CA HIS A 14 -26.86 7.56 47.49
C HIS A 14 -28.31 7.71 47.06
N ARG A 15 -28.94 8.85 47.33
CA ARG A 15 -30.35 9.06 47.01
C ARG A 15 -30.55 9.80 45.69
N LYS A 16 -29.70 10.77 45.38
CA LYS A 16 -29.87 11.54 44.14
C LYS A 16 -29.68 10.66 42.91
N TYR A 17 -28.71 9.73 42.96
CA TYR A 17 -28.41 8.88 41.83
C TYR A 17 -28.72 7.41 42.07
N GLY A 18 -29.01 7.01 43.30
CA GLY A 18 -29.38 5.64 43.58
C GLY A 18 -28.29 4.62 43.31
N THR A 19 -27.06 4.94 43.69
CA THR A 19 -25.92 4.05 43.47
C THR A 19 -25.19 3.83 44.78
N ASP A 20 -24.66 2.62 44.97
CA ASP A 20 -23.89 2.30 46.16
C ASP A 20 -22.46 2.81 46.01
N LEU A 21 -21.99 3.56 47.01
CA LEU A 21 -20.69 4.21 46.93
C LEU A 21 -19.53 3.22 46.95
N SER A 22 -19.76 1.97 47.33
CA SER A 22 -18.73 0.94 47.28
C SER A 22 -19.11 -0.22 46.38
N ARG A 23 -20.26 -0.15 45.71
CA ARG A 23 -20.73 -1.23 44.86
C ARG A 23 -21.12 -0.70 43.48
N GLY A 24 -21.66 0.51 43.42
CA GLY A 24 -22.08 1.08 42.15
C GLY A 24 -23.37 0.46 41.64
N LEU A 25 -24.05 1.14 40.73
CA LEU A 25 -25.31 0.65 40.21
C LEU A 25 -25.10 -0.62 39.38
N THR A 26 -26.13 -1.46 39.34
CA THR A 26 -26.04 -2.75 38.67
C THR A 26 -26.00 -2.58 37.15
N SER A 27 -25.63 -3.66 36.48
CA SER A 27 -25.55 -3.64 35.01
C SER A 27 -26.92 -3.43 34.38
N ALA A 28 -27.97 -3.98 34.97
CA ALA A 28 -29.31 -3.76 34.43
C ALA A 28 -29.69 -2.28 34.50
N ARG A 29 -29.41 -1.63 35.63
CA ARG A 29 -29.68 -0.19 35.73
C ARG A 29 -28.80 0.59 34.77
N ALA A 30 -27.54 0.16 34.59
CA ALA A 30 -26.66 0.84 33.64
C ALA A 30 -27.23 0.76 32.23
N ALA A 31 -27.68 -0.43 31.83
CA ALA A 31 -28.28 -0.58 30.49
C ALA A 31 -29.55 0.24 30.36
N GLU A 32 -30.37 0.28 31.41
CA GLU A 32 -31.59 1.07 31.37
C GLU A 32 -31.27 2.56 31.18
N ILE A 33 -30.29 3.08 31.92
CA ILE A 33 -29.92 4.48 31.78
C ILE A 33 -29.32 4.73 30.39
N LEU A 34 -28.50 3.81 29.90
CA LEU A 34 -27.92 3.97 28.57
C LEU A 34 -29.00 4.03 27.50
N ALA A 35 -30.02 3.19 27.63
CA ALA A 35 -31.14 3.27 26.70
C ALA A 35 -31.92 4.57 26.88
N ARG A 36 -32.04 5.05 28.11
CA ARG A 36 -32.82 6.26 28.37
C ARG A 36 -31.99 7.52 28.16
N ASP A 37 -30.88 7.65 28.89
CA ASP A 37 -30.07 8.87 28.80
C ASP A 37 -29.36 8.97 27.46
N GLY A 38 -28.85 7.84 26.95
CA GLY A 38 -28.13 7.83 25.70
C GLY A 38 -26.66 7.53 25.90
N PRO A 39 -25.87 7.68 24.83
CA PRO A 39 -24.44 7.39 24.91
C PRO A 39 -23.67 8.38 25.77
N ASN A 40 -22.35 8.26 25.78
CA ASN A 40 -21.50 9.15 26.55
C ASN A 40 -21.43 10.50 25.85
N ALA A 41 -20.50 11.36 26.29
CA ALA A 41 -20.41 12.73 25.79
C ALA A 41 -20.55 12.83 24.29
N LEU A 42 -19.62 12.22 23.55
CA LEU A 42 -19.73 11.98 22.12
C LEU A 42 -19.61 13.29 21.33
N THR A 43 -19.68 14.43 22.03
CA THR A 43 -19.54 15.78 21.48
C THR A 43 -20.08 15.88 20.06
N PRO A 44 -21.40 15.76 19.86
CA PRO A 44 -21.96 15.66 18.51
C PRO A 44 -21.47 16.79 17.61
N PRO A 45 -20.69 16.47 16.58
CA PRO A 45 -20.12 17.50 15.73
C PRO A 45 -20.98 17.76 14.51
N PRO A 46 -20.74 18.85 13.79
CA PRO A 46 -21.46 19.08 12.52
C PRO A 46 -20.87 18.25 11.40
N THR A 47 -21.54 18.28 10.25
CA THR A 47 -21.10 17.54 9.07
C THR A 47 -21.71 18.18 7.84
N THR A 48 -21.15 17.82 6.67
CA THR A 48 -21.68 18.27 5.40
C THR A 48 -22.57 17.20 4.78
N PRO A 49 -23.61 17.60 4.04
CA PRO A 49 -24.52 16.60 3.45
C PRO A 49 -23.88 15.77 2.35
N GLU A 50 -22.67 16.12 1.92
CA GLU A 50 -21.85 15.41 0.94
C GLU A 50 -22.37 15.56 -0.48
N TRP A 51 -23.59 16.09 -0.64
CA TRP A 51 -24.00 16.53 -1.97
C TRP A 51 -23.33 17.85 -2.33
N ILE A 52 -23.11 18.70 -1.33
CA ILE A 52 -22.27 19.87 -1.53
C ILE A 52 -20.85 19.45 -1.91
N LYS A 53 -20.36 18.38 -1.29
CA LYS A 53 -19.05 17.85 -1.64
C LYS A 53 -19.03 17.36 -3.09
N PHE A 54 -20.06 16.62 -3.50
CA PHE A 54 -20.12 16.15 -4.89
C PHE A 54 -20.21 17.31 -5.87
N CYS A 55 -21.00 18.33 -5.54
CA CYS A 55 -21.11 19.50 -6.41
C CYS A 55 -19.80 20.28 -6.47
N ARG A 56 -19.05 20.34 -5.37
CA ARG A 56 -17.75 20.99 -5.40
C ARG A 56 -16.75 20.19 -6.20
N GLN A 57 -16.83 18.86 -6.15
CA GLN A 57 -15.98 18.04 -7.02
C GLN A 57 -16.32 18.27 -8.49
N LEU A 58 -17.61 18.37 -8.81
CA LEU A 58 -18.03 18.57 -10.19
C LEU A 58 -17.63 19.95 -10.71
N PHE A 59 -17.94 21.00 -9.95
CA PHE A 59 -17.78 22.37 -10.42
C PHE A 59 -16.49 23.02 -9.95
N GLY A 60 -15.68 22.33 -9.17
CA GLY A 60 -14.46 22.89 -8.62
C GLY A 60 -13.23 22.50 -9.40
N GLY A 61 -12.18 23.30 -9.24
CA GLY A 61 -10.94 23.05 -9.95
C GLY A 61 -10.96 23.56 -11.37
N PHE A 62 -10.35 22.82 -12.29
CA PHE A 62 -10.32 23.21 -13.69
C PHE A 62 -11.47 22.63 -14.49
N SER A 63 -12.40 21.92 -13.85
CA SER A 63 -13.61 21.48 -14.54
C SER A 63 -14.51 22.66 -14.89
N MET A 64 -14.30 23.82 -14.27
CA MET A 64 -15.04 25.01 -14.67
C MET A 64 -14.71 25.41 -16.10
N LEU A 65 -13.47 25.18 -16.53
CA LEU A 65 -13.12 25.44 -17.92
C LEU A 65 -13.92 24.56 -18.88
N LEU A 66 -14.05 23.28 -18.54
CA LEU A 66 -14.84 22.39 -19.38
C LEU A 66 -16.32 22.76 -19.37
N TRP A 67 -16.83 23.20 -18.22
CA TRP A 67 -18.20 23.68 -18.16
C TRP A 67 -18.38 24.91 -19.05
N ILE A 68 -17.41 25.82 -19.04
CA ILE A 68 -17.47 27.00 -19.90
C ILE A 68 -17.46 26.58 -21.36
N GLY A 69 -16.61 25.62 -21.71
CA GLY A 69 -16.57 25.15 -23.09
C GLY A 69 -17.89 24.52 -23.53
N ALA A 70 -18.50 23.72 -22.66
CA ALA A 70 -19.80 23.13 -22.99
C ALA A 70 -20.87 24.21 -23.14
N ILE A 71 -20.84 25.22 -22.28
CA ILE A 71 -21.79 26.33 -22.39
C ILE A 71 -21.60 27.04 -23.72
N LEU A 72 -20.35 27.29 -24.11
CA LEU A 72 -20.09 27.95 -25.39
C LEU A 72 -20.59 27.11 -26.57
N CYS A 73 -20.36 25.80 -26.52
CA CYS A 73 -20.84 24.93 -27.59
C CYS A 73 -22.35 24.95 -27.69
N PHE A 74 -23.04 24.87 -26.54
CA PHE A 74 -24.50 24.91 -26.56
C PHE A 74 -25.01 26.25 -27.06
N LEU A 75 -24.37 27.35 -26.66
CA LEU A 75 -24.78 28.66 -27.13
C LEU A 75 -24.61 28.78 -28.65
N ALA A 76 -23.49 28.29 -29.18
CA ALA A 76 -23.28 28.35 -30.62
C ALA A 76 -24.29 27.50 -31.37
N TYR A 77 -24.60 26.31 -30.86
CA TYR A 77 -25.60 25.48 -31.50
C TYR A 77 -26.97 26.15 -31.47
N SER A 78 -27.33 26.77 -30.34
CA SER A 78 -28.62 27.43 -30.24
C SER A 78 -28.72 28.61 -31.20
N ILE A 79 -27.66 29.41 -31.30
CA ILE A 79 -27.71 30.57 -32.19
C ILE A 79 -27.75 30.12 -33.64
N GLN A 80 -27.02 29.06 -33.99
CA GLN A 80 -27.07 28.54 -35.34
C GLN A 80 -28.46 28.01 -35.69
N ALA A 81 -29.08 27.28 -34.76
CA ALA A 81 -30.42 26.77 -34.99
C ALA A 81 -31.43 27.89 -35.13
N ALA A 82 -31.32 28.93 -34.29
CA ALA A 82 -32.23 30.05 -34.38
C ALA A 82 -32.06 30.84 -35.68
N THR A 83 -30.82 30.96 -36.16
CA THR A 83 -30.57 31.74 -37.36
C THR A 83 -30.94 30.97 -38.62
N GLU A 84 -30.28 29.83 -38.86
CA GLU A 84 -30.48 29.07 -40.08
C GLU A 84 -31.18 27.75 -39.77
N GLU A 85 -32.01 27.31 -40.72
CA GLU A 85 -32.68 26.03 -40.60
C GLU A 85 -31.73 24.89 -40.97
N GLU A 86 -32.19 23.66 -40.73
CA GLU A 86 -31.40 22.46 -40.97
C GLU A 86 -30.02 22.56 -40.31
N PRO A 87 -29.97 22.70 -38.98
CA PRO A 87 -28.67 22.89 -38.31
C PRO A 87 -27.95 21.56 -38.15
N GLN A 88 -26.65 21.56 -38.42
CA GLN A 88 -25.84 20.36 -38.19
C GLN A 88 -25.60 20.20 -36.70
N ASN A 89 -26.12 19.10 -36.14
CA ASN A 89 -25.99 18.87 -34.70
C ASN A 89 -24.57 18.44 -34.36
N ASP A 90 -23.63 19.39 -34.44
CA ASP A 90 -22.23 19.14 -34.10
C ASP A 90 -21.81 19.86 -32.84
N ASN A 91 -22.16 21.15 -32.71
CA ASN A 91 -21.86 21.88 -31.48
C ASN A 91 -22.61 21.31 -30.29
N LEU A 92 -23.87 20.88 -30.51
CA LEU A 92 -24.63 20.26 -29.43
C LEU A 92 -23.98 18.95 -28.99
N TYR A 93 -23.52 18.14 -29.95
CA TYR A 93 -22.83 16.91 -29.59
C TYR A 93 -21.54 17.20 -28.85
N LEU A 94 -20.79 18.21 -29.29
CA LEU A 94 -19.55 18.57 -28.61
C LEU A 94 -19.82 19.02 -27.18
N GLY A 95 -20.84 19.84 -26.98
CA GLY A 95 -21.18 20.27 -25.63
C GLY A 95 -21.63 19.12 -24.74
N VAL A 96 -22.43 18.21 -25.30
CA VAL A 96 -22.87 17.05 -24.53
C VAL A 96 -21.67 16.19 -24.13
N VAL A 97 -20.73 15.98 -25.05
CA VAL A 97 -19.55 15.19 -24.74
C VAL A 97 -18.70 15.87 -23.68
N LEU A 98 -18.55 17.19 -23.78
CA LEU A 98 -17.78 17.93 -22.78
C LEU A 98 -18.41 17.80 -21.40
N SER A 99 -19.73 17.97 -21.33
CA SER A 99 -20.42 17.85 -20.03
C SER A 99 -20.29 16.43 -19.49
N ALA A 100 -20.38 15.43 -20.36
CA ALA A 100 -20.20 14.06 -19.91
C ALA A 100 -18.80 13.84 -19.36
N VAL A 101 -17.79 14.44 -19.99
CA VAL A 101 -16.42 14.34 -19.49
C VAL A 101 -16.32 14.95 -18.11
N VAL A 102 -16.92 16.13 -17.92
CA VAL A 102 -16.88 16.77 -16.60
C VAL A 102 -17.54 15.87 -15.56
N ILE A 103 -18.69 15.30 -15.90
CA ILE A 103 -19.43 14.48 -14.93
C ILE A 103 -18.64 13.23 -14.58
N ILE A 104 -18.04 12.58 -15.57
CA ILE A 104 -17.28 11.36 -15.30
C ILE A 104 -16.05 11.66 -14.45
N THR A 105 -15.33 12.75 -14.75
CA THR A 105 -14.16 13.06 -13.95
C THR A 105 -14.55 13.48 -12.53
N GLY A 106 -15.69 14.17 -12.37
CA GLY A 106 -16.16 14.47 -11.03
C GLY A 106 -16.55 13.23 -10.26
N CYS A 107 -17.17 12.26 -10.94
CA CYS A 107 -17.49 10.99 -10.28
C CYS A 107 -16.22 10.26 -9.84
N PHE A 108 -15.20 10.25 -10.69
CA PHE A 108 -13.94 9.60 -10.31
C PHE A 108 -13.31 10.29 -9.11
N SER A 109 -13.27 11.62 -9.11
CA SER A 109 -12.68 12.35 -7.99
C SER A 109 -13.46 12.10 -6.70
N TYR A 110 -14.79 12.12 -6.78
CA TYR A 110 -15.60 11.89 -5.60
C TYR A 110 -15.42 10.47 -5.07
N TYR A 111 -15.34 9.49 -5.97
CA TYR A 111 -15.13 8.11 -5.52
C TYR A 111 -13.78 7.96 -4.84
N GLN A 112 -12.73 8.56 -5.39
CA GLN A 112 -11.42 8.47 -4.76
C GLN A 112 -11.42 9.15 -3.39
N GLU A 113 -12.04 10.33 -3.29
CA GLU A 113 -12.10 11.02 -2.01
C GLU A 113 -12.88 10.21 -0.98
N ALA A 114 -14.00 9.63 -1.38
CA ALA A 114 -14.79 8.81 -0.47
C ALA A 114 -14.02 7.59 -0.02
N LYS A 115 -13.32 6.93 -0.94
CA LYS A 115 -12.53 5.77 -0.57
C LYS A 115 -11.42 6.14 0.41
N SER A 116 -10.74 7.27 0.17
CA SER A 116 -9.69 7.70 1.08
C SER A 116 -10.25 7.99 2.47
N SER A 117 -11.35 8.75 2.53
CA SER A 117 -11.92 9.12 3.82
C SER A 117 -12.59 7.93 4.52
N LYS A 118 -12.94 6.88 3.78
CA LYS A 118 -13.53 5.70 4.39
C LYS A 118 -12.48 4.71 4.86
N ILE A 119 -11.33 4.65 4.20
CA ILE A 119 -10.21 3.89 4.77
C ILE A 119 -9.67 4.61 6.00
N MET A 120 -9.59 5.94 5.93
CA MET A 120 -9.49 6.73 7.14
C MET A 120 -10.79 6.59 7.95
N GLU A 121 -10.76 7.09 9.18
CA GLU A 121 -11.86 7.00 10.14
C GLU A 121 -12.10 5.57 10.60
N SER A 122 -11.41 4.59 10.03
CA SER A 122 -11.40 3.23 10.55
C SER A 122 -10.36 3.05 11.64
N PHE A 123 -9.54 4.06 11.90
CA PHE A 123 -8.56 4.04 12.97
C PHE A 123 -9.10 4.61 14.26
N LYS A 124 -10.33 5.14 14.24
CA LYS A 124 -10.94 5.70 15.44
C LYS A 124 -11.56 4.64 16.34
N ASN A 125 -11.67 3.39 15.85
CA ASN A 125 -12.19 2.29 16.65
C ASN A 125 -11.15 1.20 16.86
N MET A 126 -9.91 1.42 16.43
CA MET A 126 -8.86 0.44 16.68
C MET A 126 -8.40 0.47 18.14
N VAL A 127 -8.35 1.66 18.74
CA VAL A 127 -8.05 1.80 20.16
C VAL A 127 -9.10 2.70 20.79
N PRO A 128 -10.33 2.23 20.96
CA PRO A 128 -11.36 3.09 21.57
C PRO A 128 -11.04 3.41 23.02
N GLN A 129 -11.49 4.58 23.44
CA GLN A 129 -11.29 5.00 24.82
C GLN A 129 -12.01 4.04 25.78
N GLN A 130 -11.41 3.84 26.95
CA GLN A 130 -11.93 2.92 27.94
C GLN A 130 -12.12 3.64 29.28
N ALA A 131 -13.06 3.15 30.07
CA ALA A 131 -13.35 3.67 31.39
C ALA A 131 -13.30 2.54 32.39
N LEU A 132 -12.83 2.84 33.60
CA LEU A 132 -12.66 1.84 34.65
C LEU A 132 -13.77 2.03 35.67
N VAL A 133 -14.84 1.26 35.53
CA VAL A 133 -15.96 1.29 36.46
C VAL A 133 -15.97 -0.01 37.24
N ILE A 134 -16.67 0.00 38.37
CA ILE A 134 -16.70 -1.14 39.27
C ILE A 134 -18.15 -1.64 39.38
N ARG A 135 -18.90 -1.52 38.29
CA ARG A 135 -20.27 -2.01 38.27
C ARG A 135 -20.30 -3.52 38.53
N ASN A 136 -21.38 -3.96 39.19
CA ASN A 136 -21.65 -5.34 39.55
C ASN A 136 -20.71 -5.89 40.61
N GLY A 137 -19.77 -5.10 41.12
CA GLY A 137 -18.90 -5.51 42.19
C GLY A 137 -17.44 -5.70 41.80
N GLU A 138 -17.16 -5.86 40.51
CA GLU A 138 -15.80 -6.01 40.02
C GLU A 138 -15.44 -4.84 39.12
N LYS A 139 -14.16 -4.48 39.11
CA LYS A 139 -13.67 -3.35 38.32
C LYS A 139 -13.58 -3.80 36.87
N MET A 140 -14.68 -3.64 36.14
CA MET A 140 -14.72 -3.97 34.73
C MET A 140 -14.21 -2.79 33.89
N SER A 141 -14.06 -3.03 32.59
CA SER A 141 -13.39 -2.11 31.67
C SER A 141 -14.30 -1.77 30.49
N ILE A 142 -15.53 -1.37 30.80
CA ILE A 142 -16.49 -1.03 29.74
C ILE A 142 -15.95 0.09 28.86
N ASN A 143 -16.50 0.19 27.65
CA ASN A 143 -16.14 1.25 26.73
C ASN A 143 -16.55 2.59 27.30
N ALA A 144 -15.82 3.64 26.93
CA ALA A 144 -16.12 4.98 27.41
C ALA A 144 -17.52 5.41 26.99
N GLU A 145 -17.96 4.99 25.81
CA GLU A 145 -19.27 5.37 25.30
C GLU A 145 -20.42 4.76 26.09
N GLU A 146 -20.16 3.74 26.91
CA GLU A 146 -21.20 3.07 27.67
C GLU A 146 -21.34 3.60 29.09
N VAL A 147 -20.57 4.62 29.48
CA VAL A 147 -20.65 5.15 30.83
C VAL A 147 -21.95 5.93 30.99
N VAL A 148 -22.68 5.65 32.06
CA VAL A 148 -23.96 6.27 32.32
C VAL A 148 -23.82 7.23 33.50
N VAL A 149 -24.89 7.96 33.79
CA VAL A 149 -24.90 8.88 34.91
C VAL A 149 -25.20 8.10 36.18
N GLY A 150 -24.26 8.11 37.13
CA GLY A 150 -24.47 7.48 38.41
C GLY A 150 -23.45 6.45 38.81
N ASP A 151 -22.98 5.62 37.88
CA ASP A 151 -22.04 4.58 38.23
C ASP A 151 -20.70 5.20 38.61
N LEU A 152 -20.03 4.59 39.58
CA LEU A 152 -18.75 5.11 40.05
C LEU A 152 -17.63 4.72 39.10
N VAL A 153 -16.70 5.64 38.89
CA VAL A 153 -15.58 5.46 37.98
C VAL A 153 -14.29 5.71 38.74
N GLU A 154 -13.33 4.81 38.59
CA GLU A 154 -12.01 4.96 39.19
C GLU A 154 -11.01 5.37 38.12
N VAL A 155 -10.24 6.42 38.42
CA VAL A 155 -9.22 6.92 37.51
C VAL A 155 -7.85 6.71 38.15
N LYS A 156 -6.85 6.42 37.32
CA LYS A 156 -5.50 6.16 37.75
C LYS A 156 -4.57 7.22 37.18
N GLY A 157 -3.27 7.06 37.46
CA GLY A 157 -2.28 7.96 36.91
C GLY A 157 -2.12 7.80 35.42
N GLY A 158 -2.52 8.82 34.66
CA GLY A 158 -2.45 8.77 33.23
C GLY A 158 -3.73 8.42 32.51
N ASP A 159 -4.84 8.29 33.22
CA ASP A 159 -6.13 7.96 32.64
C ASP A 159 -6.96 9.21 32.48
N ARG A 160 -7.41 9.47 31.25
CA ARG A 160 -8.29 10.62 31.00
C ARG A 160 -9.64 10.38 31.65
N ILE A 161 -10.21 11.43 32.22
CA ILE A 161 -11.48 11.30 32.95
C ILE A 161 -12.60 11.00 31.96
N PRO A 162 -13.38 9.93 32.18
CA PRO A 162 -14.39 9.56 31.17
C PRO A 162 -15.58 10.50 31.13
N ALA A 163 -15.94 11.11 32.25
CA ALA A 163 -17.08 12.01 32.31
C ALA A 163 -16.91 12.91 33.53
N ASP A 164 -17.85 13.84 33.70
CA ASP A 164 -17.82 14.70 34.87
C ASP A 164 -17.95 13.86 36.13
N LEU A 165 -17.02 14.04 37.06
CA LEU A 165 -16.93 13.22 38.26
C LEU A 165 -16.97 14.10 39.49
N ARG A 166 -17.68 13.63 40.52
CA ARG A 166 -17.52 14.15 41.88
C ARG A 166 -16.86 13.04 42.67
N ILE A 167 -15.55 13.16 42.89
CA ILE A 167 -14.81 12.08 43.50
C ILE A 167 -15.21 11.90 44.97
N ILE A 168 -15.30 10.65 45.40
CA ILE A 168 -15.67 10.32 46.76
C ILE A 168 -14.48 9.82 47.57
N SER A 169 -13.44 9.31 46.92
CA SER A 169 -12.24 8.85 47.60
C SER A 169 -11.04 9.17 46.72
N ALA A 170 -9.98 9.67 47.34
CA ALA A 170 -8.76 10.05 46.63
C ALA A 170 -7.55 9.48 47.35
N ASN A 171 -6.49 9.26 46.59
CA ASN A 171 -5.23 8.72 47.09
C ASN A 171 -4.05 9.53 46.56
N GLY A 172 -4.15 10.85 46.66
CA GLY A 172 -3.15 11.73 46.11
C GLY A 172 -3.36 12.09 44.66
N CYS A 173 -4.59 11.98 44.15
CA CYS A 173 -4.86 12.23 42.74
C CYS A 173 -4.62 13.69 42.38
N LYS A 174 -4.12 13.90 41.17
CA LYS A 174 -3.97 15.22 40.59
C LYS A 174 -4.52 15.19 39.16
N VAL A 175 -4.95 16.34 38.68
CA VAL A 175 -5.53 16.44 37.34
C VAL A 175 -4.83 17.55 36.57
N ASP A 176 -4.87 17.43 35.25
CA ASP A 176 -4.31 18.42 34.33
C ASP A 176 -5.48 19.16 33.69
N ASN A 177 -5.80 20.33 34.24
CA ASN A 177 -6.94 21.11 33.78
C ASN A 177 -6.59 22.08 32.66
N SER A 178 -5.49 21.84 31.95
CA SER A 178 -5.10 22.72 30.86
C SER A 178 -6.11 22.69 29.71
N SER A 179 -6.92 21.65 29.62
CA SER A 179 -7.99 21.62 28.61
C SER A 179 -9.02 22.71 28.89
N LEU A 180 -9.37 22.93 30.15
CA LEU A 180 -10.31 23.96 30.53
C LEU A 180 -9.61 25.29 30.84
N THR A 181 -8.65 25.26 31.76
CA THR A 181 -7.92 26.46 32.15
C THR A 181 -6.78 26.71 31.17
N GLY A 182 -5.91 27.65 31.49
CA GLY A 182 -4.75 27.94 30.67
C GLY A 182 -3.45 27.43 31.26
N GLU A 183 -3.52 26.94 32.49
CA GLU A 183 -2.35 26.46 33.20
C GLU A 183 -2.28 24.94 33.14
N SER A 184 -1.07 24.42 32.97
CA SER A 184 -0.82 22.99 32.95
C SER A 184 -0.41 22.43 34.31
N GLU A 185 -0.43 23.25 35.34
CA GLU A 185 -0.03 22.79 36.67
C GLU A 185 -0.99 21.72 37.18
N PRO A 186 -0.49 20.62 37.72
CA PRO A 186 -1.37 19.53 38.16
C PRO A 186 -2.11 19.83 39.45
N GLN A 187 -3.25 20.51 39.36
CA GLN A 187 -4.07 20.74 40.54
C GLN A 187 -4.58 19.42 41.10
N THR A 188 -4.71 19.36 42.42
CA THR A 188 -5.10 18.14 43.11
C THR A 188 -6.61 18.05 43.25
N ARG A 189 -7.08 16.87 43.62
CA ARG A 189 -8.51 16.62 43.84
C ARG A 189 -8.68 15.78 45.09
N SER A 190 -9.59 16.19 45.95
CA SER A 190 -9.90 15.49 47.19
C SER A 190 -11.40 15.60 47.47
N PRO A 191 -11.98 14.64 48.18
CA PRO A 191 -13.44 14.64 48.38
C PRO A 191 -13.96 15.76 49.29
N ASP A 192 -13.11 16.67 49.73
CA ASP A 192 -13.52 17.71 50.67
C ASP A 192 -14.27 18.83 49.93
N PHE A 193 -14.57 19.91 50.64
CA PHE A 193 -15.37 21.02 50.11
C PHE A 193 -14.49 22.26 50.04
N THR A 194 -13.96 22.54 48.86
CA THR A 194 -13.20 23.75 48.58
C THR A 194 -14.17 24.81 48.02
N ASN A 195 -13.62 25.85 47.39
CA ASN A 195 -14.40 26.99 46.89
C ASN A 195 -15.69 26.54 46.21
N GLU A 196 -16.76 27.29 46.46
CA GLU A 196 -18.08 26.95 45.95
C GLU A 196 -18.20 27.11 44.44
N ASN A 197 -17.22 27.73 43.79
CA ASN A 197 -17.20 27.77 42.34
C ASN A 197 -16.80 26.41 41.79
N PRO A 198 -17.64 25.77 40.97
CA PRO A 198 -17.33 24.39 40.53
C PRO A 198 -16.02 24.28 39.76
N LEU A 199 -15.53 25.36 39.16
CA LEU A 199 -14.31 25.26 38.37
C LEU A 199 -13.06 25.08 39.23
N GLU A 200 -13.13 25.41 40.52
CA GLU A 200 -11.98 25.27 41.41
C GLU A 200 -12.41 24.69 42.75
N THR A 201 -13.37 23.77 42.74
CA THR A 201 -13.89 23.19 43.97
C THR A 201 -13.06 22.03 44.50
N ARG A 202 -12.02 21.62 43.79
CA ARG A 202 -11.10 20.55 44.19
C ARG A 202 -11.80 19.24 44.47
N ASN A 203 -13.07 19.10 44.10
CA ASN A 203 -13.74 17.81 44.24
C ASN A 203 -14.60 17.48 43.01
N ILE A 204 -14.37 18.18 41.89
CA ILE A 204 -15.03 17.89 40.62
C ILE A 204 -13.94 17.57 39.62
N ALA A 205 -14.04 16.40 38.98
CA ALA A 205 -13.11 16.00 37.93
C ALA A 205 -13.81 16.20 36.60
N PHE A 206 -13.34 17.20 35.85
CA PHE A 206 -13.99 17.58 34.60
C PHE A 206 -13.75 16.55 33.51
N PHE A 207 -14.65 16.58 32.52
CA PHE A 207 -14.52 15.72 31.35
C PHE A 207 -13.33 16.16 30.51
N SER A 208 -12.70 15.18 29.85
CA SER A 208 -11.61 15.38 28.89
C SER A 208 -10.32 15.87 29.53
N THR A 209 -10.19 15.81 30.85
CA THR A 209 -8.92 16.09 31.51
C THR A 209 -8.22 14.79 31.87
N ASN A 210 -6.95 14.90 32.22
CA ASN A 210 -6.10 13.75 32.49
C ASN A 210 -5.70 13.72 33.96
N CYS A 211 -5.70 12.52 34.55
CA CYS A 211 -5.24 12.33 35.92
C CYS A 211 -3.76 11.98 35.87
N VAL A 212 -2.90 12.96 36.15
CA VAL A 212 -1.47 12.79 35.95
C VAL A 212 -0.89 11.80 36.95
N GLU A 213 -1.37 11.81 38.19
CA GLU A 213 -0.80 10.97 39.22
C GLU A 213 -1.88 10.62 40.25
N GLY A 214 -1.58 9.62 41.07
CA GLY A 214 -2.49 9.22 42.12
C GLY A 214 -3.63 8.37 41.60
N THR A 215 -4.64 8.23 42.47
CA THR A 215 -5.81 7.43 42.16
C THR A 215 -7.02 8.07 42.82
N ALA A 216 -8.18 7.98 42.16
CA ALA A 216 -9.41 8.56 42.68
C ALA A 216 -10.60 7.77 42.17
N ARG A 217 -11.72 7.92 42.87
CA ARG A 217 -12.98 7.26 42.50
C ARG A 217 -14.12 8.25 42.73
N GLY A 218 -15.07 8.28 41.81
CA GLY A 218 -16.14 9.25 41.93
C GLY A 218 -17.39 8.84 41.18
N ILE A 219 -18.46 9.59 41.45
CA ILE A 219 -19.78 9.34 40.87
C ILE A 219 -19.95 10.25 39.67
N VAL A 220 -20.42 9.69 38.55
CA VAL A 220 -20.66 10.48 37.36
C VAL A 220 -21.87 11.37 37.57
N VAL A 221 -21.72 12.66 37.26
CA VAL A 221 -22.81 13.61 37.39
C VAL A 221 -23.31 14.11 36.04
N TYR A 222 -22.44 14.27 35.04
CA TYR A 222 -22.83 14.76 33.73
C TYR A 222 -22.28 13.81 32.67
N THR A 223 -23.17 13.19 31.90
CA THR A 223 -22.81 12.35 30.77
C THR A 223 -23.54 12.86 29.54
N GLY A 224 -22.78 13.15 28.48
CA GLY A 224 -23.37 13.66 27.26
C GLY A 224 -22.83 15.02 26.88
N ASP A 225 -23.60 15.79 26.13
CA ASP A 225 -23.22 17.16 25.82
C ASP A 225 -23.42 18.09 27.01
N ARG A 226 -24.04 17.62 28.09
CA ARG A 226 -24.25 18.42 29.28
C ARG A 226 -22.95 18.71 30.03
N THR A 227 -21.85 18.04 29.68
CA THR A 227 -20.60 18.22 30.39
C THR A 227 -20.10 19.66 30.27
N VAL A 228 -19.21 20.04 31.18
CA VAL A 228 -18.67 21.39 31.17
C VAL A 228 -17.90 21.65 29.88
N MET A 229 -17.07 20.70 29.47
CA MET A 229 -16.34 20.84 28.22
C MET A 229 -17.25 20.65 27.01
N GLY A 230 -18.37 19.95 27.16
CA GLY A 230 -19.28 19.76 26.05
C GLY A 230 -20.13 20.98 25.75
N ARG A 231 -20.45 21.78 26.77
CA ARG A 231 -21.26 22.97 26.55
C ARG A 231 -20.54 23.97 25.64
N ILE A 232 -19.25 24.17 25.85
CA ILE A 232 -18.48 25.09 25.02
C ILE A 232 -18.04 24.37 23.76
N ALA A 233 -18.01 25.11 22.64
CA ALA A 233 -17.61 24.57 21.34
C ALA A 233 -18.44 23.35 20.96
N GLY A 242 1.59 23.08 9.75
CA GLY A 242 0.86 23.77 8.70
C GLY A 242 0.98 23.10 7.34
N GLN A 243 2.17 22.58 7.05
CA GLN A 243 2.42 21.90 5.80
C GLN A 243 3.51 20.86 6.01
N THR A 244 3.56 19.89 5.09
CA THR A 244 4.54 18.82 5.12
C THR A 244 5.45 18.93 3.90
N PRO A 245 6.70 18.46 4.01
CA PRO A 245 7.61 18.56 2.86
C PRO A 245 7.08 17.88 1.61
N ILE A 246 6.44 16.72 1.76
CA ILE A 246 5.84 16.05 0.61
C ILE A 246 4.77 16.94 -0.02
N ALA A 247 3.89 17.51 0.81
CA ALA A 247 2.86 18.41 0.32
C ALA A 247 3.44 19.65 -0.34
N ALA A 248 4.49 20.23 0.22
CA ALA A 248 5.14 21.39 -0.38
C ALA A 248 5.72 21.08 -1.75
N GLU A 249 6.45 19.96 -1.86
CA GLU A 249 7.01 19.58 -3.15
C GLU A 249 5.91 19.34 -4.17
N ILE A 250 4.86 18.62 -3.77
CA ILE A 250 3.79 18.31 -4.72
C ILE A 250 3.07 19.59 -5.16
N GLU A 251 2.81 20.49 -4.22
CA GLU A 251 2.15 21.74 -4.58
C GLU A 251 2.99 22.57 -5.54
N HIS A 252 4.30 22.69 -5.26
CA HIS A 252 5.18 23.44 -6.14
C HIS A 252 5.24 22.81 -7.53
N PHE A 253 5.36 21.49 -7.59
CA PHE A 253 5.41 20.81 -8.89
C PHE A 253 4.11 20.99 -9.66
N ILE A 254 2.97 20.90 -8.96
CA ILE A 254 1.68 21.09 -9.62
C ILE A 254 1.57 22.51 -10.16
N HIS A 255 2.02 23.50 -9.40
CA HIS A 255 1.96 24.88 -9.89
C HIS A 255 2.83 25.05 -11.13
N ILE A 256 4.04 24.46 -11.11
CA ILE A 256 4.93 24.59 -12.26
C ILE A 256 4.31 23.94 -13.50
N ILE A 257 3.75 22.73 -13.33
CA ILE A 257 3.16 22.05 -14.48
C ILE A 257 1.90 22.75 -14.95
N THR A 258 1.15 23.39 -14.04
CA THR A 258 -0.02 24.16 -14.44
C THR A 258 0.38 25.37 -15.27
N GLY A 259 1.45 26.06 -14.86
CA GLY A 259 1.96 27.16 -15.68
C GLY A 259 2.42 26.69 -17.05
N VAL A 260 3.11 25.55 -17.09
CA VAL A 260 3.54 24.99 -18.38
C VAL A 260 2.34 24.65 -19.24
N ALA A 261 1.30 24.07 -18.64
CA ALA A 261 0.10 23.71 -19.39
C ALA A 261 -0.61 24.94 -19.94
N VAL A 262 -0.67 26.01 -19.14
CA VAL A 262 -1.30 27.25 -19.61
C VAL A 262 -0.51 27.82 -20.79
N PHE A 263 0.82 27.83 -20.67
CA PHE A 263 1.63 28.32 -21.78
C PHE A 263 1.43 27.49 -23.04
N LEU A 264 1.40 26.16 -22.89
CA LEU A 264 1.16 25.29 -24.04
C LEU A 264 -0.21 25.52 -24.65
N GLY A 265 -1.22 25.72 -23.81
CA GLY A 265 -2.55 25.99 -24.31
C GLY A 265 -2.63 27.27 -25.10
N VAL A 266 -2.00 28.33 -24.59
CA VAL A 266 -2.00 29.61 -25.31
C VAL A 266 -1.27 29.47 -26.64
N SER A 267 -0.11 28.81 -26.62
CA SER A 267 0.65 28.62 -27.87
C SER A 267 -0.15 27.83 -28.90
N PHE A 268 -0.79 26.74 -28.47
CA PHE A 268 -1.57 25.92 -29.39
C PHE A 268 -2.81 26.64 -29.87
N PHE A 269 -3.44 27.45 -29.02
CA PHE A 269 -4.58 28.28 -29.44
C PHE A 269 -4.16 29.25 -30.54
N ILE A 270 -3.02 29.92 -30.35
CA ILE A 270 -2.54 30.86 -31.35
C ILE A 270 -2.22 30.14 -32.65
N LEU A 271 -1.51 29.02 -32.55
CA LEU A 271 -1.13 28.28 -33.75
C LEU A 271 -2.33 27.72 -34.49
N SER A 272 -3.36 27.30 -33.76
CA SER A 272 -4.59 26.83 -34.40
C SER A 272 -5.31 27.98 -35.09
N LEU A 273 -5.35 29.15 -34.46
CA LEU A 273 -5.94 30.31 -35.13
C LEU A 273 -5.19 30.66 -36.40
N ILE A 274 -3.86 30.50 -36.39
CA ILE A 274 -3.06 30.76 -37.59
C ILE A 274 -3.41 29.74 -38.67
N LEU A 275 -3.82 28.53 -38.29
CA LEU A 275 -4.10 27.46 -39.25
C LEU A 275 -5.56 27.39 -39.66
N GLU A 276 -6.24 28.54 -39.72
CA GLU A 276 -7.62 28.63 -40.20
C GLU A 276 -8.56 27.75 -39.39
N TYR A 277 -8.67 28.06 -38.11
CA TYR A 277 -9.56 27.38 -37.19
C TYR A 277 -10.77 28.25 -36.90
N THR A 278 -11.92 27.62 -36.72
CA THR A 278 -13.10 28.34 -36.26
C THR A 278 -12.87 28.83 -34.83
N TRP A 279 -13.54 29.92 -34.46
CA TRP A 279 -13.36 30.47 -33.12
C TRP A 279 -13.73 29.46 -32.05
N LEU A 280 -14.85 28.75 -32.25
CA LEU A 280 -15.22 27.71 -31.29
C LEU A 280 -14.19 26.59 -31.25
N GLU A 281 -13.70 26.17 -32.40
CA GLU A 281 -12.69 25.12 -32.43
C GLU A 281 -11.41 25.53 -31.72
N ALA A 282 -10.95 26.77 -31.89
CA ALA A 282 -9.76 27.24 -31.21
C ALA A 282 -9.97 27.36 -29.70
N VAL A 283 -11.08 27.96 -29.28
CA VAL A 283 -11.33 28.11 -27.84
C VAL A 283 -11.71 26.80 -27.18
N ILE A 284 -12.00 25.76 -27.96
CA ILE A 284 -12.20 24.43 -27.39
C ILE A 284 -10.89 23.65 -27.37
N PHE A 285 -10.04 23.82 -28.38
CA PHE A 285 -8.72 23.19 -28.37
C PHE A 285 -7.87 23.72 -27.23
N LEU A 286 -7.93 25.04 -26.98
CA LEU A 286 -7.18 25.61 -25.87
C LEU A 286 -7.64 25.01 -24.55
N ILE A 287 -8.95 24.92 -24.36
CA ILE A 287 -9.50 24.33 -23.14
C ILE A 287 -9.08 22.88 -23.01
N GLY A 288 -9.14 22.13 -24.11
CA GLY A 288 -8.77 20.73 -24.06
C GLY A 288 -7.33 20.54 -23.64
N ILE A 289 -6.42 21.30 -24.25
CA ILE A 289 -5.01 21.17 -23.91
C ILE A 289 -4.76 21.57 -22.45
N ILE A 290 -5.37 22.68 -22.01
CA ILE A 290 -5.16 23.15 -20.64
C ILE A 290 -5.65 22.11 -19.65
N VAL A 291 -6.88 21.61 -19.82
CA VAL A 291 -7.42 20.61 -18.91
C VAL A 291 -6.69 19.28 -18.98
N ALA A 292 -6.15 18.90 -20.13
CA ALA A 292 -5.47 17.62 -20.28
C ALA A 292 -3.99 17.67 -19.94
N ASN A 293 -3.42 18.85 -19.69
CA ASN A 293 -2.02 18.94 -19.30
C ASN A 293 -1.80 19.41 -17.87
N VAL A 294 -2.85 19.73 -17.13
CA VAL A 294 -2.74 20.09 -15.72
C VAL A 294 -2.91 18.82 -14.89
N PRO A 295 -1.99 18.52 -13.98
CA PRO A 295 -2.19 17.35 -13.11
C PRO A 295 -3.21 17.63 -12.03
N GLU A 296 -4.42 17.09 -12.18
CA GLU A 296 -5.49 17.33 -11.21
C GLU A 296 -5.59 16.19 -10.21
N GLY A 297 -5.61 14.96 -10.69
CA GLY A 297 -5.69 13.81 -9.81
C GLY A 297 -4.35 13.42 -9.21
N LEU A 298 -3.57 14.42 -8.78
CA LEU A 298 -2.30 14.16 -8.13
C LEU A 298 -2.36 14.34 -6.63
N LEU A 299 -3.08 15.36 -6.13
CA LEU A 299 -3.33 15.45 -4.70
C LEU A 299 -4.13 14.25 -4.22
N ALA A 300 -5.16 13.86 -4.96
CA ALA A 300 -5.90 12.65 -4.63
C ALA A 300 -5.01 11.43 -4.72
N THR A 301 -4.04 11.42 -5.63
CA THR A 301 -3.14 10.28 -5.75
C THR A 301 -2.23 10.15 -4.55
N VAL A 302 -1.62 11.26 -4.10
CA VAL A 302 -0.74 11.21 -2.94
C VAL A 302 -1.55 10.88 -1.68
N THR A 303 -2.78 11.40 -1.61
CA THR A 303 -3.65 11.04 -0.49
C THR A 303 -3.97 9.55 -0.49
N VAL A 304 -4.25 9.00 -1.67
CA VAL A 304 -4.53 7.57 -1.77
C VAL A 304 -3.32 6.75 -1.35
N CYS A 305 -2.13 7.15 -1.81
CA CYS A 305 -0.92 6.41 -1.45
C CYS A 305 -0.69 6.46 0.06
N LEU A 306 -0.78 7.64 0.65
CA LEU A 306 -0.54 7.79 2.08
C LEU A 306 -1.57 7.00 2.88
N THR A 307 -2.84 7.06 2.48
CA THR A 307 -3.88 6.39 3.24
C THR A 307 -3.80 4.88 3.09
N LEU A 308 -3.46 4.39 1.89
CA LEU A 308 -3.26 2.96 1.70
C LEU A 308 -2.09 2.45 2.52
N THR A 309 -0.98 3.19 2.54
CA THR A 309 0.14 2.78 3.37
C THR A 309 -0.24 2.77 4.84
N ALA A 310 -0.89 3.83 5.31
CA ALA A 310 -1.33 3.89 6.70
C ALA A 310 -2.26 2.75 7.05
N LYS A 311 -3.08 2.30 6.10
CA LYS A 311 -3.88 1.11 6.33
C LYS A 311 -3.01 -0.14 6.40
N ARG A 312 -1.94 -0.19 5.59
CA ARG A 312 -1.05 -1.34 5.63
C ARG A 312 -0.23 -1.39 6.91
N MET A 313 0.14 -0.23 7.45
CA MET A 313 0.80 -0.20 8.75
C MET A 313 -0.13 -0.71 9.85
N ALA A 314 -1.40 -0.28 9.83
CA ALA A 314 -2.33 -0.67 10.87
C ALA A 314 -2.60 -2.16 10.87
N ARG A 315 -2.40 -2.84 9.74
CA ARG A 315 -2.52 -4.28 9.69
C ARG A 315 -1.25 -4.99 10.17
N LYS A 316 -0.16 -4.26 10.35
CA LYS A 316 1.06 -4.77 10.96
C LYS A 316 1.24 -4.26 12.39
N ASN A 317 0.13 -3.94 13.06
CA ASN A 317 0.13 -3.49 14.45
C ASN A 317 0.93 -2.20 14.62
N CYS A 318 0.72 -1.25 13.71
CA CYS A 318 1.31 0.09 13.80
C CYS A 318 0.22 1.09 13.43
N LEU A 319 -0.52 1.54 14.43
CA LEU A 319 -1.61 2.48 14.21
C LEU A 319 -1.04 3.90 14.18
N VAL A 320 -1.09 4.53 13.02
CA VAL A 320 -0.64 5.90 12.87
C VAL A 320 -1.79 6.84 13.21
N LYS A 321 -1.47 7.93 13.90
CA LYS A 321 -2.47 8.89 14.33
C LYS A 321 -2.61 10.09 13.41
N ASN A 322 -1.86 10.10 12.30
CA ASN A 322 -1.89 11.22 11.38
C ASN A 322 -1.35 10.76 10.03
N LEU A 323 -1.64 11.55 8.99
CA LEU A 323 -1.01 11.33 7.71
C LEU A 323 0.34 12.00 7.60
N GLU A 324 0.67 12.91 8.52
CA GLU A 324 2.01 13.49 8.57
C GLU A 324 3.02 12.52 9.16
N ALA A 325 2.61 11.70 10.12
CA ALA A 325 3.51 10.74 10.72
C ALA A 325 3.81 9.57 9.78
N VAL A 326 2.98 9.35 8.77
CA VAL A 326 3.25 8.30 7.79
C VAL A 326 4.51 8.64 7.01
N GLU A 327 4.63 9.89 6.57
CA GLU A 327 5.79 10.32 5.80
C GLU A 327 7.00 10.59 6.69
N THR A 328 6.80 10.85 7.98
CA THR A 328 7.92 11.06 8.88
C THR A 328 8.47 9.74 9.43
N LEU A 329 7.72 8.65 9.29
CA LEU A 329 8.18 7.36 9.78
C LEU A 329 9.23 6.77 8.85
N GLY A 330 9.07 6.96 7.55
CA GLY A 330 10.04 6.43 6.59
C GLY A 330 11.36 7.19 6.56
N SER A 331 11.42 8.35 7.21
CA SER A 331 12.65 9.13 7.31
C SER A 331 13.34 8.96 8.66
N THR A 332 12.95 7.95 9.42
CA THR A 332 13.49 7.77 10.77
C THR A 332 14.98 7.46 10.71
N SER A 333 15.70 7.93 11.74
CA SER A 333 17.13 7.65 11.84
C SER A 333 17.57 7.26 13.24
N THR A 334 16.67 7.27 14.24
CA THR A 334 17.02 6.86 15.60
C THR A 334 15.75 6.40 16.29
N ILE A 335 15.82 5.24 16.96
CA ILE A 335 14.64 4.58 17.50
C ILE A 335 14.77 4.36 19.00
N CYS A 336 15.30 5.35 19.72
CA CYS A 336 15.49 5.24 21.17
C CYS A 336 14.28 4.61 21.83
N SER A 337 14.49 3.45 22.46
CA SER A 337 13.40 2.58 22.88
C SER A 337 13.65 2.08 24.29
N ASP A 338 12.56 1.61 24.91
CA ASP A 338 12.63 1.01 26.24
C ASP A 338 13.10 -0.44 26.10
N LYS A 339 13.04 -1.19 27.20
CA LYS A 339 13.52 -2.56 27.22
C LYS A 339 12.45 -3.56 27.65
N THR A 340 11.61 -3.21 28.62
CA THR A 340 10.58 -4.12 29.11
C THR A 340 9.29 -3.89 28.33
N GLY A 341 8.76 -4.97 27.74
CA GLY A 341 7.56 -4.90 26.95
C GLY A 341 7.80 -4.55 25.48
N THR A 342 8.86 -3.80 25.19
CA THR A 342 9.19 -3.41 23.82
C THR A 342 10.28 -4.30 23.24
N LEU A 343 11.43 -4.37 23.89
CA LEU A 343 12.52 -5.24 23.45
C LEU A 343 12.52 -6.58 24.14
N THR A 344 11.68 -6.79 25.15
CA THR A 344 11.57 -8.05 25.85
C THR A 344 10.10 -8.41 26.02
N GLN A 345 9.85 -9.71 26.17
CA GLN A 345 8.48 -10.22 26.18
C GLN A 345 7.69 -9.77 27.41
N ASN A 346 8.37 -9.38 28.48
CA ASN A 346 7.78 -9.07 29.78
C ASN A 346 7.12 -10.29 30.43
N ARG A 347 7.33 -11.48 29.88
CA ARG A 347 6.84 -12.72 30.47
C ARG A 347 8.01 -13.40 31.17
N MET A 348 8.28 -12.95 32.40
CA MET A 348 9.42 -13.45 33.14
C MET A 348 9.13 -14.81 33.74
N THR A 349 10.14 -15.67 33.74
CA THR A 349 10.09 -16.98 34.40
C THR A 349 11.37 -17.18 35.19
N VAL A 350 11.25 -17.77 36.38
CA VAL A 350 12.41 -17.96 37.23
C VAL A 350 13.30 -19.04 36.65
N ALA A 351 14.59 -18.73 36.50
CA ALA A 351 15.53 -19.64 35.85
C ALA A 351 16.63 -20.13 36.78
N HIS A 352 17.20 -19.25 37.61
CA HIS A 352 18.33 -19.61 38.46
C HIS A 352 18.09 -19.12 39.88
N MET A 353 18.66 -19.84 40.84
CA MET A 353 18.71 -19.41 42.22
C MET A 353 20.08 -19.71 42.79
N TRP A 354 20.55 -18.83 43.68
CA TRP A 354 21.84 -19.00 44.35
C TRP A 354 21.62 -19.04 45.85
N PHE A 355 21.78 -20.22 46.43
CA PHE A 355 21.80 -20.36 47.88
C PHE A 355 22.75 -21.50 48.23
N ASP A 356 23.34 -21.42 49.43
CA ASP A 356 24.33 -22.38 49.90
C ASP A 356 25.55 -22.42 48.97
N ASN A 357 25.87 -21.26 48.38
CA ASN A 357 27.07 -21.06 47.56
C ASN A 357 26.97 -21.75 46.21
N GLN A 358 25.91 -22.52 45.99
CA GLN A 358 25.70 -23.22 44.73
C GLN A 358 24.71 -22.44 43.86
N ILE A 359 25.05 -22.26 42.59
CA ILE A 359 24.17 -21.59 41.63
C ILE A 359 23.19 -22.61 41.09
N HIS A 360 22.07 -22.79 41.79
CA HIS A 360 21.09 -23.81 41.42
C HIS A 360 20.28 -23.38 40.21
N GLU A 361 19.71 -24.37 39.53
CA GLU A 361 18.87 -24.15 38.35
C GLU A 361 17.41 -24.35 38.73
N ALA A 362 16.56 -23.42 38.30
CA ALA A 362 15.13 -23.49 38.56
C ALA A 362 14.35 -24.12 37.42
N ASP A 363 14.95 -25.09 36.72
CA ASP A 363 14.29 -25.71 35.57
C ASP A 363 12.96 -26.32 35.98
N THR A 364 12.96 -27.16 37.02
CA THR A 364 11.75 -27.75 37.58
C THR A 364 10.89 -28.41 36.50
N THR A 365 9.74 -27.80 36.20
CA THR A 365 8.75 -28.32 35.26
C THR A 365 8.18 -29.65 35.74
N GLU A 366 7.45 -30.34 34.87
CA GLU A 366 6.82 -31.60 35.25
C GLU A 366 7.87 -32.65 35.59
N ASN A 367 8.82 -32.88 34.69
CA ASN A 367 9.86 -33.88 34.93
C ASN A 367 10.86 -33.36 35.94
N GLN A 368 11.22 -34.21 36.90
CA GLN A 368 12.20 -33.93 37.95
C GLN A 368 12.00 -32.54 38.56
N SER A 369 10.85 -32.39 39.23
CA SER A 369 10.48 -31.12 39.85
C SER A 369 11.47 -30.71 40.92
N GLY A 370 12.48 -31.52 41.16
CA GLY A 370 13.54 -31.22 42.10
C GLY A 370 14.88 -31.04 41.42
N VAL A 371 14.91 -30.30 40.30
CA VAL A 371 16.12 -30.10 39.50
C VAL A 371 17.25 -29.60 40.38
N SER A 372 18.32 -30.40 40.49
CA SER A 372 19.56 -30.07 41.18
C SER A 372 19.38 -30.06 42.69
N PHE A 373 18.14 -30.18 43.16
CA PHE A 373 17.84 -30.23 44.59
C PHE A 373 16.38 -30.60 44.82
N ASP A 374 16.12 -31.59 45.67
CA ASP A 374 14.74 -32.03 45.89
C ASP A 374 14.03 -31.14 46.90
N LYS A 375 14.52 -31.12 48.15
CA LYS A 375 13.97 -30.26 49.19
C LYS A 375 15.03 -29.52 50.00
N THR A 376 16.27 -29.99 50.03
CA THR A 376 17.39 -29.38 50.76
C THR A 376 16.98 -29.22 52.22
N SER A 377 16.97 -28.02 52.78
CA SER A 377 16.82 -27.82 54.21
C SER A 377 16.16 -26.47 54.45
N ALA A 378 16.33 -25.95 55.67
CA ALA A 378 15.74 -24.67 56.03
C ALA A 378 16.21 -23.54 55.12
N THR A 379 17.35 -23.70 54.44
CA THR A 379 17.77 -22.69 53.47
C THR A 379 16.68 -22.45 52.42
N TRP A 380 16.38 -23.48 51.62
CA TRP A 380 15.36 -23.34 50.61
C TRP A 380 13.97 -23.22 51.21
N LEU A 381 13.75 -23.79 52.40
CA LEU A 381 12.46 -23.60 53.07
C LEU A 381 12.19 -22.12 53.33
N ALA A 382 13.15 -21.42 53.93
CA ALA A 382 13.00 -19.99 54.18
C ALA A 382 12.97 -19.20 52.87
N LEU A 383 13.75 -19.63 51.88
CA LEU A 383 13.71 -18.96 50.59
C LEU A 383 12.31 -18.98 49.98
N SER A 384 11.71 -20.17 49.93
CA SER A 384 10.37 -20.30 49.38
C SER A 384 9.34 -19.58 50.24
N ARG A 385 9.53 -19.62 51.57
CA ARG A 385 8.61 -18.92 52.47
C ARG A 385 8.62 -17.41 52.20
N ILE A 386 9.82 -16.84 52.06
CA ILE A 386 9.93 -15.42 51.75
C ILE A 386 9.31 -15.13 50.39
N ALA A 387 9.59 -15.98 49.40
CA ALA A 387 9.05 -15.75 48.06
C ALA A 387 7.54 -15.78 48.06
N GLY A 388 6.94 -16.67 48.85
CA GLY A 388 5.49 -16.81 48.85
C GLY A 388 4.75 -15.88 49.80
N LEU A 389 5.45 -15.29 50.77
CA LEU A 389 4.78 -14.38 51.69
C LEU A 389 5.10 -12.92 51.42
N CYS A 390 6.15 -12.62 50.66
CA CYS A 390 6.43 -11.23 50.29
C CYS A 390 5.65 -10.79 49.06
N ASN A 391 5.08 -11.72 48.30
CA ASN A 391 4.38 -11.37 47.08
C ASN A 391 3.03 -10.72 47.37
N ARG A 392 2.56 -9.94 46.40
CA ARG A 392 1.23 -9.34 46.44
C ARG A 392 0.47 -9.73 45.17
N ALA A 393 0.58 -11.00 44.80
CA ALA A 393 -0.08 -11.53 43.61
C ALA A 393 -0.80 -12.82 43.97
N VAL A 394 -1.97 -13.03 43.38
CA VAL A 394 -2.76 -14.23 43.60
C VAL A 394 -3.28 -14.74 42.25
N PHE A 395 -3.60 -16.03 42.23
CA PHE A 395 -4.29 -16.61 41.08
C PHE A 395 -5.75 -16.18 41.12
N GLN A 396 -6.27 -15.74 39.98
CA GLN A 396 -7.68 -15.41 39.92
C GLN A 396 -8.52 -16.68 39.97
N ALA A 397 -9.79 -16.51 40.33
CA ALA A 397 -10.68 -17.64 40.50
C ALA A 397 -10.96 -18.33 39.15
N ASN A 398 -11.61 -19.49 39.23
CA ASN A 398 -11.97 -20.30 38.07
C ASN A 398 -10.75 -20.78 37.29
N GLN A 399 -9.59 -20.85 37.94
CA GLN A 399 -8.35 -21.27 37.29
C GLN A 399 -7.62 -22.27 38.18
N GLU A 400 -8.34 -23.27 38.67
CA GLU A 400 -7.79 -24.30 39.52
C GLU A 400 -7.67 -25.65 38.83
N ASN A 401 -7.79 -25.69 37.50
CA ASN A 401 -7.70 -26.92 36.73
C ASN A 401 -6.60 -26.90 35.68
N LEU A 402 -6.40 -25.76 35.01
CA LEU A 402 -5.35 -25.64 34.02
C LEU A 402 -3.98 -25.79 34.69
N PRO A 403 -3.00 -26.36 34.00
CA PRO A 403 -1.71 -26.58 34.64
C PRO A 403 -0.98 -25.27 34.90
N ILE A 404 -0.03 -25.34 35.84
CA ILE A 404 0.52 -24.13 36.45
C ILE A 404 1.19 -23.25 35.41
N LEU A 405 1.98 -23.86 34.52
CA LEU A 405 2.67 -23.08 33.49
C LEU A 405 1.67 -22.37 32.58
N LYS A 406 0.47 -22.92 32.41
CA LYS A 406 -0.57 -22.32 31.59
C LYS A 406 -1.67 -21.69 32.46
N ARG A 407 -1.28 -21.07 33.57
CA ARG A 407 -2.22 -20.36 34.43
C ARG A 407 -2.03 -18.85 34.28
N ALA A 408 -3.04 -18.11 34.73
CA ALA A 408 -3.02 -16.66 34.67
C ALA A 408 -2.94 -16.09 36.07
N VAL A 409 -2.05 -15.11 36.25
CA VAL A 409 -1.82 -14.47 37.54
C VAL A 409 -2.10 -12.98 37.39
N ALA A 410 -2.43 -12.34 38.51
CA ALA A 410 -2.71 -10.92 38.56
C ALA A 410 -1.65 -10.21 39.38
N GLY A 411 -1.08 -9.14 38.83
CA GLY A 411 -0.06 -8.36 39.49
C GLY A 411 1.13 -8.15 38.58
N ASP A 412 2.26 -7.84 39.20
CA ASP A 412 3.49 -7.61 38.45
C ASP A 412 3.98 -8.91 37.80
N ALA A 413 4.71 -8.76 36.71
CA ALA A 413 5.24 -9.93 36.00
C ALA A 413 6.25 -10.68 36.87
N SER A 414 7.10 -9.96 37.59
CA SER A 414 8.07 -10.60 38.47
C SER A 414 7.38 -11.37 39.58
N GLU A 415 6.35 -10.78 40.19
CA GLU A 415 5.60 -11.46 41.24
C GLU A 415 4.92 -12.71 40.71
N SER A 416 4.34 -12.63 39.51
CA SER A 416 3.71 -13.79 38.90
C SER A 416 4.72 -14.89 38.63
N ALA A 417 5.91 -14.52 38.14
CA ALA A 417 6.96 -15.50 37.88
C ALA A 417 7.37 -16.20 39.16
N LEU A 418 7.58 -15.43 40.24
CA LEU A 418 7.95 -16.03 41.51
C LEU A 418 6.85 -16.94 42.03
N LEU A 419 5.60 -16.51 41.92
CA LEU A 419 4.48 -17.33 42.36
C LEU A 419 4.45 -18.66 41.61
N LYS A 420 4.56 -18.61 40.29
CA LYS A 420 4.52 -19.83 39.49
C LYS A 420 5.68 -20.76 39.85
N CYS A 421 6.88 -20.19 39.97
CA CYS A 421 8.05 -21.02 40.25
C CYS A 421 7.94 -21.72 41.59
N ILE A 422 7.66 -20.96 42.65
CA ILE A 422 7.61 -21.60 43.97
C ILE A 422 6.33 -22.38 44.19
N GLU A 423 5.29 -22.18 43.38
CA GLU A 423 4.11 -23.02 43.52
C GLU A 423 4.29 -24.33 42.77
N LEU A 424 5.09 -24.33 41.70
CA LEU A 424 5.51 -25.59 41.10
C LEU A 424 6.45 -26.34 42.03
N CYS A 425 7.36 -25.62 42.70
CA CYS A 425 8.31 -26.28 43.59
C CYS A 425 7.61 -26.81 44.85
N CYS A 426 7.05 -25.91 45.65
CA CYS A 426 6.23 -26.28 46.79
C CYS A 426 4.82 -26.62 46.32
N GLY A 427 3.86 -26.70 47.24
CA GLY A 427 2.50 -26.95 46.84
C GLY A 427 1.49 -25.99 47.45
N SER A 428 0.59 -25.47 46.61
CA SER A 428 -0.54 -24.66 47.06
C SER A 428 -0.08 -23.43 47.84
N VAL A 429 0.54 -22.51 47.08
CA VAL A 429 0.96 -21.23 47.63
C VAL A 429 -0.16 -20.56 48.42
N LYS A 430 -1.41 -20.80 48.01
CA LYS A 430 -2.55 -20.28 48.76
C LYS A 430 -2.59 -20.82 50.18
N GLU A 431 -2.44 -22.14 50.33
CA GLU A 431 -2.43 -22.70 51.69
C GLU A 431 -1.16 -22.31 52.43
N MET A 432 -0.07 -22.09 51.70
CA MET A 432 1.15 -21.61 52.34
C MET A 432 0.93 -20.24 52.98
N ARG A 433 0.27 -19.33 52.25
CA ARG A 433 0.08 -17.98 52.79
C ARG A 433 -1.02 -17.96 53.84
N GLU A 434 -2.04 -18.81 53.71
CA GLU A 434 -3.10 -18.81 54.72
C GLU A 434 -2.71 -19.54 56.01
N ARG A 435 -1.85 -20.56 55.92
CA ARG A 435 -1.33 -21.21 57.11
C ARG A 435 -0.61 -20.22 58.01
N TYR A 436 0.19 -19.36 57.41
CA TYR A 436 0.79 -18.25 58.11
C TYR A 436 -0.17 -17.06 58.15
N ALA A 437 0.20 -16.02 58.89
CA ALA A 437 -0.67 -14.86 59.11
C ALA A 437 0.01 -13.61 58.56
N LYS A 438 -0.58 -13.03 57.52
CA LYS A 438 -0.07 -11.80 56.90
C LYS A 438 -0.84 -10.63 57.51
N ILE A 439 -0.14 -9.75 58.21
CA ILE A 439 -0.75 -8.65 58.94
C ILE A 439 -0.41 -7.29 58.31
N VAL A 440 0.87 -6.99 58.14
CA VAL A 440 1.32 -5.68 57.67
C VAL A 440 2.28 -5.87 56.50
N GLU A 441 2.18 -4.98 55.52
CA GLU A 441 3.06 -5.02 54.35
C GLU A 441 3.12 -3.62 53.75
N ILE A 442 4.32 -3.07 53.62
CA ILE A 442 4.51 -1.72 53.10
C ILE A 442 4.30 -1.72 51.59
N PRO A 443 3.78 -0.63 51.02
CA PRO A 443 3.58 -0.59 49.57
C PRO A 443 4.90 -0.53 48.81
N PHE A 444 4.87 -1.03 47.58
CA PHE A 444 6.06 -1.04 46.74
C PHE A 444 6.27 0.33 46.10
N ASN A 445 7.54 0.74 46.03
CA ASN A 445 7.91 2.00 45.41
C ASN A 445 9.38 1.93 45.03
N SER A 446 9.77 2.78 44.08
CA SER A 446 11.18 2.88 43.70
C SER A 446 11.90 3.95 44.52
N THR A 447 11.67 3.93 45.83
CA THR A 447 12.37 4.79 46.77
C THR A 447 13.12 4.00 47.83
N ASN A 448 12.46 3.00 48.44
CA ASN A 448 13.06 2.19 49.48
C ASN A 448 13.73 0.93 48.92
N LYS A 449 13.25 0.44 47.78
CA LYS A 449 13.80 -0.76 47.13
C LYS A 449 13.77 -1.98 48.06
N TYR A 450 12.70 -2.08 48.85
CA TYR A 450 12.46 -3.29 49.63
C TYR A 450 10.96 -3.41 49.89
N GLN A 451 10.53 -4.65 50.15
CA GLN A 451 9.13 -4.97 50.41
C GLN A 451 9.04 -5.55 51.82
N LEU A 452 8.93 -4.66 52.81
CA LEU A 452 8.91 -5.07 54.21
C LEU A 452 7.52 -5.57 54.58
N SER A 453 7.46 -6.72 55.23
CA SER A 453 6.19 -7.23 55.75
C SER A 453 6.41 -7.76 57.16
N ILE A 454 5.40 -7.56 58.01
CA ILE A 454 5.41 -8.04 59.38
C ILE A 454 4.57 -9.30 59.42
N HIS A 455 5.05 -10.32 60.14
CA HIS A 455 4.49 -11.65 59.98
C HIS A 455 4.69 -12.46 61.26
N LYS A 456 3.83 -13.46 61.48
CA LYS A 456 3.83 -14.28 62.69
C LYS A 456 4.13 -15.73 62.33
N ASN A 457 5.24 -16.27 62.83
CA ASN A 457 5.61 -17.66 62.60
C ASN A 457 4.88 -18.58 63.55
N PRO A 458 4.08 -19.53 63.07
CA PRO A 458 3.33 -20.42 63.97
C PRO A 458 4.05 -21.70 64.38
N ASN A 459 5.27 -21.96 63.91
CA ASN A 459 5.87 -23.26 64.15
C ASN A 459 6.53 -23.34 65.53
N THR A 460 7.61 -22.58 65.74
CA THR A 460 8.32 -22.63 67.01
C THR A 460 8.43 -21.27 67.69
N SER A 461 8.88 -20.24 66.97
CA SER A 461 9.24 -18.99 67.62
C SER A 461 8.01 -18.22 68.11
N GLU A 462 7.03 -18.05 67.24
CA GLU A 462 5.87 -17.20 67.49
C GLU A 462 6.27 -15.83 68.04
N PRO A 463 7.04 -15.05 67.29
CA PRO A 463 7.46 -13.73 67.77
C PRO A 463 6.46 -12.62 67.49
N GLN A 464 5.36 -12.92 66.80
CA GLN A 464 4.33 -11.95 66.42
C GLN A 464 4.86 -10.86 65.51
N HIS A 465 6.09 -11.02 64.98
CA HIS A 465 6.67 -10.04 64.07
C HIS A 465 7.78 -10.72 63.27
N LEU A 466 7.84 -10.41 61.98
CA LEU A 466 8.82 -10.98 61.07
C LEU A 466 9.29 -9.91 60.11
N LEU A 467 10.45 -10.16 59.50
CA LEU A 467 11.09 -9.17 58.64
C LEU A 467 11.28 -9.69 57.23
N VAL A 468 10.25 -10.33 56.68
CA VAL A 468 10.32 -10.83 55.30
C VAL A 468 10.37 -9.63 54.35
N MET A 469 11.42 -9.56 53.54
CA MET A 469 11.60 -8.44 52.64
C MET A 469 12.46 -8.87 51.45
N LYS A 470 12.18 -8.27 50.30
CA LYS A 470 12.90 -8.55 49.07
C LYS A 470 13.24 -7.25 48.36
N GLY A 471 14.33 -7.26 47.60
CA GLY A 471 14.75 -6.06 46.91
C GLY A 471 15.99 -6.32 46.09
N ALA A 472 16.57 -5.24 45.58
CA ALA A 472 17.76 -5.35 44.76
C ALA A 472 18.92 -5.92 45.58
N PRO A 473 19.67 -6.88 45.04
CA PRO A 473 20.73 -7.51 45.84
C PRO A 473 21.80 -6.56 46.34
N GLU A 474 22.12 -5.52 45.56
CA GLU A 474 23.19 -4.60 45.96
C GLU A 474 22.82 -3.76 47.17
N ARG A 475 21.52 -3.55 47.41
CA ARG A 475 21.07 -2.74 48.53
C ARG A 475 20.59 -3.58 49.72
N ILE A 476 19.91 -4.70 49.45
CA ILE A 476 19.41 -5.53 50.54
C ILE A 476 20.55 -6.09 51.36
N LEU A 477 21.67 -6.42 50.70
CA LEU A 477 22.84 -6.91 51.43
C LEU A 477 23.41 -5.84 52.35
N ASP A 478 23.25 -4.57 51.99
CA ASP A 478 23.75 -3.48 52.81
C ASP A 478 23.06 -3.41 54.17
N ARG A 479 21.90 -4.07 54.31
CA ARG A 479 21.14 -4.04 55.56
C ARG A 479 21.00 -5.39 56.23
N CYS A 480 20.89 -6.48 55.47
CA CYS A 480 20.83 -7.81 56.08
C CYS A 480 22.26 -8.24 56.38
N SER A 481 22.74 -7.85 57.57
CA SER A 481 24.13 -8.09 57.95
C SER A 481 24.42 -9.58 58.08
N SER A 482 23.51 -10.34 58.67
CA SER A 482 23.73 -11.77 58.83
C SER A 482 23.49 -12.50 57.51
N ILE A 483 23.88 -13.77 57.48
CA ILE A 483 23.71 -14.61 56.30
C ILE A 483 23.50 -16.04 56.76
N LEU A 484 22.62 -16.76 56.06
CA LEU A 484 22.23 -18.11 56.43
C LEU A 484 22.91 -19.12 55.51
N LEU A 485 23.64 -20.07 56.10
CA LEU A 485 24.28 -21.14 55.36
C LEU A 485 23.92 -22.47 56.00
N HIS A 486 23.43 -23.40 55.18
CA HIS A 486 23.08 -24.75 55.63
C HIS A 486 22.06 -24.73 56.77
N GLY A 487 21.20 -23.71 56.80
CA GLY A 487 20.19 -23.60 57.82
C GLY A 487 20.63 -22.94 59.11
N LYS A 488 21.91 -22.61 59.23
CA LYS A 488 22.45 -22.00 60.44
C LYS A 488 22.89 -20.58 60.14
N GLU A 489 22.42 -19.63 60.95
CA GLU A 489 22.81 -18.24 60.77
C GLU A 489 24.30 -18.07 61.06
N GLN A 490 24.98 -17.34 60.20
CA GLN A 490 26.42 -17.14 60.32
C GLN A 490 26.75 -15.68 60.03
N PRO A 491 27.85 -15.18 60.58
CA PRO A 491 28.28 -13.82 60.24
C PRO A 491 28.71 -13.72 58.78
N LEU A 492 28.54 -12.53 58.22
CA LEU A 492 28.88 -12.26 56.82
C LEU A 492 30.26 -11.63 56.77
N ASP A 493 31.25 -12.40 56.31
CA ASP A 493 32.61 -11.91 56.17
C ASP A 493 32.83 -11.38 54.75
N GLU A 494 34.04 -10.88 54.50
CA GLU A 494 34.37 -10.39 53.17
C GLU A 494 34.39 -11.52 52.14
N GLU A 495 34.71 -12.75 52.57
CA GLU A 495 34.68 -13.88 51.66
C GLU A 495 33.27 -14.14 51.13
N LEU A 496 32.28 -14.13 52.03
CA LEU A 496 30.91 -14.36 51.61
C LEU A 496 30.39 -13.19 50.78
N LYS A 497 30.79 -11.97 51.11
CA LYS A 497 30.42 -10.82 50.29
C LYS A 497 30.98 -10.94 48.88
N ASP A 498 32.24 -11.37 48.77
CA ASP A 498 32.83 -11.58 47.45
C ASP A 498 32.12 -12.68 46.68
N ALA A 499 31.75 -13.76 47.37
CA ALA A 499 31.01 -14.83 46.73
C ALA A 499 29.65 -14.34 46.24
N PHE A 500 28.97 -13.53 47.05
CA PHE A 500 27.68 -12.97 46.64
C PHE A 500 27.84 -12.05 45.44
N GLN A 501 28.90 -11.23 45.42
CA GLN A 501 29.13 -10.36 44.29
C GLN A 501 29.42 -11.16 43.02
N ASN A 502 30.20 -12.25 43.15
CA ASN A 502 30.46 -13.10 42.00
C ASN A 502 29.18 -13.75 41.49
N ALA A 503 28.32 -14.20 42.41
CA ALA A 503 27.05 -14.78 42.00
C ALA A 503 26.16 -13.75 41.32
N TYR A 504 26.14 -12.52 41.82
CA TYR A 504 25.37 -11.46 41.19
C TYR A 504 25.89 -11.17 39.79
N LEU A 505 27.21 -11.11 39.62
CA LEU A 505 27.78 -10.83 38.32
C LEU A 505 27.54 -11.97 37.34
N GLU A 506 27.55 -13.21 37.84
CA GLU A 506 27.30 -14.36 36.96
C GLU A 506 25.84 -14.43 36.54
N LEU A 507 24.92 -14.23 37.49
CA LEU A 507 23.51 -14.27 37.17
C LEU A 507 23.09 -13.07 36.32
N GLY A 508 23.57 -11.88 36.68
CA GLY A 508 23.26 -10.71 35.89
C GLY A 508 23.88 -10.74 34.50
N GLY A 509 25.05 -11.36 34.36
CA GLY A 509 25.72 -11.43 33.09
C GLY A 509 24.97 -12.21 32.03
N LEU A 510 24.02 -13.05 32.44
CA LEU A 510 23.19 -13.80 31.51
C LEU A 510 21.98 -13.02 31.03
N GLY A 511 21.82 -11.78 31.47
CA GLY A 511 20.65 -11.00 31.11
C GLY A 511 19.43 -11.41 31.90
N GLU A 512 19.57 -11.47 33.21
CA GLU A 512 18.53 -11.96 34.10
C GLU A 512 18.29 -10.98 35.22
N ARG A 513 17.02 -10.76 35.56
CA ARG A 513 16.68 -9.95 36.72
C ARG A 513 16.97 -10.74 38.00
N VAL A 514 17.70 -10.13 38.92
CA VAL A 514 18.14 -10.79 40.15
C VAL A 514 17.51 -10.08 41.33
N LEU A 515 16.95 -10.85 42.25
CA LEU A 515 16.29 -10.31 43.43
C LEU A 515 16.89 -10.91 44.69
N GLY A 516 16.97 -10.10 45.74
CA GLY A 516 17.54 -10.52 47.01
C GLY A 516 16.45 -10.81 48.02
N PHE A 517 16.76 -11.69 48.99
CA PHE A 517 15.82 -12.09 50.02
C PHE A 517 16.56 -12.23 51.34
N CYS A 518 16.26 -11.33 52.29
CA CYS A 518 16.84 -11.38 53.62
C CYS A 518 15.72 -11.29 54.66
N HIS A 519 15.83 -12.09 55.72
CA HIS A 519 14.84 -12.11 56.79
C HIS A 519 15.54 -12.31 58.12
N LEU A 520 14.89 -11.86 59.19
CA LEU A 520 15.40 -12.00 60.54
C LEU A 520 14.25 -12.18 61.52
N PHE A 521 14.43 -13.04 62.51
CA PHE A 521 13.44 -13.25 63.56
C PHE A 521 13.71 -12.24 64.67
N LEU A 522 12.78 -11.32 64.88
CA LEU A 522 12.99 -10.23 65.83
C LEU A 522 12.86 -10.75 67.25
N PRO A 523 13.67 -10.25 68.18
CA PRO A 523 13.53 -10.67 69.59
C PRO A 523 12.22 -10.18 70.18
N ASP A 524 11.72 -10.95 71.17
CA ASP A 524 10.47 -10.61 71.82
C ASP A 524 10.63 -9.56 72.91
N GLU A 525 11.83 -9.42 73.49
CA GLU A 525 12.03 -8.45 74.55
C GLU A 525 11.85 -7.03 74.04
N GLN A 526 12.39 -6.71 72.87
CA GLN A 526 12.28 -5.37 72.33
C GLN A 526 10.84 -5.05 71.92
N PHE A 527 10.16 -6.02 71.31
CA PHE A 527 8.77 -5.86 70.88
C PHE A 527 7.94 -7.02 71.40
N PRO A 528 7.00 -6.77 72.31
CA PRO A 528 6.17 -7.88 72.81
C PRO A 528 5.13 -8.32 71.80
N GLU A 529 4.24 -9.23 72.21
CA GLU A 529 3.20 -9.71 71.31
C GLU A 529 2.29 -8.57 70.85
N GLY A 530 1.90 -7.69 71.77
CA GLY A 530 1.06 -6.57 71.41
C GLY A 530 1.85 -5.34 71.03
N PHE A 531 2.01 -5.12 69.73
CA PHE A 531 2.72 -3.97 69.21
C PHE A 531 1.92 -3.32 68.09
N GLN A 532 2.03 -2.00 67.99
CA GLN A 532 1.35 -1.22 66.96
C GLN A 532 2.42 -0.70 65.99
N PHE A 533 2.62 -1.41 64.89
CA PHE A 533 3.62 -1.02 63.91
C PHE A 533 3.17 0.21 63.14
N ASP A 534 4.04 1.20 63.05
CA ASP A 534 3.75 2.45 62.36
C ASP A 534 4.84 2.75 61.34
N THR A 535 4.42 3.21 60.16
CA THR A 535 5.38 3.56 59.13
C THR A 535 6.26 4.73 59.55
N ASP A 536 5.67 5.75 60.17
CA ASP A 536 6.45 6.90 60.62
C ASP A 536 7.45 6.52 61.69
N ASP A 537 7.03 5.71 62.66
CA ASP A 537 7.93 5.27 63.72
C ASP A 537 8.93 4.26 63.19
N VAL A 538 10.10 4.22 63.84
CA VAL A 538 11.12 3.25 63.45
C VAL A 538 10.63 1.83 63.69
N ASN A 539 10.12 1.57 64.89
CA ASN A 539 9.51 0.29 65.25
C ASN A 539 10.43 -0.89 64.92
N PHE A 540 10.19 -1.52 63.77
CA PHE A 540 10.93 -2.71 63.39
C PHE A 540 12.40 -2.37 63.10
N PRO A 541 13.32 -3.28 63.40
CA PRO A 541 14.73 -3.07 63.05
C PRO A 541 14.98 -3.28 61.57
N ILE A 542 14.76 -2.23 60.77
CA ILE A 542 14.83 -2.34 59.31
C ILE A 542 16.17 -2.85 58.81
N ASP A 543 17.21 -2.83 59.65
CA ASP A 543 18.53 -3.30 59.28
C ASP A 543 18.88 -4.55 60.10
N ASN A 544 20.07 -5.10 59.81
CA ASN A 544 20.63 -6.25 60.53
C ASN A 544 19.71 -7.48 60.40
N LEU A 545 19.47 -7.87 59.16
CA LEU A 545 18.73 -9.08 58.84
C LEU A 545 19.71 -10.20 58.45
N CYS A 546 19.18 -11.32 57.98
CA CYS A 546 19.98 -12.47 57.60
C CYS A 546 19.74 -12.80 56.14
N PHE A 547 20.81 -12.85 55.36
CA PHE A 547 20.70 -13.22 53.95
C PHE A 547 20.28 -14.68 53.81
N VAL A 548 19.43 -14.95 52.83
CA VAL A 548 18.92 -16.29 52.57
C VAL A 548 19.44 -16.83 51.24
N GLY A 549 19.24 -16.08 50.17
CA GLY A 549 19.67 -16.53 48.86
C GLY A 549 19.31 -15.53 47.79
N LEU A 550 19.60 -15.89 46.55
CA LEU A 550 19.35 -15.07 45.38
C LEU A 550 18.49 -15.84 44.39
N ILE A 551 17.53 -15.15 43.79
CA ILE A 551 16.64 -15.74 42.79
C ILE A 551 16.72 -14.89 41.53
N SER A 552 16.90 -15.55 40.38
CA SER A 552 17.03 -14.88 39.10
C SER A 552 15.98 -15.40 38.12
N MET A 553 15.42 -14.49 37.33
CA MET A 553 14.39 -14.80 36.36
C MET A 553 14.77 -14.24 34.99
N ILE A 554 14.49 -15.01 33.95
CA ILE A 554 14.75 -14.55 32.59
C ILE A 554 13.60 -13.69 32.10
N ASP A 555 13.93 -12.69 31.29
CA ASP A 555 12.95 -11.88 30.58
C ASP A 555 13.34 -11.95 29.11
N PRO A 556 12.91 -12.98 28.40
CA PRO A 556 13.49 -13.25 27.08
C PRO A 556 13.15 -12.14 26.10
N PRO A 557 14.02 -11.88 25.13
CA PRO A 557 13.68 -10.94 24.07
C PRO A 557 12.49 -11.46 23.27
N ARG A 558 11.73 -10.51 22.70
CA ARG A 558 10.59 -10.91 21.90
C ARG A 558 11.06 -11.66 20.66
N ALA A 559 10.15 -12.44 20.08
CA ALA A 559 10.53 -13.39 19.03
C ALA A 559 11.13 -12.69 17.82
N ALA A 560 10.55 -11.55 17.42
CA ALA A 560 10.95 -10.87 16.20
C ALA A 560 11.86 -9.67 16.47
N VAL A 561 12.39 -9.54 17.68
CA VAL A 561 13.18 -8.36 18.03
C VAL A 561 14.61 -8.45 17.47
N PRO A 562 15.35 -9.55 17.64
CA PRO A 562 16.71 -9.58 17.06
C PRO A 562 16.72 -9.40 15.54
N ASP A 563 15.74 -9.94 14.84
CA ASP A 563 15.66 -9.73 13.39
C ASP A 563 15.41 -8.26 13.06
N ALA A 564 14.55 -7.61 13.83
CA ALA A 564 14.30 -6.18 13.61
C ALA A 564 15.55 -5.36 13.90
N VAL A 565 16.32 -5.75 14.91
CA VAL A 565 17.57 -5.06 15.21
C VAL A 565 18.55 -5.23 14.06
N GLY A 566 18.63 -6.43 13.49
CA GLY A 566 19.47 -6.65 12.32
C GLY A 566 19.02 -5.81 11.13
N LYS A 567 17.70 -5.69 10.94
CA LYS A 567 17.17 -4.85 9.87
C LYS A 567 17.56 -3.39 10.08
N CYS A 568 17.47 -2.90 11.32
CA CYS A 568 17.89 -1.54 11.62
C CYS A 568 19.38 -1.36 11.36
N ARG A 569 20.18 -2.36 11.72
CA ARG A 569 21.62 -2.27 11.47
C ARG A 569 21.91 -2.17 9.98
N SER A 570 21.21 -2.98 9.17
CA SER A 570 21.44 -2.95 7.74
C SER A 570 20.93 -1.65 7.12
N ALA A 571 19.86 -1.08 7.66
CA ALA A 571 19.22 0.10 7.09
C ALA A 571 19.83 1.41 7.58
N GLY A 572 20.92 1.35 8.33
CA GLY A 572 21.56 2.57 8.82
C GLY A 572 20.74 3.36 9.82
N ILE A 573 20.03 2.67 10.71
CA ILE A 573 19.24 3.32 11.76
C ILE A 573 19.86 2.95 13.10
N LYS A 574 20.16 3.96 13.91
CA LYS A 574 20.79 3.75 15.20
C LYS A 574 19.72 3.46 16.25
N VAL A 575 19.84 2.32 16.92
CA VAL A 575 18.92 1.92 17.98
C VAL A 575 19.56 2.19 19.32
N ILE A 576 18.84 2.90 20.19
CA ILE A 576 19.32 3.26 21.52
C ILE A 576 18.37 2.65 22.53
N MET A 577 18.93 1.94 23.51
CA MET A 577 18.15 1.30 24.56
C MET A 577 18.17 2.18 25.80
N VAL A 578 17.00 2.59 26.27
CA VAL A 578 16.86 3.40 27.47
C VAL A 578 16.12 2.54 28.48
N THR A 579 16.86 1.97 29.43
CA THR A 579 16.30 1.04 30.40
C THR A 579 16.68 1.47 31.81
N GLY A 580 15.75 1.29 32.75
CA GLY A 580 16.03 1.54 34.14
C GLY A 580 16.49 0.28 34.86
N ASP A 581 17.47 -0.41 34.28
CA ASP A 581 17.98 -1.66 34.81
C ASP A 581 19.45 -1.51 35.16
N HIS A 582 19.99 -2.54 35.81
CA HIS A 582 21.39 -2.52 36.18
C HIS A 582 22.26 -2.49 34.92
N PRO A 583 23.37 -1.76 34.93
CA PRO A 583 24.19 -1.68 33.71
C PRO A 583 24.69 -3.02 33.21
N ILE A 584 24.99 -3.97 34.11
CA ILE A 584 25.44 -5.28 33.66
C ILE A 584 24.30 -6.03 32.98
N THR A 585 23.11 -6.02 33.59
CA THR A 585 21.96 -6.67 32.97
C THR A 585 21.58 -5.99 31.67
N ALA A 586 21.62 -4.66 31.63
CA ALA A 586 21.31 -3.94 30.40
C ALA A 586 22.30 -4.29 29.29
N LYS A 587 23.60 -4.35 29.63
CA LYS A 587 24.60 -4.73 28.63
C LYS A 587 24.36 -6.15 28.14
N ALA A 588 24.05 -7.08 29.05
CA ALA A 588 23.83 -8.46 28.65
C ALA A 588 22.63 -8.59 27.73
N ILE A 589 21.52 -7.94 28.08
CA ILE A 589 20.33 -8.03 27.24
C ILE A 589 20.55 -7.33 25.90
N ALA A 590 21.30 -6.22 25.89
CA ALA A 590 21.59 -5.54 24.64
C ALA A 590 22.44 -6.40 23.72
N LYS A 591 23.44 -7.11 24.29
CA LYS A 591 24.21 -8.04 23.49
C LYS A 591 23.33 -9.18 22.99
N GLY A 592 22.38 -9.63 23.80
CA GLY A 592 21.51 -10.72 23.40
C GLY A 592 20.52 -10.36 22.31
N VAL A 593 20.11 -9.10 22.23
CA VAL A 593 19.20 -8.68 21.16
C VAL A 593 19.94 -8.17 19.93
N GLY A 594 21.11 -7.55 20.10
CA GLY A 594 21.87 -7.08 18.96
C GLY A 594 22.16 -5.59 18.96
N ILE A 595 21.79 -4.90 20.04
CA ILE A 595 22.07 -3.47 20.15
C ILE A 595 23.52 -3.20 20.56
N ILE A 596 24.31 -4.25 20.78
CA ILE A 596 25.75 -4.09 20.95
C ILE A 596 26.56 -4.91 19.97
N SER A 597 26.02 -6.00 19.43
CA SER A 597 26.62 -6.76 18.33
C SER A 597 27.94 -7.41 18.74
N GLU A 598 28.62 -8.02 17.77
CA GLU A 598 29.85 -8.76 18.02
C GLU A 598 31.05 -7.94 17.56
N GLY A 599 32.16 -8.10 18.29
CA GLY A 599 33.38 -7.36 18.03
C GLY A 599 33.41 -6.01 18.70
N ASN A 600 32.30 -5.26 18.63
CA ASN A 600 32.22 -3.99 19.31
C ASN A 600 32.28 -4.19 20.82
N GLU A 601 33.07 -3.38 21.50
CA GLU A 601 33.31 -3.55 22.92
C GLU A 601 33.11 -2.22 23.64
N THR A 602 32.75 -2.32 24.92
CA THR A 602 32.72 -1.16 25.79
C THR A 602 34.13 -0.83 26.26
N VAL A 603 34.29 0.35 26.86
CA VAL A 603 35.59 0.72 27.42
C VAL A 603 35.96 -0.25 28.53
N GLU A 604 34.99 -0.65 29.36
CA GLU A 604 35.24 -1.65 30.39
C GLU A 604 35.65 -2.98 29.78
N ASP A 605 34.99 -3.37 28.68
CA ASP A 605 35.33 -4.62 28.02
C ASP A 605 36.76 -4.59 27.47
N ILE A 606 37.15 -3.48 26.86
CA ILE A 606 38.51 -3.35 26.34
C ILE A 606 39.52 -3.37 27.48
N ALA A 607 39.19 -2.70 28.59
CA ALA A 607 40.08 -2.73 29.75
C ALA A 607 40.26 -4.14 30.28
N ALA A 608 39.17 -4.91 30.36
CA ALA A 608 39.27 -6.29 30.82
C ALA A 608 40.07 -7.15 29.85
N ARG A 609 39.85 -6.97 28.54
CA ARG A 609 40.53 -7.80 27.56
C ARG A 609 42.03 -7.51 27.53
N LEU A 610 42.41 -6.24 27.58
CA LEU A 610 43.81 -5.84 27.51
C LEU A 610 44.47 -5.77 28.88
N ASN A 611 43.79 -6.25 29.93
CA ASN A 611 44.28 -6.28 31.31
C ASN A 611 44.68 -4.90 31.83
N ILE A 612 44.37 -3.83 31.13
CA ILE A 612 44.74 -2.49 31.57
C ILE A 612 43.60 -1.90 32.40
N PRO A 613 43.88 -0.99 33.32
CA PRO A 613 42.81 -0.28 34.02
C PRO A 613 42.00 0.58 33.06
N VAL A 614 40.74 0.83 33.44
CA VAL A 614 39.78 1.45 32.55
C VAL A 614 40.25 2.82 32.09
N SER A 615 40.93 3.55 32.97
CA SER A 615 41.23 4.95 32.69
C SER A 615 42.09 5.11 31.45
N GLN A 616 43.12 4.29 31.30
CA GLN A 616 44.02 4.51 30.19
C GLN A 616 43.47 4.02 28.87
N VAL A 617 42.31 3.37 28.87
CA VAL A 617 41.69 2.94 27.63
C VAL A 617 41.23 4.16 26.85
N ASN A 618 41.61 4.22 25.58
CA ASN A 618 41.22 5.33 24.73
C ASN A 618 39.74 5.22 24.42
N PRO A 619 38.93 6.23 24.74
CA PRO A 619 37.48 6.12 24.49
C PRO A 619 37.13 5.92 23.03
N ARG A 620 37.98 6.36 22.10
CA ARG A 620 37.69 6.21 20.69
C ARG A 620 37.84 4.77 20.20
N ASP A 621 38.46 3.90 20.98
CA ASP A 621 38.63 2.51 20.57
C ASP A 621 37.40 1.65 20.86
N ALA A 622 36.43 2.17 21.59
CA ALA A 622 35.22 1.44 21.94
C ALA A 622 34.04 2.04 21.19
N LYS A 623 33.37 1.23 20.37
CA LYS A 623 32.22 1.68 19.61
C LYS A 623 30.90 1.40 20.30
N ALA A 624 30.92 0.75 21.46
CA ALA A 624 29.72 0.45 22.23
C ALA A 624 29.87 1.06 23.62
N CYS A 625 28.80 1.67 24.12
CA CYS A 625 28.85 2.36 25.40
C CYS A 625 27.63 2.01 26.23
N VAL A 626 27.78 2.11 27.55
CA VAL A 626 26.70 1.89 28.50
C VAL A 626 26.73 3.06 29.47
N VAL A 627 25.85 4.03 29.28
CA VAL A 627 25.82 5.24 30.10
C VAL A 627 24.89 4.99 31.28
N HIS A 628 25.40 5.22 32.49
CA HIS A 628 24.58 5.12 33.69
C HIS A 628 23.67 6.33 33.81
N GLY A 629 22.47 6.09 34.36
CA GLY A 629 21.49 7.17 34.48
C GLY A 629 21.95 8.27 35.41
N SER A 630 22.57 7.92 36.53
CA SER A 630 23.06 8.93 37.46
C SER A 630 24.16 9.77 36.82
N ASP A 631 25.01 9.15 36.02
CA ASP A 631 26.04 9.91 35.30
C ASP A 631 25.40 10.89 34.33
N LEU A 632 24.37 10.45 33.60
CA LEU A 632 23.76 11.31 32.59
C LEU A 632 23.21 12.60 33.20
N LYS A 633 22.85 12.57 34.49
CA LYS A 633 22.41 13.77 35.18
C LYS A 633 23.50 14.81 35.31
N ASP A 634 24.77 14.45 35.05
CA ASP A 634 25.89 15.36 35.20
C ASP A 634 26.59 15.74 33.89
N MET A 635 26.42 14.99 32.81
CA MET A 635 26.94 15.45 31.54
C MET A 635 26.26 16.75 31.12
N THR A 636 27.06 17.67 30.60
CA THR A 636 26.52 18.86 29.95
C THR A 636 26.06 18.49 28.53
N SER A 637 25.67 19.50 27.77
CA SER A 637 25.23 19.26 26.40
C SER A 637 26.35 18.69 25.54
N GLU A 638 27.56 19.25 25.67
CA GLU A 638 28.66 18.84 24.83
C GLU A 638 29.09 17.40 25.11
N GLN A 639 29.12 17.00 26.38
CA GLN A 639 29.53 15.63 26.72
C GLN A 639 28.52 14.62 26.20
N LEU A 640 27.22 14.89 26.37
CA LEU A 640 26.21 13.99 25.84
C LEU A 640 26.25 13.95 24.32
N ASP A 641 26.52 15.09 23.68
CA ASP A 641 26.66 15.10 22.23
C ASP A 641 27.82 14.24 21.78
N ASP A 642 28.96 14.32 22.48
CA ASP A 642 30.10 13.47 22.15
C ASP A 642 29.75 12.00 22.35
N ILE A 643 29.04 11.68 23.44
CA ILE A 643 28.65 10.30 23.70
C ILE A 643 27.78 9.77 22.57
N LEU A 644 26.80 10.56 22.15
CA LEU A 644 25.87 10.13 21.10
C LEU A 644 26.49 10.18 19.71
N LYS A 645 27.59 10.90 19.52
CA LYS A 645 28.21 11.03 18.20
C LYS A 645 29.29 9.97 17.97
N TYR A 646 30.20 9.81 18.93
CA TYR A 646 31.33 8.90 18.71
C TYR A 646 30.94 7.44 18.84
N HIS A 647 29.94 7.12 19.66
CA HIS A 647 29.53 5.74 19.90
C HIS A 647 28.33 5.41 19.02
N THR A 648 28.40 4.25 18.35
CA THR A 648 27.34 3.83 17.45
C THR A 648 26.32 2.92 18.10
N GLU A 649 26.67 2.28 19.22
CA GLU A 649 25.78 1.37 19.93
C GLU A 649 25.71 1.82 21.38
N ILE A 650 24.64 2.50 21.75
CA ILE A 650 24.52 3.18 23.04
C ILE A 650 23.42 2.51 23.84
N VAL A 651 23.69 2.28 25.12
CA VAL A 651 22.70 1.76 26.07
C VAL A 651 22.66 2.70 27.26
N PHE A 652 21.46 3.15 27.62
CA PHE A 652 21.26 4.06 28.75
C PHE A 652 20.68 3.25 29.89
N ALA A 653 21.55 2.85 30.83
CA ALA A 653 21.14 2.03 31.96
C ALA A 653 20.82 2.91 33.17
N ARG A 654 19.88 2.45 33.98
CA ARG A 654 19.43 3.16 35.18
C ARG A 654 18.95 4.57 34.85
N THR A 655 18.37 4.75 33.66
CA THR A 655 17.94 6.06 33.20
C THR A 655 16.45 6.24 33.52
N SER A 656 16.14 7.28 34.30
CA SER A 656 14.76 7.58 34.60
C SER A 656 14.03 8.06 33.35
N PRO A 657 12.70 7.89 33.29
CA PRO A 657 11.97 8.35 32.11
C PRO A 657 12.05 9.85 31.87
N GLN A 658 12.41 10.65 32.88
CA GLN A 658 12.52 12.08 32.67
C GLN A 658 13.72 12.44 31.79
N GLN A 659 14.79 11.65 31.85
CA GLN A 659 15.97 11.91 31.04
C GLN A 659 15.81 11.45 29.60
N LYS A 660 14.72 10.76 29.28
CA LYS A 660 14.44 10.44 27.89
C LYS A 660 14.36 11.69 27.04
N LEU A 661 13.84 12.79 27.60
CA LEU A 661 13.78 14.04 26.86
C LEU A 661 15.17 14.57 26.55
N ILE A 662 16.09 14.47 27.52
CA ILE A 662 17.46 14.90 27.28
C ILE A 662 18.11 14.05 26.19
N ILE A 663 17.86 12.74 26.23
CA ILE A 663 18.41 11.85 25.20
C ILE A 663 17.85 12.23 23.83
N VAL A 664 16.55 12.51 23.76
CA VAL A 664 15.93 12.90 22.49
C VAL A 664 16.54 14.19 21.96
N GLU A 665 16.73 15.17 22.85
CA GLU A 665 17.32 16.43 22.41
C GLU A 665 18.74 16.23 21.90
N GLY A 666 19.51 15.39 22.60
CA GLY A 666 20.87 15.12 22.15
C GLY A 666 20.90 14.43 20.79
N CYS A 667 19.98 13.48 20.57
CA CYS A 667 19.95 12.78 19.30
C CYS A 667 19.42 13.66 18.17
N GLN A 668 18.57 14.63 18.51
CA GLN A 668 18.01 15.53 17.50
C GLN A 668 18.93 16.69 17.18
N ARG A 669 19.87 17.02 18.07
CA ARG A 669 20.83 18.08 17.77
C ARG A 669 21.78 17.71 16.64
N GLN A 670 21.81 16.45 16.22
CA GLN A 670 22.63 16.01 15.10
C GLN A 670 21.83 15.89 13.81
N GLY A 671 20.61 16.38 13.78
CA GLY A 671 19.78 16.34 12.59
C GLY A 671 19.05 15.04 12.36
N ALA A 672 19.16 14.07 13.25
CA ALA A 672 18.49 12.79 13.07
C ALA A 672 16.99 12.94 13.32
N ILE A 673 16.23 12.02 12.73
CA ILE A 673 14.79 11.93 12.95
C ILE A 673 14.56 10.84 13.99
N VAL A 674 14.21 11.25 15.20
CA VAL A 674 14.20 10.36 16.36
C VAL A 674 12.79 9.84 16.59
N ALA A 675 12.70 8.54 16.88
CA ALA A 675 11.46 7.89 17.29
C ALA A 675 11.65 7.34 18.69
N VAL A 676 10.64 7.50 19.55
CA VAL A 676 10.77 7.10 20.94
C VAL A 676 9.66 6.14 21.33
N THR A 677 9.63 5.76 22.60
CA THR A 677 8.64 4.85 23.15
C THR A 677 7.97 5.52 24.35
N GLY A 678 6.64 5.39 24.42
CA GLY A 678 5.88 6.04 25.46
C GLY A 678 5.65 5.17 26.68
N ASP A 679 4.38 4.81 26.95
CA ASP A 679 3.99 4.03 28.12
C ASP A 679 4.36 4.74 29.42
N GLY A 680 3.72 5.88 29.62
CA GLY A 680 3.87 6.59 30.87
C GLY A 680 3.42 8.03 30.75
N VAL A 681 3.31 8.67 31.91
CA VAL A 681 2.99 10.09 31.96
C VAL A 681 4.25 10.95 32.03
N ASN A 682 5.38 10.38 32.46
CA ASN A 682 6.65 11.10 32.43
C ASN A 682 7.27 11.12 31.04
N ASP A 683 6.85 10.21 30.16
CA ASP A 683 7.36 10.18 28.79
C ASP A 683 6.65 11.13 27.85
N SER A 684 5.61 11.82 28.33
CA SER A 684 4.87 12.73 27.46
C SER A 684 5.72 13.84 26.86
N PRO A 685 6.58 14.54 27.62
CA PRO A 685 7.43 15.55 26.97
C PRO A 685 8.34 14.98 25.89
N ALA A 686 8.87 13.77 26.09
CA ALA A 686 9.71 13.15 25.08
C ALA A 686 8.91 12.79 23.84
N LEU A 687 7.69 12.26 24.02
CA LEU A 687 6.85 11.92 22.88
C LEU A 687 6.49 13.16 22.08
N LYS A 688 6.32 14.30 22.73
CA LYS A 688 6.02 15.53 22.03
C LYS A 688 7.25 16.10 21.34
N LYS A 689 8.42 15.99 21.98
CA LYS A 689 9.63 16.56 21.40
C LYS A 689 10.13 15.76 20.22
N ALA A 690 10.00 14.44 20.25
CA ALA A 690 10.53 13.62 19.17
C ALA A 690 9.74 13.83 17.89
N ASP A 691 10.40 13.55 16.76
CA ASP A 691 9.76 13.74 15.46
C ASP A 691 8.57 12.81 15.29
N ILE A 692 8.73 11.54 15.67
CA ILE A 692 7.67 10.54 15.60
C ILE A 692 7.67 9.82 16.94
N GLY A 693 6.81 10.26 17.87
CA GLY A 693 6.73 9.65 19.18
C GLY A 693 5.73 8.51 19.16
N VAL A 694 6.14 7.37 19.70
CA VAL A 694 5.36 6.14 19.64
C VAL A 694 4.87 5.78 21.03
N ALA A 695 3.58 5.52 21.16
CA ALA A 695 2.98 5.06 22.39
C ALA A 695 2.85 3.54 22.36
N MET A 696 2.27 2.98 23.43
CA MET A 696 2.08 1.55 23.56
C MET A 696 0.59 1.25 23.62
N GLY A 697 0.14 0.33 22.77
CA GLY A 697 -1.29 0.08 22.66
C GLY A 697 -1.89 -0.57 23.89
N ILE A 698 -1.18 -1.53 24.48
CA ILE A 698 -1.73 -2.31 25.58
C ILE A 698 -1.22 -1.78 26.91
N ALA A 699 0.09 -1.74 27.08
CA ALA A 699 0.68 -1.29 28.34
C ALA A 699 0.64 0.22 28.53
N GLY A 700 0.48 0.98 27.45
CA GLY A 700 0.54 2.42 27.55
C GLY A 700 -0.70 3.01 28.17
N SER A 701 -0.54 4.24 28.67
CA SER A 701 -1.62 4.98 29.32
C SER A 701 -2.27 5.93 28.32
N ASP A 702 -3.38 6.53 28.77
CA ASP A 702 -4.14 7.41 27.88
C ASP A 702 -3.36 8.66 27.52
N VAL A 703 -2.57 9.20 28.46
CA VAL A 703 -1.80 10.41 28.17
C VAL A 703 -0.72 10.13 27.14
N SER A 704 -0.03 8.98 27.26
CA SER A 704 1.00 8.63 26.29
C SER A 704 0.40 8.45 24.90
N LYS A 705 -0.75 7.78 24.80
CA LYS A 705 -1.43 7.66 23.53
C LYS A 705 -1.90 9.01 23.01
N GLN A 706 -2.18 9.95 23.92
CA GLN A 706 -2.64 11.27 23.51
C GLN A 706 -1.50 12.09 22.93
N ALA A 707 -0.30 11.97 23.49
CA ALA A 707 0.83 12.79 23.08
C ALA A 707 1.68 12.16 21.99
N ALA A 708 1.33 10.96 21.52
CA ALA A 708 2.13 10.24 20.55
C ALA A 708 1.54 10.37 19.15
N ASP A 709 2.41 10.24 18.15
CA ASP A 709 2.01 10.26 16.75
C ASP A 709 1.82 8.87 16.16
N MET A 710 1.98 7.82 16.98
CA MET A 710 1.95 6.45 16.48
C MET A 710 1.77 5.52 17.66
N ILE A 711 1.03 4.43 17.46
CA ILE A 711 0.68 3.51 18.53
C ILE A 711 1.01 2.09 18.10
N LEU A 712 1.67 1.34 18.97
CA LEU A 712 1.96 -0.06 18.73
C LEU A 712 0.84 -0.91 19.32
N LEU A 713 0.05 -1.53 18.44
CA LEU A 713 -1.08 -2.33 18.90
C LEU A 713 -0.64 -3.64 19.56
N ASP A 714 0.63 -4.03 19.43
CA ASP A 714 1.12 -5.25 20.05
C ASP A 714 2.34 -5.01 20.93
N ASP A 715 2.75 -3.76 21.13
CA ASP A 715 3.85 -3.34 21.99
C ASP A 715 5.21 -3.77 21.47
N ASN A 716 5.28 -4.49 20.36
CA ASN A 716 6.53 -5.04 19.87
C ASN A 716 7.41 -3.96 19.27
N PHE A 717 8.71 -4.05 19.55
CA PHE A 717 9.67 -3.17 18.89
C PHE A 717 9.78 -3.47 17.39
N ALA A 718 9.65 -4.75 17.02
CA ALA A 718 9.73 -5.12 15.62
C ALA A 718 8.66 -4.44 14.79
N SER A 719 7.52 -4.10 15.41
CA SER A 719 6.48 -3.37 14.70
C SER A 719 6.95 -1.97 14.31
N ILE A 720 7.78 -1.34 15.14
CA ILE A 720 8.35 -0.04 14.77
C ILE A 720 9.20 -0.18 13.51
N VAL A 721 10.03 -1.22 13.45
CA VAL A 721 10.88 -1.46 12.28
C VAL A 721 10.03 -1.73 11.05
N THR A 722 8.98 -2.54 11.21
CA THR A 722 8.11 -2.83 10.07
C THR A 722 7.40 -1.58 9.59
N GLY A 723 6.96 -0.72 10.51
CA GLY A 723 6.35 0.54 10.12
C GLY A 723 7.32 1.47 9.42
N VAL A 724 8.58 1.50 9.89
CA VAL A 724 9.60 2.30 9.21
C VAL A 724 9.79 1.81 7.79
N GLU A 725 9.89 0.49 7.62
CA GLU A 725 10.05 -0.07 6.28
C GLU A 725 8.84 0.25 5.40
N GLU A 726 7.63 0.15 5.95
CA GLU A 726 6.43 0.45 5.17
C GLU A 726 6.40 1.91 4.76
N GLY A 727 6.77 2.82 5.67
CA GLY A 727 6.82 4.23 5.33
C GLY A 727 7.94 4.59 4.38
N ARG A 728 8.96 3.74 4.29
CA ARG A 728 10.03 3.96 3.33
C ARG A 728 9.56 3.78 1.89
N LEU A 729 8.46 3.07 1.67
CA LEU A 729 8.00 2.76 0.31
C LEU A 729 7.35 3.95 -0.38
N ILE A 730 6.78 4.88 0.39
CA ILE A 730 6.02 5.96 -0.21
C ILE A 730 6.93 6.88 -1.02
N PHE A 731 8.18 7.05 -0.59
CA PHE A 731 9.08 7.99 -1.27
C PHE A 731 9.46 7.52 -2.66
N ASP A 732 9.24 6.24 -2.99
CA ASP A 732 9.43 5.76 -4.35
C ASP A 732 8.14 5.36 -5.04
N ASN A 733 7.04 5.19 -4.29
CA ASN A 733 5.74 5.00 -4.92
C ASN A 733 5.18 6.31 -5.44
N LEU A 734 5.43 7.41 -4.73
CA LEU A 734 4.89 8.71 -5.13
C LEU A 734 5.50 9.18 -6.44
N LYS A 735 6.81 9.00 -6.62
CA LYS A 735 7.43 9.40 -7.88
C LYS A 735 6.97 8.50 -9.03
N LYS A 736 6.72 7.22 -8.76
CA LYS A 736 6.14 6.35 -9.78
C LYS A 736 4.76 6.85 -10.20
N SER A 737 3.94 7.25 -9.23
CA SER A 737 2.62 7.79 -9.55
C SER A 737 2.74 9.09 -10.34
N ILE A 738 3.70 9.94 -9.98
CA ILE A 738 3.91 11.20 -10.70
C ILE A 738 4.31 10.92 -12.15
N ALA A 739 5.22 9.96 -12.34
CA ALA A 739 5.62 9.61 -13.70
C ALA A 739 4.43 9.06 -14.49
N TYR A 740 3.60 8.24 -13.85
CA TYR A 740 2.46 7.66 -14.54
C TYR A 740 1.42 8.71 -14.91
N THR A 741 1.22 9.71 -14.07
CA THR A 741 0.28 10.78 -14.44
C THR A 741 0.91 11.81 -15.37
N LEU A 742 2.22 11.81 -15.52
CA LEU A 742 2.87 12.73 -16.45
C LEU A 742 3.05 12.15 -17.84
N THR A 743 3.16 10.82 -17.97
CA THR A 743 3.47 10.20 -19.25
C THR A 743 2.38 10.35 -20.29
N SER A 744 1.17 10.76 -19.90
CA SER A 744 0.06 10.86 -20.84
C SER A 744 -0.05 12.22 -21.51
N ASN A 745 0.89 13.13 -21.26
CA ASN A 745 0.81 14.48 -21.82
C ASN A 745 1.41 14.58 -23.21
N ILE A 746 2.38 13.72 -23.54
CA ILE A 746 3.07 13.80 -24.83
C ILE A 746 2.21 13.21 -25.96
N PRO A 747 1.56 12.04 -25.77
CA PRO A 747 0.65 11.56 -26.83
C PRO A 747 -0.53 12.49 -27.09
N GLU A 748 -0.69 13.52 -26.26
CA GLU A 748 -1.77 14.48 -26.44
C GLU A 748 -1.35 15.73 -27.20
N ILE A 749 -0.09 16.13 -27.10
CA ILE A 749 0.38 17.34 -27.78
C ILE A 749 1.23 17.03 -29.01
N THR A 750 1.85 15.86 -29.08
CA THR A 750 2.62 15.51 -30.28
C THR A 750 1.77 15.43 -31.54
N PRO A 751 0.55 14.87 -31.53
CA PRO A 751 -0.27 14.92 -32.75
C PRO A 751 -0.37 16.29 -33.38
N PHE A 752 -0.70 17.33 -32.61
CA PHE A 752 -0.83 18.67 -33.18
C PHE A 752 0.50 19.20 -33.71
N LEU A 753 1.58 18.95 -32.97
CA LEU A 753 2.89 19.41 -33.40
C LEU A 753 3.30 18.78 -34.73
N ILE A 754 3.12 17.46 -34.85
CA ILE A 754 3.46 16.77 -36.09
C ILE A 754 2.53 17.22 -37.21
N PHE A 755 1.25 17.42 -36.89
CA PHE A 755 0.31 17.95 -37.86
C PHE A 755 0.82 19.26 -38.47
N ILE A 756 1.18 20.21 -37.61
CA ILE A 756 1.69 21.50 -38.08
C ILE A 756 2.98 21.31 -38.87
N ILE A 757 3.91 20.52 -38.35
CA ILE A 757 5.26 20.49 -38.90
C ILE A 757 5.28 19.73 -40.22
N ALA A 758 4.84 18.48 -40.21
CA ALA A 758 4.91 17.63 -41.38
C ALA A 758 3.73 17.80 -42.32
N ASN A 759 2.71 18.59 -41.95
CA ASN A 759 1.56 18.84 -42.82
C ASN A 759 0.87 17.52 -43.20
N ILE A 760 0.39 16.83 -42.17
CA ILE A 760 -0.33 15.57 -42.34
C ILE A 760 -1.70 15.74 -41.70
N PRO A 761 -2.68 14.94 -42.09
CA PRO A 761 -4.00 15.04 -41.46
C PRO A 761 -3.92 14.84 -39.96
N LEU A 762 -4.76 15.57 -39.23
CA LEU A 762 -4.68 15.62 -37.78
C LEU A 762 -4.87 14.22 -37.18
N PRO A 763 -3.93 13.72 -36.38
CA PRO A 763 -4.09 12.40 -35.78
C PRO A 763 -4.96 12.37 -34.53
N LEU A 764 -5.28 13.53 -33.94
CA LEU A 764 -5.98 13.55 -32.66
C LEU A 764 -6.74 14.86 -32.52
N GLY A 765 -8.05 14.77 -32.28
CA GLY A 765 -8.89 15.93 -32.08
C GLY A 765 -9.06 16.29 -30.61
N THR A 766 -9.72 17.42 -30.38
CA THR A 766 -9.84 17.97 -29.03
C THR A 766 -10.67 17.06 -28.13
N VAL A 767 -11.86 16.68 -28.60
CA VAL A 767 -12.70 15.76 -27.82
C VAL A 767 -11.97 14.45 -27.62
N THR A 768 -11.24 13.99 -28.65
CA THR A 768 -10.46 12.78 -28.52
C THR A 768 -9.33 12.95 -27.52
N ILE A 769 -8.71 14.14 -27.48
CA ILE A 769 -7.69 14.41 -26.47
C ILE A 769 -8.29 14.31 -25.07
N LEU A 770 -9.47 14.90 -24.87
CA LEU A 770 -10.13 14.82 -23.57
C LEU A 770 -10.49 13.39 -23.22
N CYS A 771 -10.81 12.57 -24.22
CA CYS A 771 -11.10 11.16 -23.97
C CYS A 771 -9.83 10.41 -23.56
N ILE A 772 -8.69 10.77 -24.13
CA ILE A 772 -7.42 10.15 -23.73
C ILE A 772 -7.11 10.48 -22.28
N ASP A 773 -7.25 11.75 -21.91
CA ASP A 773 -6.98 12.17 -20.52
C ASP A 773 -7.94 11.50 -19.56
N LEU A 774 -9.22 11.43 -19.92
CA LEU A 774 -10.22 10.84 -19.03
C LEU A 774 -9.96 9.36 -18.80
N GLY A 775 -9.58 8.63 -19.84
CA GLY A 775 -9.37 7.21 -19.72
C GLY A 775 -8.07 6.79 -19.09
N THR A 776 -7.14 7.72 -18.86
CA THR A 776 -5.85 7.40 -18.28
C THR A 776 -5.56 8.27 -17.06
N ASP A 777 -6.59 8.57 -16.26
CA ASP A 777 -6.41 9.34 -15.03
C ASP A 777 -6.57 8.48 -13.78
N MET A 778 -6.95 7.22 -13.92
CA MET A 778 -7.02 6.29 -12.80
C MET A 778 -5.83 5.34 -12.76
N VAL A 779 -4.90 5.47 -13.71
CA VAL A 779 -3.74 4.58 -13.73
C VAL A 779 -2.89 4.70 -12.48
N PRO A 780 -2.51 5.90 -12.00
CA PRO A 780 -1.72 5.97 -10.77
C PRO A 780 -2.43 5.39 -9.56
N ALA A 781 -3.72 5.67 -9.40
CA ALA A 781 -4.46 5.15 -8.25
C ALA A 781 -4.56 3.63 -8.29
N ILE A 782 -4.83 3.07 -9.48
CA ILE A 782 -4.94 1.62 -9.58
C ILE A 782 -3.58 0.97 -9.35
N SER A 783 -2.51 1.60 -9.84
CA SER A 783 -1.17 1.07 -9.59
C SER A 783 -0.85 1.08 -8.10
N LEU A 784 -1.22 2.15 -7.40
CA LEU A 784 -1.02 2.20 -5.95
C LEU A 784 -1.82 1.09 -5.27
N ALA A 785 -3.05 0.86 -5.72
CA ALA A 785 -3.88 -0.19 -5.12
C ALA A 785 -3.24 -1.56 -5.30
N TYR A 786 -2.75 -1.84 -6.51
CA TYR A 786 -2.10 -3.12 -6.80
C TYR A 786 -0.59 -2.91 -6.90
N GLU A 787 0.06 -2.94 -5.74
CA GLU A 787 1.51 -2.73 -5.67
C GLU A 787 2.13 -3.78 -4.76
N GLN A 788 3.35 -4.17 -5.10
CA GLN A 788 4.12 -5.13 -4.31
C GLN A 788 5.36 -4.45 -3.74
N ALA A 789 5.72 -4.83 -2.52
CA ALA A 789 6.84 -4.19 -1.85
C ALA A 789 8.15 -4.52 -2.56
N GLU A 790 9.00 -3.50 -2.69
CA GLU A 790 10.30 -3.67 -3.32
C GLU A 790 11.27 -4.36 -2.36
N SER A 791 12.12 -5.21 -2.92
CA SER A 791 13.18 -5.82 -2.14
C SER A 791 14.27 -4.81 -1.83
N ASP A 792 15.19 -5.20 -0.94
CA ASP A 792 16.33 -4.39 -0.51
C ASP A 792 15.92 -2.97 -0.09
N ILE A 793 14.65 -2.80 0.32
CA ILE A 793 14.19 -1.49 0.76
C ILE A 793 14.88 -1.09 2.06
N MET A 794 15.13 -2.07 2.94
CA MET A 794 15.78 -1.82 4.21
C MET A 794 17.28 -2.08 4.15
N LYS A 795 17.90 -1.86 2.99
CA LYS A 795 19.35 -1.96 2.84
C LYS A 795 19.97 -0.66 2.37
N ARG A 796 19.21 0.44 2.38
CA ARG A 796 19.70 1.74 1.96
C ARG A 796 19.68 2.69 3.15
N GLN A 797 20.62 3.65 3.13
CA GLN A 797 20.71 4.62 4.20
C GLN A 797 19.43 5.47 4.25
N PRO A 798 19.00 5.90 5.44
CA PRO A 798 17.76 6.67 5.54
C PRO A 798 17.83 7.95 4.72
N ARG A 799 16.68 8.31 4.14
CA ARG A 799 16.62 9.47 3.26
C ARG A 799 16.87 10.76 4.04
N ASN A 800 17.39 11.76 3.33
CA ASN A 800 17.60 13.07 3.92
C ASN A 800 16.35 13.91 3.73
N PRO A 801 15.67 14.31 4.80
CA PRO A 801 14.36 14.99 4.62
C PRO A 801 14.43 16.29 3.84
N LYS A 802 15.54 17.02 3.94
CA LYS A 802 15.64 18.34 3.33
C LYS A 802 16.48 18.39 2.06
N THR A 803 17.38 17.43 1.85
CA THR A 803 18.24 17.42 0.67
C THR A 803 17.80 16.40 -0.36
N ASP A 804 16.63 15.80 -0.21
CA ASP A 804 16.08 14.84 -1.17
C ASP A 804 14.72 15.34 -1.63
N LYS A 805 14.49 15.27 -2.95
CA LYS A 805 13.26 15.76 -3.55
C LYS A 805 12.60 14.66 -4.36
N LEU A 806 11.26 14.66 -4.35
CA LEU A 806 10.52 13.69 -5.13
C LEU A 806 10.74 13.87 -6.63
N VAL A 807 10.74 15.12 -7.09
CA VAL A 807 10.81 15.44 -8.51
C VAL A 807 12.20 15.98 -8.82
N ASN A 808 12.85 15.39 -9.83
CA ASN A 808 14.14 15.84 -10.30
C ASN A 808 14.14 15.80 -11.82
N GLU A 809 15.21 16.35 -12.42
CA GLU A 809 15.30 16.37 -13.87
C GLU A 809 15.39 14.97 -14.46
N ARG A 810 15.80 13.98 -13.67
CA ARG A 810 15.84 12.60 -14.17
C ARG A 810 14.46 11.98 -14.23
N LEU A 811 13.55 12.39 -13.34
CA LEU A 811 12.18 11.87 -13.33
C LEU A 811 11.28 12.56 -14.34
N ILE A 812 11.36 13.90 -14.42
CA ILE A 812 10.55 14.63 -15.40
C ILE A 812 10.94 14.23 -16.82
N SER A 813 12.25 14.13 -17.08
CA SER A 813 12.70 13.64 -18.38
C SER A 813 12.23 12.20 -18.61
N MET A 814 12.33 11.36 -17.57
CA MET A 814 11.87 9.98 -17.67
C MET A 814 10.42 9.91 -18.15
N ALA A 815 9.56 10.74 -17.56
CA ALA A 815 8.13 10.69 -17.89
C ALA A 815 7.80 11.39 -19.20
N TYR A 816 8.57 12.42 -19.57
CA TYR A 816 8.19 13.27 -20.69
C TYR A 816 8.89 12.96 -22.00
N GLY A 817 10.05 12.32 -21.98
CA GLY A 817 10.80 12.17 -23.22
C GLY A 817 10.98 10.74 -23.69
N GLN A 818 10.74 9.77 -22.82
CA GLN A 818 10.93 8.38 -23.18
C GLN A 818 9.63 7.60 -23.19
N ILE A 819 8.92 7.52 -22.06
CA ILE A 819 7.65 6.79 -22.06
C ILE A 819 6.60 7.52 -22.87
N GLY A 820 6.52 8.85 -22.70
CA GLY A 820 5.59 9.63 -23.50
C GLY A 820 5.87 9.51 -24.99
N MET A 821 7.15 9.55 -25.36
CA MET A 821 7.51 9.41 -26.78
C MET A 821 7.15 8.02 -27.30
N ILE A 822 7.39 6.98 -26.50
CA ILE A 822 7.05 5.62 -26.93
C ILE A 822 5.56 5.49 -27.18
N GLN A 823 4.75 6.00 -26.25
CA GLN A 823 3.30 5.90 -26.42
C GLN A 823 2.81 6.76 -27.57
N ALA A 824 3.41 7.93 -27.78
CA ALA A 824 3.03 8.77 -28.91
C ALA A 824 3.35 8.09 -30.22
N LEU A 825 4.50 7.43 -30.31
CA LEU A 825 4.84 6.70 -31.53
C LEU A 825 3.87 5.55 -31.76
N GLY A 826 3.46 4.86 -30.69
CA GLY A 826 2.45 3.83 -30.85
C GLY A 826 1.14 4.35 -31.39
N GLY A 827 0.68 5.50 -30.87
CA GLY A 827 -0.53 6.11 -31.39
C GLY A 827 -0.39 6.53 -32.84
N PHE A 828 0.77 7.10 -33.19
CA PHE A 828 1.00 7.49 -34.58
C PHE A 828 1.02 6.29 -35.50
N PHE A 829 1.54 5.16 -35.03
CA PHE A 829 1.47 3.94 -35.82
C PHE A 829 0.04 3.50 -36.03
N THR A 830 -0.78 3.54 -34.97
CA THR A 830 -2.18 3.15 -35.10
C THR A 830 -2.94 4.09 -36.04
N TYR A 831 -2.52 5.35 -36.12
CA TYR A 831 -3.12 6.28 -37.08
C TYR A 831 -2.66 5.97 -38.50
N PHE A 832 -1.35 5.77 -38.69
CA PHE A 832 -0.77 5.56 -40.00
C PHE A 832 -1.32 4.30 -40.65
N VAL A 833 -1.48 3.23 -39.87
CA VAL A 833 -1.94 1.96 -40.42
C VAL A 833 -3.37 2.08 -40.94
N ILE A 834 -4.25 2.74 -40.19
CA ILE A 834 -5.63 2.86 -40.62
C ILE A 834 -5.73 3.76 -41.84
N LEU A 835 -4.91 4.82 -41.89
CA LEU A 835 -4.90 5.61 -43.12
C LEU A 835 -4.36 4.81 -44.31
N ALA A 836 -3.38 3.94 -44.06
CA ALA A 836 -2.76 3.20 -45.17
C ALA A 836 -3.68 2.11 -45.69
N GLU A 837 -4.39 1.41 -44.80
CA GLU A 837 -5.26 0.32 -45.24
C GLU A 837 -6.50 0.82 -45.97
N ASN A 838 -6.77 2.13 -45.96
CA ASN A 838 -7.89 2.70 -46.67
C ASN A 838 -7.50 3.35 -47.99
N GLY A 839 -6.20 3.46 -48.28
CA GLY A 839 -5.77 3.99 -49.56
C GLY A 839 -4.62 4.97 -49.51
N PHE A 840 -4.52 5.75 -48.43
CA PHE A 840 -3.50 6.78 -48.31
C PHE A 840 -2.25 6.18 -47.67
N LEU A 841 -1.24 5.91 -48.49
CA LEU A 841 0.01 5.38 -47.96
C LEU A 841 0.72 6.46 -47.14
N PRO A 842 1.55 6.06 -46.17
CA PRO A 842 2.16 7.06 -45.27
C PRO A 842 3.00 8.10 -45.97
N ILE A 843 3.67 7.75 -47.07
CA ILE A 843 4.50 8.74 -47.76
C ILE A 843 3.66 9.70 -48.60
N HIS A 844 2.41 9.35 -48.90
CA HIS A 844 1.52 10.25 -49.63
C HIS A 844 0.88 11.30 -48.72
N LEU A 845 0.97 11.12 -47.40
CA LEU A 845 0.32 12.01 -46.47
C LEU A 845 1.11 13.29 -46.18
N LEU A 846 2.38 13.33 -46.54
CA LEU A 846 3.19 14.51 -46.29
C LEU A 846 2.74 15.65 -47.20
N GLY A 847 2.37 16.77 -46.61
CA GLY A 847 1.86 17.89 -47.37
C GLY A 847 0.39 17.81 -47.72
N LEU A 848 -0.31 16.77 -47.27
CA LEU A 848 -1.72 16.59 -47.57
C LEU A 848 -2.64 17.37 -46.65
N ARG A 849 -2.10 18.06 -45.65
CA ARG A 849 -2.94 18.72 -44.66
C ARG A 849 -3.81 19.79 -45.29
N VAL A 850 -3.24 20.57 -46.22
CA VAL A 850 -3.98 21.70 -46.80
C VAL A 850 -5.17 21.20 -47.61
N ASP A 851 -4.96 20.17 -48.44
CA ASP A 851 -6.06 19.66 -49.25
C ASP A 851 -7.04 18.86 -48.40
N TRP A 852 -6.53 18.03 -47.48
CA TRP A 852 -7.39 17.20 -46.65
C TRP A 852 -8.35 18.04 -45.82
N ASP A 853 -7.94 19.24 -45.42
CA ASP A 853 -8.75 20.12 -44.60
C ASP A 853 -9.56 21.11 -45.41
N ASP A 854 -9.54 21.01 -46.74
CA ASP A 854 -10.28 21.91 -47.60
C ASP A 854 -11.65 21.34 -47.89
N ARG A 855 -12.70 22.09 -47.51
CA ARG A 855 -14.05 21.59 -47.66
C ARG A 855 -14.48 21.58 -49.13
N TRP A 856 -13.91 22.46 -49.95
CA TRP A 856 -14.31 22.63 -51.33
C TRP A 856 -13.40 21.91 -52.31
N ILE A 857 -12.57 20.99 -51.82
CA ILE A 857 -11.77 20.13 -52.69
C ILE A 857 -12.23 18.70 -52.42
N ASN A 858 -13.11 18.20 -53.29
CA ASN A 858 -13.67 16.87 -53.15
C ASN A 858 -13.18 15.93 -54.25
N ASP A 859 -11.89 16.05 -54.58
CA ASP A 859 -11.24 15.12 -55.50
C ASP A 859 -9.84 14.74 -55.02
N VAL A 860 -9.64 14.69 -53.70
CA VAL A 860 -8.34 14.35 -53.15
C VAL A 860 -8.03 12.90 -53.50
N GLU A 861 -6.85 12.67 -54.05
CA GLU A 861 -6.52 11.39 -54.66
C GLU A 861 -5.75 10.50 -53.69
N ASP A 862 -5.99 9.19 -53.81
CA ASP A 862 -5.30 8.19 -53.01
C ASP A 862 -3.89 7.97 -53.54
N SER A 863 -3.21 6.97 -52.99
CA SER A 863 -2.04 6.40 -53.65
C SER A 863 -2.43 5.38 -54.71
N TYR A 864 -3.68 4.95 -54.72
CA TYR A 864 -4.19 3.99 -55.70
C TYR A 864 -5.04 4.64 -56.78
N GLY A 865 -5.10 5.97 -56.81
CA GLY A 865 -5.79 6.69 -57.85
C GLY A 865 -7.23 7.07 -57.56
N GLN A 866 -7.82 6.52 -56.50
CA GLN A 866 -9.19 6.86 -56.15
C GLN A 866 -9.29 8.34 -55.77
N GLN A 867 -10.52 8.85 -55.72
CA GLN A 867 -10.76 10.25 -55.40
C GLN A 867 -11.84 10.33 -54.33
N TRP A 868 -11.56 11.11 -53.29
CA TRP A 868 -12.38 11.13 -52.07
C TRP A 868 -13.08 12.47 -51.91
N THR A 869 -14.39 12.42 -51.68
CA THR A 869 -15.15 13.60 -51.29
C THR A 869 -14.73 14.01 -49.88
N TYR A 870 -14.93 15.30 -49.56
CA TYR A 870 -14.50 15.84 -48.28
C TYR A 870 -15.03 15.01 -47.11
N GLU A 871 -16.35 14.78 -47.08
CA GLU A 871 -16.92 14.03 -45.97
C GLU A 871 -16.58 12.55 -46.03
N GLN A 872 -16.00 12.07 -47.13
CA GLN A 872 -15.48 10.71 -47.15
C GLN A 872 -14.08 10.64 -46.53
N ARG A 873 -13.35 11.76 -46.56
CA ARG A 873 -12.06 11.82 -45.88
C ARG A 873 -12.24 11.99 -44.38
N LYS A 874 -13.24 12.77 -43.97
CA LYS A 874 -13.40 13.07 -42.55
C LYS A 874 -13.90 11.86 -41.77
N ILE A 875 -14.63 10.96 -42.41
CA ILE A 875 -15.03 9.72 -41.74
C ILE A 875 -13.80 8.91 -41.36
N VAL A 876 -12.87 8.76 -42.30
CA VAL A 876 -11.64 8.02 -42.03
C VAL A 876 -10.78 8.76 -41.02
N GLU A 877 -10.77 10.09 -41.07
CA GLU A 877 -10.00 10.86 -40.09
C GLU A 877 -10.58 10.69 -38.69
N PHE A 878 -11.90 10.69 -38.57
CA PHE A 878 -12.52 10.45 -37.26
C PHE A 878 -12.24 9.04 -36.77
N THR A 879 -12.26 8.05 -37.67
CA THR A 879 -11.86 6.70 -37.29
C THR A 879 -10.44 6.68 -36.77
N CYS A 880 -9.53 7.41 -37.43
CA CYS A 880 -8.14 7.49 -36.98
C CYS A 880 -8.04 8.14 -35.61
N HIS A 881 -8.83 9.19 -35.37
CA HIS A 881 -8.82 9.84 -34.06
C HIS A 881 -9.25 8.86 -32.97
N THR A 882 -10.37 8.16 -33.20
CA THR A 882 -10.87 7.21 -32.21
C THR A 882 -9.86 6.09 -31.99
N ALA A 883 -9.22 5.62 -33.06
CA ALA A 883 -8.21 4.58 -32.92
C ALA A 883 -7.01 5.07 -32.11
N PHE A 884 -6.59 6.31 -32.34
CA PHE A 884 -5.50 6.88 -31.55
C PHE A 884 -5.86 6.88 -30.07
N PHE A 885 -7.06 7.36 -29.74
CA PHE A 885 -7.47 7.42 -28.34
C PHE A 885 -7.52 6.03 -27.73
N VAL A 886 -8.17 5.08 -28.42
CA VAL A 886 -8.31 3.74 -27.88
C VAL A 886 -6.95 3.08 -27.70
N SER A 887 -6.07 3.23 -28.69
CA SER A 887 -4.76 2.62 -28.61
C SER A 887 -3.96 3.17 -27.46
N ILE A 888 -3.97 4.49 -27.27
CA ILE A 888 -3.22 5.09 -26.18
C ILE A 888 -3.74 4.59 -24.84
N VAL A 889 -5.06 4.59 -24.67
CA VAL A 889 -5.64 4.20 -23.38
C VAL A 889 -5.34 2.73 -23.08
N VAL A 890 -5.52 1.85 -24.08
CA VAL A 890 -5.37 0.42 -23.83
C VAL A 890 -3.93 -0.07 -23.95
N VAL A 891 -2.99 0.80 -24.29
CA VAL A 891 -1.60 0.47 -24.02
C VAL A 891 -1.18 0.98 -22.66
N GLN A 892 -1.70 2.14 -22.24
CA GLN A 892 -1.40 2.62 -20.89
C GLN A 892 -1.92 1.66 -19.84
N TRP A 893 -3.12 1.10 -20.05
CA TRP A 893 -3.68 0.17 -19.07
C TRP A 893 -3.03 -1.21 -19.15
N ALA A 894 -2.64 -1.66 -20.34
CA ALA A 894 -2.03 -2.98 -20.48
C ALA A 894 -0.60 -3.01 -19.96
N ASP A 895 0.18 -1.94 -20.23
CA ASP A 895 1.54 -1.89 -19.72
C ASP A 895 1.57 -1.93 -18.20
N LEU A 896 0.52 -1.42 -17.55
CA LEU A 896 0.44 -1.50 -16.09
C LEU A 896 0.39 -2.96 -15.63
N VAL A 897 -0.53 -3.74 -16.17
CA VAL A 897 -0.68 -5.13 -15.74
C VAL A 897 0.44 -6.01 -16.23
N ILE A 898 1.22 -5.56 -17.22
CA ILE A 898 2.38 -6.32 -17.69
C ILE A 898 3.64 -5.96 -16.92
N CYS A 899 3.74 -4.71 -16.44
CA CYS A 899 4.86 -4.31 -15.59
C CYS A 899 4.71 -4.85 -14.18
N LYS A 900 3.48 -4.84 -13.65
CA LYS A 900 3.25 -5.41 -12.33
C LYS A 900 3.35 -6.92 -12.30
N THR A 901 3.43 -7.57 -13.46
CA THR A 901 3.56 -9.01 -13.56
C THR A 901 4.99 -9.45 -13.83
N ARG A 902 5.69 -8.77 -14.74
CA ARG A 902 7.05 -9.14 -15.11
C ARG A 902 8.11 -8.57 -14.19
N ARG A 903 7.78 -7.63 -13.32
CA ARG A 903 8.76 -7.03 -12.43
C ARG A 903 8.17 -6.83 -11.03
N THR A 948 -6.73 -10.42 -38.26
CA THR A 948 -5.93 -10.21 -39.47
C THR A 948 -4.76 -9.28 -39.16
N TRP A 949 -4.79 -8.06 -39.69
CA TRP A 949 -3.71 -7.12 -39.47
C TRP A 949 -4.17 -5.90 -38.64
N TRP A 950 -5.07 -6.13 -37.71
CA TRP A 950 -5.27 -5.16 -36.64
C TRP A 950 -4.35 -5.40 -35.45
N PHE A 951 -3.22 -6.07 -35.67
CA PHE A 951 -2.11 -6.04 -34.71
C PHE A 951 -1.61 -4.62 -34.48
N CYS A 952 -1.84 -3.74 -35.44
CA CYS A 952 -1.54 -2.32 -35.35
C CYS A 952 -2.17 -1.64 -34.16
N ALA A 953 -3.06 -2.32 -33.45
CA ALA A 953 -3.65 -1.83 -32.21
C ALA A 953 -2.62 -1.98 -31.09
N PHE A 954 -3.09 -1.98 -29.84
CA PHE A 954 -2.23 -2.10 -28.67
C PHE A 954 -1.12 -3.15 -28.77
N PRO A 955 -1.25 -4.25 -29.54
CA PRO A 955 -0.10 -5.15 -29.68
C PRO A 955 1.18 -4.47 -30.16
N TYR A 956 1.11 -3.42 -30.97
CA TYR A 956 2.36 -2.77 -31.38
C TYR A 956 2.97 -1.98 -30.25
N SER A 957 2.27 -0.95 -29.76
CA SER A 957 2.88 -0.02 -28.81
C SER A 957 3.39 -0.75 -27.58
N LEU A 958 2.67 -1.79 -27.16
CA LEU A 958 3.19 -2.63 -26.08
C LEU A 958 4.48 -3.33 -26.51
N LEU A 959 4.53 -3.82 -27.76
CA LEU A 959 5.73 -4.50 -28.23
C LEU A 959 6.93 -3.55 -28.25
N ILE A 960 6.72 -2.32 -28.70
CA ILE A 960 7.81 -1.35 -28.71
C ILE A 960 8.18 -0.94 -27.29
N PHE A 961 7.22 -0.95 -26.37
CA PHE A 961 7.54 -0.66 -24.98
C PHE A 961 8.46 -1.75 -24.42
N VAL A 962 8.13 -3.01 -24.69
CA VAL A 962 9.00 -4.10 -24.24
C VAL A 962 10.37 -4.03 -24.91
N TYR A 963 10.40 -3.71 -26.20
CA TYR A 963 11.68 -3.64 -26.90
C TYR A 963 12.58 -2.53 -26.35
N ASP A 964 12.01 -1.35 -26.10
CA ASP A 964 12.81 -0.29 -25.52
C ASP A 964 13.15 -0.57 -24.06
N LYS A 965 12.29 -1.31 -23.35
CA LYS A 965 12.65 -1.78 -22.02
C LYS A 965 13.86 -2.68 -22.07
N VAL A 966 13.90 -3.59 -23.05
CA VAL A 966 15.05 -4.49 -23.18
C VAL A 966 16.30 -3.69 -23.51
N ARG A 967 16.17 -2.67 -24.38
CA ARG A 967 17.34 -1.85 -24.69
C ARG A 967 17.85 -1.13 -23.45
N LYS A 968 16.95 -0.45 -22.72
CA LYS A 968 17.35 0.27 -21.52
C LYS A 968 17.76 -0.66 -20.39
N LEU A 969 17.42 -1.94 -20.48
CA LEU A 969 17.97 -2.94 -19.56
C LEU A 969 19.38 -3.32 -19.96
N ILE A 970 19.64 -3.40 -21.26
CA ILE A 970 21.00 -3.67 -21.73
C ILE A 970 21.93 -2.54 -21.35
N ILE A 971 21.49 -1.29 -21.53
CA ILE A 971 22.25 -0.12 -21.11
C ILE A 971 21.86 0.18 -19.67
N ARG A 972 22.70 -0.23 -18.72
CA ARG A 972 22.33 -0.15 -17.31
C ARG A 972 22.09 1.28 -16.87
N ARG A 973 22.96 2.21 -17.28
CA ARG A 973 22.87 3.63 -16.92
C ARG A 973 23.07 3.86 -15.43
N ARG A 974 23.51 5.06 -15.07
CA ARG A 974 23.73 5.41 -13.68
C ARG A 974 23.70 6.92 -13.47
N VAL A 979 21.32 7.22 -9.71
CA VAL A 979 21.32 5.82 -9.32
C VAL A 979 20.96 4.95 -10.51
N GLU A 980 19.65 4.71 -10.68
CA GLU A 980 19.18 3.86 -11.79
C GLU A 980 17.73 4.24 -12.09
N LYS A 981 17.53 5.02 -13.15
CA LYS A 981 16.19 5.27 -13.67
C LYS A 981 15.87 4.30 -14.81
N GLU A 982 15.98 3.02 -14.49
CA GLU A 982 15.65 1.93 -15.40
C GLU A 982 14.37 1.20 -15.02
N THR A 983 14.01 1.19 -13.73
CA THR A 983 12.78 0.54 -13.32
C THR A 983 11.54 1.24 -13.85
N TYR A 984 11.66 2.49 -14.28
CA TYR A 984 10.57 3.15 -14.98
C TYR A 984 10.55 2.83 -16.46
N TYR A 985 11.61 2.17 -16.97
CA TYR A 985 11.69 1.74 -18.36
C TYR A 985 11.60 2.91 -19.34
N GLY B 30 21.87 26.21 -17.61
CA GLY B 30 22.58 26.16 -16.35
C GLY B 30 24.02 25.69 -16.48
N ARG B 31 24.72 26.28 -17.46
CA ARG B 31 26.12 25.94 -17.73
C ARG B 31 26.28 24.44 -17.97
N THR B 32 27.35 23.87 -17.43
CA THR B 32 27.64 22.44 -17.53
C THR B 32 27.58 21.97 -18.99
N ALA B 33 28.51 22.50 -19.79
CA ALA B 33 28.53 22.19 -21.22
C ALA B 33 28.74 20.70 -21.45
N LYS B 34 29.63 20.07 -20.70
CA LYS B 34 29.86 18.64 -20.86
C LYS B 34 28.62 17.83 -20.49
N SER B 35 27.93 18.21 -19.41
CA SER B 35 26.71 17.53 -19.03
C SER B 35 25.61 17.73 -20.08
N TRP B 36 25.50 18.94 -20.61
CA TRP B 36 24.54 19.19 -21.68
C TRP B 36 24.87 18.37 -22.91
N GLY B 37 26.15 18.27 -23.25
CA GLY B 37 26.55 17.44 -24.38
C GLY B 37 26.22 15.98 -24.15
N LEU B 38 26.44 15.47 -22.94
CA LEU B 38 26.10 14.09 -22.63
C LEU B 38 24.59 13.86 -22.73
N ILE B 39 23.80 14.81 -22.23
CA ILE B 39 22.35 14.69 -22.32
C ILE B 39 21.91 14.66 -23.78
N LEU B 40 22.45 15.57 -24.58
CA LEU B 40 22.09 15.62 -26.00
C LEU B 40 22.50 14.35 -26.72
N LEU B 41 23.69 13.82 -26.42
CA LEU B 41 24.13 12.59 -27.05
C LEU B 41 23.25 11.41 -26.67
N PHE B 42 22.90 11.31 -25.38
CA PHE B 42 22.04 10.22 -24.93
C PHE B 42 20.68 10.30 -25.61
N TYR B 43 20.09 11.49 -25.67
CA TYR B 43 18.79 11.62 -26.33
C TYR B 43 18.90 11.37 -27.82
N LEU B 44 20.03 11.75 -28.44
CA LEU B 44 20.22 11.47 -29.85
C LEU B 44 20.21 9.97 -30.12
N VAL B 45 21.00 9.21 -29.36
CA VAL B 45 21.05 7.76 -29.60
C VAL B 45 19.73 7.12 -29.22
N PHE B 46 19.05 7.61 -28.18
CA PHE B 46 17.79 7.02 -27.77
C PHE B 46 16.72 7.23 -28.83
N TYR B 47 16.58 8.47 -29.32
CA TYR B 47 15.58 8.74 -30.35
C TYR B 47 15.97 8.11 -31.68
N GLY B 48 17.26 7.90 -31.93
CA GLY B 48 17.66 7.13 -33.09
C GLY B 48 17.20 5.69 -32.99
N PHE B 49 17.37 5.06 -31.83
CA PHE B 49 16.87 3.71 -31.63
C PHE B 49 15.35 3.66 -31.76
N LEU B 50 14.66 4.62 -31.16
CA LEU B 50 13.20 4.66 -31.23
C LEU B 50 12.73 4.85 -32.67
N ALA B 51 13.37 5.73 -33.42
CA ALA B 51 13.00 5.96 -34.81
C ALA B 51 13.32 4.74 -35.66
N ALA B 52 14.41 4.04 -35.35
CA ALA B 52 14.71 2.80 -36.07
C ALA B 52 13.63 1.75 -35.85
N LEU B 53 13.20 1.60 -34.59
CA LEU B 53 12.11 0.67 -34.30
C LEU B 53 10.83 1.07 -35.03
N PHE B 54 10.49 2.36 -35.00
CA PHE B 54 9.29 2.84 -35.65
C PHE B 54 9.36 2.62 -37.16
N SER B 55 10.51 2.90 -37.76
CA SER B 55 10.67 2.73 -39.21
C SER B 55 10.61 1.27 -39.61
N PHE B 56 11.21 0.39 -38.81
CA PHE B 56 11.13 -1.04 -39.12
C PHE B 56 9.69 -1.53 -39.03
N THR B 57 8.95 -1.09 -38.01
CA THR B 57 7.55 -1.47 -37.91
C THR B 57 6.74 -0.89 -39.08
N MET B 58 7.06 0.33 -39.51
CA MET B 58 6.36 0.92 -40.65
C MET B 58 6.63 0.13 -41.92
N TRP B 59 7.89 -0.30 -42.10
CA TRP B 59 8.25 -1.10 -43.27
C TRP B 59 7.49 -2.42 -43.25
N VAL B 60 7.42 -3.08 -42.09
CA VAL B 60 6.68 -4.34 -41.99
C VAL B 60 5.19 -4.08 -42.23
N MET B 61 4.69 -2.91 -41.82
CA MET B 61 3.30 -2.57 -42.11
C MET B 61 3.04 -2.47 -43.60
N LEU B 62 3.93 -1.79 -44.31
CA LEU B 62 3.72 -1.60 -45.75
C LEU B 62 3.92 -2.89 -46.53
N GLN B 63 4.76 -3.79 -46.03
CA GLN B 63 5.01 -5.02 -46.78
C GLN B 63 3.76 -5.87 -46.90
N THR B 64 2.94 -5.92 -45.84
CA THR B 64 1.69 -6.68 -45.90
C THR B 64 0.62 -6.00 -46.76
N LEU B 65 0.85 -4.76 -47.17
CA LEU B 65 -0.16 -4.01 -47.92
C LEU B 65 0.05 -4.18 -49.42
N ASN B 66 -1.01 -4.57 -50.12
CA ASN B 66 -0.96 -4.71 -51.57
C ASN B 66 -0.97 -3.34 -52.23
N ASP B 67 -0.26 -3.24 -53.36
CA ASP B 67 -0.01 -1.96 -53.99
C ASP B 67 -0.81 -1.71 -55.26
N GLU B 68 -1.78 -2.56 -55.59
CA GLU B 68 -2.61 -2.34 -56.76
C GLU B 68 -4.06 -2.00 -56.43
N VAL B 69 -4.53 -2.33 -55.22
CA VAL B 69 -5.90 -2.05 -54.81
C VAL B 69 -5.93 -1.94 -53.29
N PRO B 70 -6.63 -0.96 -52.72
CA PRO B 70 -6.63 -0.79 -51.27
C PRO B 70 -7.21 -2.01 -50.57
N LYS B 71 -6.73 -2.24 -49.34
CA LYS B 71 -7.21 -3.37 -48.55
C LYS B 71 -8.70 -3.23 -48.24
N TYR B 72 -9.14 -2.03 -47.89
CA TYR B 72 -10.52 -1.77 -47.56
C TYR B 72 -11.11 -0.72 -48.50
N ARG B 73 -12.34 -0.94 -48.93
CA ARG B 73 -13.02 -0.01 -49.80
C ARG B 73 -14.37 0.46 -49.26
N ASP B 74 -14.75 0.04 -48.06
CA ASP B 74 -16.09 0.32 -47.54
C ASP B 74 -16.31 1.78 -47.20
N GLN B 75 -15.25 2.60 -47.17
CA GLN B 75 -15.41 4.01 -46.84
C GLN B 75 -15.64 4.89 -48.06
N ILE B 76 -15.54 4.34 -49.26
CA ILE B 76 -15.79 5.10 -50.49
C ILE B 76 -16.74 4.27 -51.35
N PRO B 77 -18.03 4.20 -50.99
CA PRO B 77 -18.93 3.30 -51.72
C PRO B 77 -19.52 3.93 -52.97
N SER B 78 -19.66 5.26 -52.98
CA SER B 78 -20.25 5.97 -54.10
C SER B 78 -19.35 7.12 -54.51
N PRO B 79 -19.32 7.47 -55.79
CA PRO B 79 -18.44 8.53 -56.25
C PRO B 79 -19.08 9.90 -56.10
N GLY B 80 -18.27 10.85 -55.64
CA GLY B 80 -18.70 12.22 -55.58
C GLY B 80 -18.59 12.89 -56.93
N LEU B 81 -18.90 14.18 -56.95
CA LEU B 81 -18.79 14.99 -58.16
C LEU B 81 -17.89 16.19 -57.89
N MET B 82 -17.05 16.51 -58.87
CA MET B 82 -16.18 17.67 -58.77
C MET B 82 -16.16 18.41 -60.09
N VAL B 83 -15.90 19.71 -60.02
CA VAL B 83 -15.80 20.57 -61.18
C VAL B 83 -14.34 20.90 -61.43
N PHE B 84 -14.08 21.54 -62.57
CA PHE B 84 -12.72 21.91 -62.93
C PHE B 84 -12.80 23.10 -63.86
N PRO B 85 -11.95 24.12 -63.68
CA PRO B 85 -10.88 24.25 -62.68
C PRO B 85 -11.39 24.66 -61.31
N LYS B 86 -10.62 24.38 -60.26
CA LYS B 86 -11.01 24.80 -58.92
C LYS B 86 -10.79 26.29 -58.77
N PRO B 87 -11.82 27.07 -58.42
CA PRO B 87 -11.61 28.52 -58.24
C PRO B 87 -10.76 28.83 -57.02
N VAL B 88 -10.51 30.11 -56.77
CA VAL B 88 -9.73 30.53 -55.62
C VAL B 88 -10.59 31.04 -54.47
N THR B 89 -11.91 30.97 -54.61
CA THR B 89 -12.84 31.53 -53.63
C THR B 89 -13.96 30.56 -53.33
N ALA B 90 -13.62 29.30 -53.06
CA ALA B 90 -14.55 28.29 -52.57
C ALA B 90 -15.70 28.06 -53.56
N LEU B 91 -15.31 27.54 -54.73
CA LEU B 91 -16.25 27.19 -55.79
C LEU B 91 -17.08 28.39 -56.23
N GLU B 92 -16.38 29.46 -56.58
CA GLU B 92 -17.00 30.70 -57.06
C GLU B 92 -16.28 31.11 -58.34
N TYR B 93 -16.88 30.83 -59.49
CA TYR B 93 -16.29 31.17 -60.78
C TYR B 93 -16.54 32.65 -61.06
N THR B 94 -15.48 33.46 -60.98
CA THR B 94 -15.57 34.89 -61.18
C THR B 94 -14.60 35.28 -62.29
N PHE B 95 -15.12 35.95 -63.32
CA PHE B 95 -14.31 36.38 -64.45
C PHE B 95 -14.88 37.66 -65.02
N SER B 96 -14.03 38.44 -65.66
CA SER B 96 -14.42 39.70 -66.28
C SER B 96 -14.61 39.51 -67.78
N ARG B 97 -15.60 40.22 -68.33
CA ARG B 97 -15.88 40.10 -69.76
C ARG B 97 -14.72 40.61 -70.60
N SER B 98 -14.15 41.74 -70.22
CA SER B 98 -13.12 42.38 -71.03
C SER B 98 -11.71 41.99 -70.61
N ASP B 99 -11.48 41.72 -69.34
CA ASP B 99 -10.14 41.44 -68.85
C ASP B 99 -9.70 40.05 -69.30
N PRO B 100 -8.59 39.93 -70.04
CA PRO B 100 -8.08 38.59 -70.40
C PRO B 100 -7.33 37.91 -69.26
N THR B 101 -6.96 38.64 -68.22
CA THR B 101 -6.26 38.07 -67.08
C THR B 101 -7.21 37.51 -66.03
N SER B 102 -8.44 38.05 -65.94
CA SER B 102 -9.41 37.54 -64.98
C SER B 102 -9.77 36.10 -65.29
N TYR B 103 -9.95 35.77 -66.57
CA TYR B 103 -10.26 34.41 -66.99
C TYR B 103 -9.02 33.58 -67.28
N ALA B 104 -7.82 34.15 -67.14
CA ALA B 104 -6.62 33.47 -67.57
C ALA B 104 -6.39 32.18 -66.80
N GLY B 105 -6.42 32.25 -65.46
CA GLY B 105 -6.08 31.09 -64.64
C GLY B 105 -6.94 29.89 -64.97
N TYR B 106 -8.25 30.09 -65.13
CA TYR B 106 -9.11 29.02 -65.60
C TYR B 106 -8.62 28.50 -66.95
N ILE B 107 -8.15 29.40 -67.82
CA ILE B 107 -7.78 29.01 -69.17
C ILE B 107 -6.60 28.05 -69.17
N GLU B 108 -5.50 28.39 -68.49
CA GLU B 108 -4.41 27.43 -68.62
C GLU B 108 -4.56 26.27 -67.65
N ASP B 109 -5.39 26.39 -66.61
CA ASP B 109 -5.72 25.21 -65.83
C ASP B 109 -6.46 24.18 -66.69
N LEU B 110 -7.45 24.64 -67.45
CA LEU B 110 -8.17 23.75 -68.36
C LEU B 110 -7.26 23.23 -69.45
N LYS B 111 -6.34 24.07 -69.95
CA LYS B 111 -5.40 23.61 -70.97
C LYS B 111 -4.49 22.52 -70.44
N LYS B 112 -3.99 22.68 -69.21
CA LYS B 112 -3.14 21.66 -68.60
C LYS B 112 -3.90 20.37 -68.38
N PHE B 113 -5.13 20.47 -67.87
CA PHE B 113 -5.91 19.26 -67.60
C PHE B 113 -6.27 18.51 -68.88
N LEU B 114 -6.62 19.24 -69.93
CA LEU B 114 -7.09 18.63 -71.16
C LEU B 114 -5.97 18.23 -72.11
N LYS B 115 -4.71 18.48 -71.74
CA LYS B 115 -3.60 18.10 -72.61
C LYS B 115 -3.56 16.60 -72.90
N PRO B 116 -3.68 15.71 -71.91
CA PRO B 116 -3.73 14.27 -72.25
C PRO B 116 -4.99 13.88 -73.00
N TYR B 117 -6.02 14.72 -73.01
CA TYR B 117 -7.26 14.36 -73.68
C TYR B 117 -7.24 14.66 -75.18
N THR B 118 -6.25 15.43 -75.66
CA THR B 118 -6.17 15.71 -77.08
C THR B 118 -5.74 14.47 -77.85
N LEU B 119 -6.00 14.48 -79.16
CA LEU B 119 -5.77 13.31 -80.00
C LEU B 119 -4.30 12.95 -80.09
N GLU B 120 -3.39 13.91 -79.89
CA GLU B 120 -1.97 13.66 -80.10
C GLU B 120 -1.38 12.70 -79.07
N GLU B 121 -2.05 12.47 -77.94
CA GLU B 121 -1.55 11.60 -76.90
C GLU B 121 -2.28 10.27 -76.79
N GLN B 122 -3.60 10.26 -76.92
CA GLN B 122 -4.36 9.02 -76.82
C GLN B 122 -4.35 8.19 -78.10
N LYS B 123 -3.42 8.48 -79.01
CA LYS B 123 -3.32 7.67 -80.23
C LYS B 123 -2.97 6.22 -79.91
N ASN B 124 -2.06 6.01 -78.95
CA ASN B 124 -1.68 4.66 -78.58
C ASN B 124 -2.81 3.91 -77.87
N LEU B 125 -3.76 4.62 -77.27
CA LEU B 125 -4.86 3.97 -76.59
C LEU B 125 -5.78 3.27 -77.59
N THR B 126 -6.32 2.12 -77.18
CA THR B 126 -7.17 1.34 -78.06
C THR B 126 -8.56 1.92 -78.13
N VAL B 127 -9.22 1.71 -79.27
CA VAL B 127 -10.62 2.11 -79.39
C VAL B 127 -11.49 1.16 -78.57
N CYS B 128 -12.71 1.61 -78.27
CA CYS B 128 -13.49 0.95 -77.26
C CYS B 128 -14.96 0.81 -77.66
N PRO B 129 -15.53 -0.39 -77.57
CA PRO B 129 -16.96 -0.54 -77.83
C PRO B 129 -17.79 0.16 -76.76
N ASP B 130 -18.98 0.61 -77.17
CA ASP B 130 -19.80 1.47 -76.35
C ASP B 130 -20.93 0.69 -75.68
N GLY B 131 -21.38 1.19 -74.54
CA GLY B 131 -22.57 0.69 -73.86
C GLY B 131 -22.37 -0.51 -72.96
N ALA B 132 -21.14 -1.02 -72.82
CA ALA B 132 -20.91 -2.19 -72.00
C ALA B 132 -19.68 -1.98 -71.12
N LEU B 133 -19.67 -2.67 -69.98
CA LEU B 133 -18.53 -2.62 -69.08
C LEU B 133 -17.32 -3.24 -69.77
N PHE B 134 -16.18 -2.56 -69.69
CA PHE B 134 -14.95 -3.10 -70.28
C PHE B 134 -14.17 -3.80 -69.17
N GLU B 135 -14.73 -4.91 -68.71
CA GLU B 135 -14.05 -5.76 -67.75
C GLU B 135 -12.82 -6.40 -68.40
N GLN B 136 -11.71 -6.41 -67.67
CA GLN B 136 -10.46 -6.94 -68.18
C GLN B 136 -9.89 -7.97 -67.22
N LYS B 137 -9.15 -8.91 -67.77
CA LYS B 137 -8.50 -9.96 -66.99
C LYS B 137 -7.02 -10.01 -67.34
N GLY B 138 -6.23 -10.56 -66.42
CA GLY B 138 -4.82 -10.70 -66.62
C GLY B 138 -4.10 -9.37 -66.67
N PRO B 139 -2.94 -9.35 -67.33
CA PRO B 139 -2.12 -8.13 -67.38
C PRO B 139 -2.40 -7.19 -68.55
N VAL B 140 -3.49 -7.39 -69.29
CA VAL B 140 -3.76 -6.56 -70.47
C VAL B 140 -4.05 -5.13 -70.02
N TYR B 141 -5.15 -4.96 -69.30
CA TYR B 141 -5.50 -3.72 -68.61
C TYR B 141 -5.27 -2.48 -69.49
N VAL B 142 -6.02 -2.41 -70.57
CA VAL B 142 -5.99 -1.26 -71.47
C VAL B 142 -7.17 -0.36 -71.13
N ALA B 143 -7.10 0.88 -71.61
CA ALA B 143 -8.12 1.89 -71.33
C ALA B 143 -8.68 2.43 -72.64
N CYS B 144 -9.99 2.65 -72.66
CA CYS B 144 -10.62 3.30 -73.81
C CYS B 144 -10.17 4.76 -73.88
N GLN B 145 -10.39 5.37 -75.03
CA GLN B 145 -10.01 6.76 -75.26
C GLN B 145 -11.25 7.64 -75.24
N PHE B 146 -11.11 8.82 -74.63
CA PHE B 146 -12.18 9.80 -74.59
C PHE B 146 -11.91 10.84 -75.65
N PRO B 147 -12.68 10.88 -76.74
CA PRO B 147 -12.45 11.91 -77.77
C PRO B 147 -12.65 13.30 -77.19
N ILE B 148 -11.64 14.15 -77.41
CA ILE B 148 -11.70 15.52 -76.86
C ILE B 148 -12.86 16.29 -77.48
N SER B 149 -13.20 15.99 -78.74
CA SER B 149 -14.30 16.68 -79.41
C SER B 149 -15.66 16.31 -78.84
N LEU B 150 -15.74 15.30 -77.98
CA LEU B 150 -17.02 14.96 -77.35
C LEU B 150 -17.55 16.09 -76.49
N LEU B 151 -16.68 17.01 -76.06
CA LEU B 151 -17.11 18.17 -75.29
C LEU B 151 -17.60 19.32 -76.17
N GLN B 152 -17.56 19.15 -77.49
CA GLN B 152 -18.11 20.09 -78.47
C GLN B 152 -17.37 21.42 -78.32
N ALA B 153 -18.03 22.52 -77.94
CA ALA B 153 -17.38 23.83 -77.94
C ALA B 153 -16.37 23.98 -76.82
N CYS B 154 -16.50 23.19 -75.74
CA CYS B 154 -15.59 23.34 -74.60
C CYS B 154 -14.23 22.70 -74.83
N SER B 155 -14.06 21.93 -75.91
CA SER B 155 -12.78 21.30 -76.18
C SER B 155 -11.72 22.34 -76.55
N GLY B 156 -10.46 22.00 -76.28
CA GLY B 156 -9.37 22.91 -76.56
C GLY B 156 -9.03 23.05 -78.03
N MET B 157 -9.38 22.05 -78.84
CA MET B 157 -9.11 22.14 -80.28
C MET B 157 -9.87 23.28 -80.94
N ASN B 158 -10.95 23.74 -80.31
CA ASN B 158 -11.69 24.91 -80.77
C ASN B 158 -10.99 26.18 -80.32
N ASP B 159 -11.69 27.31 -80.35
CA ASP B 159 -11.18 28.62 -79.96
C ASP B 159 -10.33 28.53 -78.70
N PRO B 160 -9.18 29.21 -78.66
CA PRO B 160 -8.27 29.06 -77.51
C PRO B 160 -8.91 29.39 -76.18
N ASP B 161 -9.82 30.35 -76.14
CA ASP B 161 -10.54 30.65 -74.92
C ASP B 161 -11.68 29.66 -74.73
N PHE B 162 -11.69 28.97 -73.60
CA PHE B 162 -12.69 27.93 -73.34
C PHE B 162 -14.03 28.57 -73.02
N GLY B 163 -14.63 29.23 -74.01
CA GLY B 163 -15.90 29.89 -73.82
C GLY B 163 -15.83 31.25 -73.20
N TYR B 164 -14.68 31.65 -72.66
CA TYR B 164 -14.50 33.02 -72.20
C TYR B 164 -14.18 33.92 -73.39
N SER B 165 -14.22 35.23 -73.16
CA SER B 165 -14.05 36.26 -74.17
C SER B 165 -15.13 36.20 -75.25
N GLN B 166 -16.10 35.29 -75.11
CA GLN B 166 -17.24 35.18 -76.02
C GLN B 166 -18.57 35.34 -75.30
N GLY B 167 -18.70 34.75 -74.11
CA GLY B 167 -19.90 34.94 -73.31
C GLY B 167 -20.50 33.66 -72.78
N ASN B 168 -19.81 32.53 -72.98
CA ASN B 168 -20.33 31.21 -72.60
C ASN B 168 -19.25 30.44 -71.89
N PRO B 169 -19.05 30.69 -70.59
CA PRO B 169 -17.98 30.01 -69.85
C PRO B 169 -18.15 28.49 -69.85
N CYS B 170 -17.03 27.78 -69.97
CA CYS B 170 -17.02 26.32 -70.02
C CYS B 170 -16.47 25.77 -68.72
N ILE B 171 -17.28 24.99 -68.02
CA ILE B 171 -16.92 24.35 -66.76
C ILE B 171 -17.03 22.84 -66.94
N LEU B 172 -16.00 22.12 -66.53
CA LEU B 172 -16.03 20.66 -66.55
C LEU B 172 -16.67 20.13 -65.28
N VAL B 173 -17.32 18.98 -65.39
CA VAL B 173 -17.90 18.27 -64.25
C VAL B 173 -17.51 16.81 -64.42
N LYS B 174 -16.44 16.41 -63.73
CA LYS B 174 -16.00 15.02 -63.74
C LYS B 174 -16.45 14.32 -62.46
N MET B 175 -16.52 13.00 -62.53
CA MET B 175 -17.00 12.18 -61.44
C MET B 175 -15.87 11.33 -60.88
N ASN B 176 -15.82 11.20 -59.56
CA ASN B 176 -14.66 10.65 -58.89
C ASN B 176 -14.43 9.19 -59.27
N ARG B 177 -13.16 8.83 -59.43
CA ARG B 177 -12.79 7.47 -59.77
C ARG B 177 -12.79 6.58 -58.54
N ILE B 178 -13.35 5.37 -58.70
CA ILE B 178 -13.37 4.37 -57.64
C ILE B 178 -12.95 3.04 -58.26
N ILE B 179 -12.00 2.36 -57.61
CA ILE B 179 -11.51 1.10 -58.13
C ILE B 179 -12.61 0.05 -58.04
N GLY B 180 -12.82 -0.67 -59.16
CA GLY B 180 -13.82 -1.72 -59.18
C GLY B 180 -15.25 -1.24 -59.17
N LEU B 181 -15.50 -0.02 -59.62
CA LEU B 181 -16.86 0.51 -59.64
C LEU B 181 -17.59 0.06 -60.91
N LYS B 182 -18.81 -0.44 -60.73
CA LYS B 182 -19.64 -0.92 -61.84
C LYS B 182 -21.03 -0.30 -61.71
N PRO B 183 -21.20 0.94 -62.15
CA PRO B 183 -22.53 1.56 -62.09
C PRO B 183 -23.53 0.82 -62.96
N GLU B 184 -24.75 0.72 -62.47
CA GLU B 184 -25.82 0.03 -63.18
C GLU B 184 -26.76 1.02 -63.85
N GLY B 185 -27.42 0.55 -64.91
CA GLY B 185 -28.31 1.42 -65.66
C GLY B 185 -27.54 2.32 -66.62
N VAL B 186 -28.13 3.47 -66.91
CA VAL B 186 -27.53 4.45 -67.80
C VAL B 186 -27.10 5.66 -66.97
N PRO B 187 -25.80 5.88 -66.77
CA PRO B 187 -25.35 7.00 -65.94
C PRO B 187 -25.34 8.31 -66.73
N ARG B 188 -25.89 9.36 -66.15
CA ARG B 188 -26.02 10.65 -66.81
C ARG B 188 -25.89 11.76 -65.79
N ILE B 189 -25.32 12.88 -66.23
CA ILE B 189 -25.20 14.08 -65.41
C ILE B 189 -26.05 15.16 -66.05
N ASP B 190 -27.06 15.64 -65.32
CA ASP B 190 -27.96 16.68 -65.81
C ASP B 190 -27.75 17.92 -64.96
N CYS B 191 -27.17 18.96 -65.54
CA CYS B 191 -26.92 20.22 -64.85
C CYS B 191 -28.06 21.18 -65.18
N VAL B 192 -28.91 21.44 -64.19
CA VAL B 192 -30.08 22.30 -64.36
C VAL B 192 -29.84 23.57 -63.54
N SER B 193 -29.91 24.72 -64.19
CA SER B 193 -29.68 25.98 -63.52
C SER B 193 -30.81 26.27 -62.53
N LYS B 194 -30.44 26.85 -61.39
CA LYS B 194 -31.39 27.24 -60.36
C LYS B 194 -31.82 28.69 -60.48
N ASN B 195 -31.30 29.42 -61.47
CA ASN B 195 -31.62 30.83 -61.65
C ASN B 195 -32.83 31.00 -62.58
N GLU B 196 -33.90 30.30 -62.23
CA GLU B 196 -35.16 30.29 -62.98
C GLU B 196 -34.98 29.85 -64.42
N ASP B 197 -33.85 29.20 -64.72
CA ASP B 197 -33.52 28.67 -66.05
C ASP B 197 -33.46 29.74 -67.13
N ILE B 198 -33.51 31.02 -66.75
CA ILE B 198 -33.37 32.09 -67.75
C ILE B 198 -32.00 32.04 -68.41
N PRO B 199 -30.88 31.96 -67.68
CA PRO B 199 -29.61 31.60 -68.35
C PRO B 199 -29.51 30.07 -68.49
N ASN B 200 -30.14 29.55 -69.54
CA ASN B 200 -30.23 28.11 -69.72
C ASN B 200 -28.85 27.49 -69.86
N VAL B 201 -28.70 26.29 -69.30
CA VAL B 201 -27.42 25.60 -69.23
C VAL B 201 -27.38 24.55 -70.33
N ALA B 202 -26.34 24.61 -71.15
CA ALA B 202 -26.14 23.65 -72.24
C ALA B 202 -25.03 22.70 -71.83
N VAL B 203 -25.40 21.48 -71.44
CA VAL B 203 -24.42 20.46 -71.11
C VAL B 203 -24.04 19.73 -72.40
N TYR B 204 -22.75 19.73 -72.72
CA TYR B 204 -22.31 19.44 -74.07
C TYR B 204 -22.26 17.96 -74.44
N PRO B 205 -21.58 17.08 -73.69
CA PRO B 205 -21.44 15.69 -74.17
C PRO B 205 -22.77 14.98 -74.14
N HIS B 206 -23.35 14.76 -75.34
CA HIS B 206 -24.74 14.34 -75.47
C HIS B 206 -25.61 15.20 -74.57
N ASN B 207 -26.57 14.60 -73.90
CA ASN B 207 -27.31 15.29 -72.83
C ASN B 207 -26.70 14.94 -71.47
N GLY B 208 -25.42 15.24 -71.35
CA GLY B 208 -24.68 14.92 -70.14
C GLY B 208 -24.49 13.44 -69.89
N MET B 209 -24.37 12.65 -70.95
CA MET B 209 -24.15 11.22 -70.81
C MET B 209 -22.70 10.92 -70.43
N ILE B 210 -22.53 9.97 -69.52
CA ILE B 210 -21.23 9.41 -69.19
C ILE B 210 -21.21 8.01 -69.78
N ASP B 211 -20.42 7.82 -70.83
CA ASP B 211 -20.38 6.52 -71.50
C ASP B 211 -19.89 5.45 -70.53
N LEU B 212 -20.63 4.35 -70.47
CA LEU B 212 -20.41 3.31 -69.48
C LEU B 212 -19.20 2.43 -69.80
N LYS B 213 -18.56 2.65 -70.95
CA LYS B 213 -17.45 1.83 -71.39
C LYS B 213 -16.13 2.14 -70.68
N TYR B 214 -16.07 3.20 -69.87
CA TYR B 214 -14.86 3.52 -69.13
C TYR B 214 -14.91 3.09 -67.67
N PHE B 215 -16.07 2.70 -67.16
CA PHE B 215 -16.33 2.73 -65.73
C PHE B 215 -15.64 1.66 -64.88
N PRO B 216 -15.39 0.44 -65.36
CA PRO B 216 -14.66 -0.51 -64.51
C PRO B 216 -13.21 -0.06 -64.28
N TYR B 217 -13.04 0.96 -63.44
CA TYR B 217 -11.71 1.48 -63.14
C TYR B 217 -10.92 0.48 -62.31
N TYR B 218 -9.64 0.36 -62.62
CA TYR B 218 -8.77 -0.63 -61.99
C TYR B 218 -7.59 -0.02 -61.27
N GLY B 219 -7.60 1.28 -61.03
CA GLY B 219 -6.54 1.93 -60.28
C GLY B 219 -5.28 2.11 -61.10
N LYS B 220 -4.45 3.05 -60.65
CA LYS B 220 -3.17 3.28 -61.29
C LYS B 220 -2.27 2.07 -61.09
N LYS B 221 -1.29 1.92 -62.00
CA LYS B 221 -0.37 0.79 -62.07
C LYS B 221 -1.11 -0.44 -62.58
N LEU B 222 -2.44 -0.35 -62.67
CA LEU B 222 -3.26 -1.40 -63.24
C LEU B 222 -4.23 -0.87 -64.29
N HIS B 223 -4.26 0.44 -64.53
CA HIS B 223 -5.01 1.05 -65.62
C HIS B 223 -4.12 2.18 -66.13
N VAL B 224 -3.27 1.87 -67.11
CA VAL B 224 -2.28 2.82 -67.59
C VAL B 224 -2.92 3.77 -68.58
N GLY B 225 -2.74 5.06 -68.36
CA GLY B 225 -3.34 6.05 -69.23
C GLY B 225 -4.85 6.02 -69.24
N TYR B 226 -5.46 5.87 -68.06
CA TYR B 226 -6.91 5.85 -67.95
C TYR B 226 -7.42 7.29 -67.92
N LEU B 227 -8.16 7.68 -68.94
CA LEU B 227 -8.74 9.01 -69.02
C LEU B 227 -10.21 8.92 -68.60
N GLN B 228 -10.50 9.43 -67.40
CA GLN B 228 -11.85 9.36 -66.88
C GLN B 228 -12.81 10.21 -67.73
N PRO B 229 -14.06 9.78 -67.86
CA PRO B 229 -15.00 10.55 -68.67
C PRO B 229 -15.27 11.92 -68.07
N LEU B 230 -15.51 12.89 -68.94
CA LEU B 230 -15.77 14.26 -68.54
C LEU B 230 -17.14 14.69 -69.06
N VAL B 231 -17.68 15.73 -68.41
CA VAL B 231 -18.93 16.34 -68.83
C VAL B 231 -18.74 17.85 -68.77
N ALA B 232 -18.83 18.51 -69.93
CA ALA B 232 -18.59 19.92 -70.03
C ALA B 232 -19.90 20.69 -69.93
N VAL B 233 -19.88 21.78 -69.17
CA VAL B 233 -21.07 22.61 -68.95
C VAL B 233 -20.76 24.01 -69.43
N GLN B 234 -21.59 24.53 -70.33
CA GLN B 234 -21.46 25.89 -70.83
C GLN B 234 -22.69 26.68 -70.41
N VAL B 235 -22.46 27.78 -69.71
CA VAL B 235 -23.54 28.60 -69.16
C VAL B 235 -23.81 29.76 -70.10
N SER B 236 -25.09 29.96 -70.44
CA SER B 236 -25.49 31.02 -71.36
C SER B 236 -25.50 32.35 -70.62
N PHE B 237 -24.58 33.24 -70.99
CA PHE B 237 -24.46 34.57 -70.41
C PHE B 237 -24.60 35.59 -71.53
N ALA B 238 -25.85 35.94 -71.84
CA ALA B 238 -26.12 36.94 -72.86
C ALA B 238 -25.88 38.34 -72.30
N PRO B 239 -25.58 39.32 -73.17
CA PRO B 239 -25.27 40.67 -72.67
C PRO B 239 -26.41 41.33 -71.89
N ASN B 240 -27.66 41.05 -72.24
CA ASN B 240 -28.77 41.73 -71.56
C ASN B 240 -28.85 41.34 -70.09
N ASN B 241 -28.64 40.06 -69.78
CA ASN B 241 -28.63 39.57 -68.40
C ASN B 241 -27.22 39.39 -67.87
N THR B 242 -26.30 40.26 -68.28
CA THR B 242 -24.92 40.19 -67.80
C THR B 242 -24.87 40.42 -66.29
N GLY B 243 -23.70 40.15 -65.72
CA GLY B 243 -23.58 40.22 -64.27
C GLY B 243 -24.30 39.06 -63.63
N LYS B 244 -24.91 39.32 -62.47
CA LYS B 244 -25.69 38.34 -61.74
C LYS B 244 -24.86 37.09 -61.42
N GLU B 245 -25.52 35.98 -61.11
CA GLU B 245 -24.82 34.73 -60.86
C GLU B 245 -25.80 33.58 -61.07
N VAL B 246 -25.30 32.49 -61.66
CA VAL B 246 -26.07 31.29 -61.83
C VAL B 246 -25.72 30.32 -60.70
N THR B 247 -26.56 29.32 -60.52
CA THR B 247 -26.40 28.34 -59.46
C THR B 247 -26.53 26.93 -60.03
N VAL B 248 -25.77 26.66 -61.10
CA VAL B 248 -25.81 25.38 -61.79
C VAL B 248 -25.61 24.24 -60.81
N GLU B 249 -26.58 23.35 -60.72
CA GLU B 249 -26.55 22.22 -59.80
C GLU B 249 -26.48 20.97 -60.66
N CYS B 250 -25.36 20.25 -60.57
CA CYS B 250 -25.17 19.01 -61.31
C CYS B 250 -25.30 17.82 -60.39
N LYS B 251 -25.89 16.75 -60.89
CA LYS B 251 -26.06 15.55 -60.10
C LYS B 251 -26.20 14.35 -61.03
N ILE B 252 -25.93 13.17 -60.48
CA ILE B 252 -26.14 11.92 -61.22
C ILE B 252 -27.60 11.52 -61.09
N ASP B 253 -28.25 11.33 -62.24
CA ASP B 253 -29.69 11.13 -62.27
C ASP B 253 -30.13 9.86 -62.97
N GLY B 254 -29.19 9.07 -63.50
CA GLY B 254 -29.58 7.92 -64.29
C GLY B 254 -29.27 6.57 -63.68
N SER B 255 -28.24 6.50 -62.84
CA SER B 255 -27.79 5.24 -62.27
C SER B 255 -28.27 5.12 -60.84
N ALA B 256 -28.89 3.98 -60.51
CA ALA B 256 -29.31 3.71 -59.15
C ALA B 256 -28.13 3.34 -58.25
N ASN B 257 -27.07 2.80 -58.84
CA ASN B 257 -25.89 2.42 -58.05
C ASN B 257 -25.24 3.64 -57.42
N LEU B 258 -25.16 4.75 -58.16
CA LEU B 258 -24.52 5.96 -57.68
C LEU B 258 -25.53 6.78 -56.89
N LYS B 259 -25.31 6.89 -55.59
CA LYS B 259 -26.21 7.65 -54.73
C LYS B 259 -26.13 9.14 -55.07
N SER B 260 -27.22 9.85 -54.78
CA SER B 260 -27.29 11.28 -55.07
C SER B 260 -27.83 12.12 -53.93
N GLN B 261 -28.44 11.53 -52.92
CA GLN B 261 -29.00 12.27 -51.80
C GLN B 261 -28.32 11.85 -50.50
N ASP B 262 -27.86 12.83 -49.73
CA ASP B 262 -27.23 12.57 -48.45
C ASP B 262 -27.43 13.77 -47.55
N ASP B 263 -27.61 13.51 -46.26
CA ASP B 263 -27.89 14.55 -45.29
C ASP B 263 -26.64 15.29 -44.83
N ARG B 264 -25.45 14.77 -45.14
CA ARG B 264 -24.20 15.38 -44.70
C ARG B 264 -23.28 15.78 -45.84
N ASP B 265 -23.24 14.99 -46.91
CA ASP B 265 -22.31 15.21 -48.01
C ASP B 265 -23.06 15.90 -49.16
N LYS B 266 -22.71 17.16 -49.42
CA LYS B 266 -23.30 17.91 -50.51
C LYS B 266 -22.63 17.64 -51.84
N PHE B 267 -21.60 16.80 -51.87
CA PHE B 267 -20.90 16.46 -53.10
C PHE B 267 -21.03 14.99 -53.48
N LEU B 268 -21.78 14.20 -52.73
CA LEU B 268 -21.97 12.79 -53.03
C LEU B 268 -23.00 12.67 -54.16
N GLY B 269 -22.52 12.44 -55.38
CA GLY B 269 -23.40 12.43 -56.52
C GLY B 269 -24.02 13.76 -56.84
N ARG B 270 -23.46 14.85 -56.31
CA ARG B 270 -24.00 16.19 -56.50
C ARG B 270 -22.84 17.18 -56.57
N VAL B 271 -23.13 18.36 -57.10
CA VAL B 271 -22.21 19.49 -57.05
C VAL B 271 -23.03 20.73 -57.36
N MET B 272 -22.52 21.89 -56.94
CA MET B 272 -23.22 23.15 -57.16
C MET B 272 -22.20 24.27 -57.18
N PHE B 273 -22.09 24.95 -58.31
CA PHE B 273 -21.13 26.03 -58.50
C PHE B 273 -21.83 27.25 -59.05
N LYS B 274 -21.21 28.41 -58.86
CA LYS B 274 -21.79 29.68 -59.27
C LYS B 274 -20.80 30.42 -60.16
N ILE B 275 -21.32 31.04 -61.22
CA ILE B 275 -20.52 31.80 -62.18
C ILE B 275 -21.07 33.22 -62.24
N THR B 276 -20.19 34.20 -62.11
CA THR B 276 -20.54 35.61 -62.21
C THR B 276 -19.81 36.20 -63.40
N ALA B 277 -20.56 36.73 -64.37
CA ALA B 277 -19.99 37.31 -65.57
C ALA B 277 -19.88 38.82 -65.38
N ARG B 278 -18.71 39.26 -64.93
CA ARG B 278 -18.47 40.69 -64.74
C ARG B 278 -18.54 41.41 -66.08
N ALA B 279 -19.41 42.42 -66.16
CA ALA B 279 -19.57 43.23 -67.36
C ALA B 279 -19.92 42.39 -68.58
N CYS C 1 11.98 -42.04 17.28
CA CYS C 1 12.35 -42.79 16.08
C CYS C 1 11.20 -43.68 15.61
N GLN C 2 10.20 -43.84 16.47
CA GLN C 2 9.05 -44.67 16.13
C GLN C 2 8.30 -44.07 14.94
N GLU C 3 7.78 -44.96 14.09
CA GLU C 3 7.11 -44.55 12.86
C GLU C 3 5.68 -45.05 12.82
N HIS C 4 4.93 -44.87 13.92
CA HIS C 4 3.55 -45.32 13.97
C HIS C 4 2.73 -44.70 12.85
N ASP C 5 1.95 -45.54 12.16
CA ASP C 5 1.06 -45.11 11.08
C ASP C 5 -0.37 -45.37 11.55
N ILE C 6 -0.93 -44.39 12.26
CA ILE C 6 -2.28 -44.52 12.81
C ILE C 6 -3.30 -44.30 11.71
N GLU C 7 -4.33 -45.13 11.68
CA GLU C 7 -5.42 -45.00 10.72
C GLU C 7 -6.69 -44.58 11.44
N THR C 8 -7.41 -43.62 10.85
CA THR C 8 -8.63 -43.13 11.45
C THR C 8 -9.46 -42.37 10.43
N THR C 9 -10.77 -42.61 10.47
CA THR C 9 -11.79 -41.75 9.89
C THR C 9 -11.66 -41.73 8.35
N HIS C 10 -11.09 -40.69 7.73
CA HIS C 10 -10.92 -40.65 6.27
C HIS C 10 -9.54 -41.07 5.78
N GLY C 11 -8.72 -41.72 6.59
CA GLY C 11 -7.50 -42.26 6.04
C GLY C 11 -6.49 -42.69 7.09
N VAL C 12 -5.32 -43.05 6.58
CA VAL C 12 -4.18 -43.50 7.38
C VAL C 12 -3.17 -42.36 7.39
N VAL C 13 -2.84 -41.87 8.59
CA VAL C 13 -1.88 -40.79 8.77
C VAL C 13 -0.63 -41.39 9.39
N HIS C 14 0.52 -41.17 8.75
CA HIS C 14 1.79 -41.71 9.20
C HIS C 14 2.54 -40.64 9.97
N VAL C 15 2.86 -40.93 11.23
CA VAL C 15 3.63 -40.04 12.07
C VAL C 15 4.97 -40.70 12.38
N THR C 16 5.97 -39.86 12.67
CA THR C 16 7.31 -40.33 13.01
C THR C 16 7.74 -39.56 14.27
N ILE C 17 7.58 -40.21 15.42
CA ILE C 17 7.94 -39.58 16.70
C ILE C 17 9.45 -39.69 16.86
N ARG C 18 10.13 -38.57 16.72
CA ARG C 18 11.60 -38.51 16.88
C ARG C 18 11.97 -38.04 18.28
N GLY C 19 11.45 -38.70 19.31
CA GLY C 19 11.76 -38.28 20.67
C GLY C 19 11.03 -39.13 21.69
N LEU C 20 11.16 -38.70 22.95
CA LEU C 20 10.56 -39.39 24.08
C LEU C 20 9.69 -38.39 24.83
N PRO C 21 8.39 -38.68 25.03
CA PRO C 21 7.53 -37.74 25.78
C PRO C 21 8.05 -37.50 27.19
N LYS C 22 8.39 -36.24 27.47
CA LYS C 22 8.89 -35.84 28.79
C LYS C 22 7.68 -35.60 29.69
N GLY C 23 7.10 -36.70 30.16
CA GLY C 23 5.91 -36.63 30.99
C GLY C 23 4.72 -36.06 30.23
N ASN C 24 4.24 -34.90 30.66
CA ASN C 24 3.17 -34.19 29.95
C ASN C 24 3.64 -32.89 29.31
N ARG C 25 4.95 -32.74 29.15
CA ARG C 25 5.46 -31.59 28.42
C ARG C 25 4.98 -31.64 26.97
N PRO C 26 4.51 -30.51 26.42
CA PRO C 26 3.96 -30.54 25.06
C PRO C 26 4.99 -31.01 24.05
N VAL C 27 4.52 -31.78 23.08
CA VAL C 27 5.36 -32.35 22.02
C VAL C 27 5.18 -31.54 20.75
N ILE C 28 6.30 -31.19 20.12
CA ILE C 28 6.26 -30.38 18.90
C ILE C 28 5.68 -31.23 17.78
N LEU C 29 4.56 -30.79 17.23
CA LEU C 29 3.90 -31.46 16.11
C LEU C 29 4.15 -30.66 14.83
N THR C 30 4.62 -31.34 13.80
CA THR C 30 5.05 -30.68 12.58
C THR C 30 4.18 -31.14 11.40
N TYR C 31 3.69 -30.17 10.63
CA TYR C 31 2.93 -30.44 9.42
C TYR C 31 3.62 -29.75 8.25
N HIS C 32 3.78 -30.47 7.15
CA HIS C 32 4.49 -29.96 6.00
C HIS C 32 3.55 -29.17 5.09
N ASP C 33 4.09 -28.69 3.97
CA ASP C 33 3.33 -27.97 2.97
C ASP C 33 3.02 -28.91 1.80
N ILE C 34 2.38 -28.37 0.76
CA ILE C 34 2.10 -29.15 -0.44
C ILE C 34 3.41 -29.39 -1.20
N GLY C 35 3.49 -30.53 -1.87
CA GLY C 35 4.64 -30.85 -2.68
C GLY C 35 5.82 -31.46 -1.95
N LEU C 36 5.71 -31.69 -0.65
CA LEU C 36 6.83 -32.26 0.11
C LEU C 36 6.32 -32.89 1.39
N ASN C 37 7.16 -33.73 1.97
CA ASN C 37 6.90 -34.40 3.24
C ASN C 37 7.77 -33.79 4.33
N HIS C 38 7.72 -34.39 5.52
CA HIS C 38 8.49 -33.87 6.65
C HIS C 38 9.99 -33.98 6.41
N LYS C 39 10.44 -35.04 5.71
CA LYS C 39 11.86 -35.25 5.52
C LYS C 39 12.51 -34.12 4.73
N SER C 40 11.83 -33.63 3.69
CA SER C 40 12.45 -32.64 2.81
C SER C 40 12.64 -31.30 3.51
N CYS C 41 11.68 -30.89 4.33
CA CYS C 41 11.71 -29.56 4.94
C CYS C 41 12.21 -29.60 6.39
N PHE C 42 11.53 -30.36 7.25
CA PHE C 42 11.77 -30.28 8.68
C PHE C 42 12.97 -31.09 9.13
N ASN C 43 13.41 -32.08 8.34
CA ASN C 43 14.64 -32.79 8.68
C ASN C 43 15.87 -31.93 8.39
N ALA C 44 15.72 -30.87 7.61
CA ALA C 44 16.78 -29.90 7.38
C ALA C 44 16.73 -28.73 8.35
N PHE C 45 15.77 -28.74 9.28
CA PHE C 45 15.64 -27.71 10.31
C PHE C 45 15.88 -28.28 11.71
N PHE C 46 15.22 -29.39 12.05
CA PHE C 46 15.41 -30.00 13.35
C PHE C 46 16.80 -30.61 13.52
N ASN C 47 17.57 -30.73 12.45
CA ASN C 47 18.94 -31.22 12.53
C ASN C 47 19.96 -30.09 12.67
N PHE C 48 19.51 -28.84 12.77
CA PHE C 48 20.42 -27.71 12.90
C PHE C 48 21.12 -27.72 14.25
N GLU C 49 22.28 -27.07 14.30
CA GLU C 49 23.09 -27.06 15.52
C GLU C 49 22.34 -26.39 16.66
N ASP C 50 21.78 -25.21 16.42
CA ASP C 50 21.06 -24.51 17.48
C ASP C 50 19.74 -25.18 17.84
N MET C 51 19.13 -25.92 16.91
CA MET C 51 17.87 -26.59 17.18
C MET C 51 18.03 -27.82 18.07
N GLN C 52 19.25 -28.28 18.30
CA GLN C 52 19.46 -29.47 19.12
C GLN C 52 19.02 -29.23 20.56
N GLU C 53 19.35 -28.05 21.11
CA GLU C 53 19.01 -27.77 22.51
C GLU C 53 17.51 -27.72 22.73
N ILE C 54 16.75 -27.25 21.75
CA ILE C 54 15.29 -27.22 21.88
C ILE C 54 14.74 -28.63 21.82
N THR C 55 15.20 -29.45 20.87
CA THR C 55 14.69 -30.81 20.74
C THR C 55 15.12 -31.70 21.88
N GLN C 56 16.22 -31.38 22.57
CA GLN C 56 16.64 -32.20 23.71
C GLN C 56 15.61 -32.16 24.83
N HIS C 57 15.06 -30.98 25.10
CA HIS C 57 14.07 -30.81 26.16
C HIS C 57 12.65 -31.05 25.70
N PHE C 58 12.44 -31.33 24.41
CA PHE C 58 11.09 -31.59 23.89
C PHE C 58 11.06 -32.92 23.14
N ALA C 59 9.96 -33.17 22.45
CA ALA C 59 9.82 -34.32 21.57
C ALA C 59 9.28 -33.85 20.23
N VAL C 60 9.67 -34.55 19.16
CA VAL C 60 9.27 -34.23 17.81
C VAL C 60 8.30 -35.29 17.31
N CYS C 61 7.18 -34.87 16.73
CA CYS C 61 6.10 -35.75 16.31
C CYS C 61 5.76 -35.49 14.85
N HIS C 62 6.78 -35.52 13.99
CA HIS C 62 6.60 -35.31 12.55
C HIS C 62 5.43 -36.12 12.02
N VAL C 63 4.44 -35.44 11.48
CA VAL C 63 3.28 -36.07 10.89
C VAL C 63 3.31 -35.84 9.38
N ASP C 64 2.72 -36.78 8.65
CA ASP C 64 2.71 -36.74 7.20
C ASP C 64 1.27 -36.73 6.69
N ALA C 65 1.01 -35.90 5.68
CA ALA C 65 -0.31 -35.85 5.09
C ALA C 65 -0.65 -37.19 4.43
N PRO C 66 -1.91 -37.60 4.45
CA PRO C 66 -2.28 -38.91 3.89
C PRO C 66 -1.94 -39.00 2.41
N GLY C 67 -1.03 -39.92 2.08
CA GLY C 67 -0.60 -40.13 0.72
C GLY C 67 0.74 -39.51 0.38
N GLN C 68 1.21 -38.54 1.16
CA GLN C 68 2.48 -37.89 0.91
C GLN C 68 3.64 -38.56 1.63
N GLN C 69 3.39 -39.59 2.42
CA GLN C 69 4.46 -40.32 3.08
C GLN C 69 5.31 -41.06 2.04
N GLU C 70 6.59 -41.23 2.37
CA GLU C 70 7.51 -41.89 1.45
C GLU C 70 7.11 -43.36 1.26
N GLY C 71 7.22 -43.82 0.02
CA GLY C 71 6.84 -45.18 -0.32
C GLY C 71 5.38 -45.47 -0.05
N ALA C 72 4.50 -44.84 -0.82
CA ALA C 72 3.06 -44.99 -0.63
C ALA C 72 2.41 -45.43 -1.94
N PRO C 73 1.35 -46.22 -1.85
CA PRO C 73 0.63 -46.67 -3.05
C PRO C 73 -0.31 -45.57 -3.55
N SER C 74 -1.08 -45.90 -4.58
CA SER C 74 -1.99 -44.95 -5.19
C SER C 74 -3.41 -45.53 -5.27
N PHE C 75 -4.30 -44.83 -5.97
CA PHE C 75 -5.69 -45.23 -6.13
C PHE C 75 -6.13 -44.81 -7.52
N PRO C 76 -6.79 -45.69 -8.28
CA PRO C 76 -7.18 -45.32 -9.66
C PRO C 76 -8.02 -44.05 -9.75
N THR C 77 -8.95 -43.85 -8.82
CA THR C 77 -9.71 -42.60 -8.78
C THR C 77 -9.35 -41.73 -7.59
N GLY C 78 -8.84 -42.31 -6.51
CA GLY C 78 -8.34 -41.57 -5.38
C GLY C 78 -9.43 -40.94 -4.54
N TYR C 79 -10.07 -39.90 -5.07
CA TYR C 79 -11.08 -39.12 -4.35
C TYR C 79 -10.62 -38.81 -2.93
N GLN C 80 -9.58 -37.96 -2.86
CA GLN C 80 -8.95 -37.63 -1.58
C GLN C 80 -9.96 -36.80 -0.78
N TYR C 81 -10.88 -37.52 -0.14
CA TYR C 81 -11.97 -36.90 0.60
C TYR C 81 -11.53 -35.89 1.66
N PRO C 82 -10.47 -36.15 2.48
CA PRO C 82 -10.11 -35.17 3.52
C PRO C 82 -9.94 -33.75 3.02
N THR C 83 -10.81 -32.85 3.47
CA THR C 83 -10.67 -31.43 3.24
C THR C 83 -9.90 -30.81 4.41
N MET C 84 -9.75 -29.48 4.38
CA MET C 84 -8.98 -28.82 5.43
C MET C 84 -9.58 -29.04 6.81
N ASP C 85 -10.90 -28.88 6.95
CA ASP C 85 -11.54 -29.22 8.21
C ASP C 85 -11.35 -30.69 8.53
N GLU C 86 -11.51 -31.56 7.54
CA GLU C 86 -11.35 -32.99 7.78
C GLU C 86 -9.89 -33.34 8.04
N LEU C 87 -8.96 -32.75 7.29
CA LEU C 87 -7.54 -33.00 7.55
C LEU C 87 -7.14 -32.56 8.96
N ALA C 88 -7.75 -31.49 9.47
CA ALA C 88 -7.55 -31.14 10.87
C ALA C 88 -8.33 -32.05 11.81
N GLU C 89 -9.32 -32.79 11.29
CA GLU C 89 -10.16 -33.60 12.17
C GLU C 89 -9.44 -34.83 12.72
N MET C 90 -8.54 -35.45 11.96
CA MET C 90 -7.91 -36.68 12.42
C MET C 90 -6.68 -36.45 13.30
N LEU C 91 -6.31 -35.20 13.56
CA LEU C 91 -5.21 -34.94 14.49
C LEU C 91 -5.50 -35.39 15.91
N PRO C 92 -6.67 -35.14 16.50
CA PRO C 92 -6.93 -35.61 17.87
C PRO C 92 -6.82 -37.13 18.00
N PRO C 93 -7.26 -37.92 17.01
CA PRO C 93 -6.94 -39.36 17.06
C PRO C 93 -5.46 -39.65 17.11
N VAL C 94 -4.65 -38.89 16.35
CA VAL C 94 -3.21 -39.08 16.38
C VAL C 94 -2.67 -38.77 17.76
N LEU C 95 -3.15 -37.70 18.38
CA LEU C 95 -2.70 -37.35 19.73
C LEU C 95 -3.09 -38.43 20.73
N THR C 96 -4.33 -38.94 20.64
CA THR C 96 -4.79 -39.94 21.59
C THR C 96 -4.03 -41.26 21.45
N HIS C 97 -3.74 -41.68 20.22
CA HIS C 97 -3.07 -42.95 20.03
C HIS C 97 -1.67 -42.94 20.63
N LEU C 98 -0.95 -41.84 20.47
CA LEU C 98 0.43 -41.73 20.92
C LEU C 98 0.54 -41.27 22.37
N SER C 99 -0.58 -41.23 23.10
CA SER C 99 -0.60 -40.77 24.49
C SER C 99 -0.05 -39.36 24.61
N LEU C 100 -0.72 -38.44 23.93
CA LEU C 100 -0.30 -37.05 23.83
C LEU C 100 -1.30 -36.16 24.57
N LYS C 101 -0.80 -35.11 25.22
CA LYS C 101 -1.63 -34.19 25.98
C LYS C 101 -1.74 -32.83 25.33
N SER C 102 -0.60 -32.19 25.04
CA SER C 102 -0.59 -30.88 24.40
C SER C 102 0.49 -30.86 23.33
N ILE C 103 0.33 -29.98 22.36
CA ILE C 103 1.27 -29.87 21.24
C ILE C 103 1.66 -28.41 21.04
N ILE C 104 2.77 -28.22 20.35
CA ILE C 104 3.20 -26.92 19.85
C ILE C 104 3.27 -27.03 18.34
N GLY C 105 2.55 -26.15 17.65
CA GLY C 105 2.41 -26.27 16.22
C GLY C 105 3.70 -26.00 15.48
N ILE C 106 3.84 -26.63 14.32
CA ILE C 106 4.89 -26.36 13.34
C ILE C 106 4.16 -26.40 12.00
N GLY C 107 3.86 -25.22 11.44
CA GLY C 107 3.02 -25.19 10.27
C GLY C 107 3.60 -24.45 9.09
N VAL C 108 3.58 -25.08 7.91
CA VAL C 108 4.08 -24.46 6.69
C VAL C 108 3.00 -24.59 5.62
N GLY C 109 2.51 -23.46 5.13
CA GLY C 109 1.52 -23.45 4.07
C GLY C 109 0.25 -24.18 4.40
N ALA C 110 0.03 -25.34 3.76
CA ALA C 110 -1.15 -26.14 4.06
C ALA C 110 -1.12 -26.66 5.50
N GLY C 111 0.06 -27.04 5.99
CA GLY C 111 0.17 -27.47 7.36
C GLY C 111 -0.20 -26.39 8.35
N ALA C 112 0.16 -25.14 8.04
CA ALA C 112 -0.23 -24.02 8.89
C ALA C 112 -1.73 -23.88 8.94
N TYR C 113 -2.40 -24.01 7.80
CA TYR C 113 -3.86 -23.96 7.78
C TYR C 113 -4.46 -25.10 8.60
N ILE C 114 -3.92 -26.31 8.45
CA ILE C 114 -4.45 -27.46 9.19
C ILE C 114 -4.29 -27.25 10.68
N LEU C 115 -3.14 -26.77 11.12
CA LEU C 115 -2.91 -26.56 12.54
C LEU C 115 -3.76 -25.41 13.08
N SER C 116 -3.97 -24.37 12.28
CA SER C 116 -4.84 -23.28 12.71
C SER C 116 -6.28 -23.77 12.88
N ARG C 117 -6.76 -24.58 11.94
CA ARG C 117 -8.10 -25.14 12.06
C ARG C 117 -8.20 -26.07 13.26
N PHE C 118 -7.17 -26.88 13.50
CA PHE C 118 -7.17 -27.77 14.66
C PHE C 118 -7.20 -26.99 15.96
N ALA C 119 -6.43 -25.90 16.03
CA ALA C 119 -6.44 -25.06 17.23
C ALA C 119 -7.79 -24.38 17.42
N LEU C 120 -8.39 -23.91 16.33
CA LEU C 120 -9.70 -23.26 16.45
C LEU C 120 -10.78 -24.25 16.85
N ASN C 121 -10.64 -25.52 16.45
CA ASN C 121 -11.64 -26.53 16.79
C ASN C 121 -11.53 -26.94 18.25
N HIS C 122 -10.31 -27.24 18.72
CA HIS C 122 -10.07 -27.67 20.09
C HIS C 122 -8.92 -26.84 20.67
N PRO C 123 -9.23 -25.66 21.19
CA PRO C 123 -8.16 -24.79 21.71
C PRO C 123 -7.43 -25.37 22.92
N GLU C 124 -8.03 -26.31 23.64
CA GLU C 124 -7.38 -26.83 24.85
C GLU C 124 -6.16 -27.67 24.51
N LEU C 125 -6.19 -28.41 23.39
CA LEU C 125 -5.07 -29.28 23.06
C LEU C 125 -3.87 -28.53 22.50
N VAL C 126 -4.09 -27.37 21.89
CA VAL C 126 -3.01 -26.62 21.25
C VAL C 126 -2.47 -25.60 22.24
N GLU C 127 -1.16 -25.66 22.49
CA GLU C 127 -0.50 -24.72 23.40
C GLU C 127 0.03 -23.50 22.66
N GLY C 128 0.55 -23.68 21.45
CA GLY C 128 1.03 -22.57 20.66
C GLY C 128 1.27 -23.00 19.23
N LEU C 129 1.30 -22.01 18.35
CA LEU C 129 1.52 -22.24 16.93
C LEU C 129 2.58 -21.29 16.41
N VAL C 130 3.38 -21.78 15.47
CA VAL C 130 4.46 -20.99 14.88
C VAL C 130 4.27 -20.95 13.36
N LEU C 131 3.01 -20.97 12.92
CA LEU C 131 2.61 -21.07 11.53
C LEU C 131 3.50 -20.27 10.59
N ILE C 132 4.06 -20.94 9.60
CA ILE C 132 4.95 -20.34 8.61
C ILE C 132 4.21 -20.27 7.29
N ASN C 133 4.16 -19.06 6.70
CA ASN C 133 3.53 -18.84 5.40
C ASN C 133 2.09 -19.34 5.38
N VAL C 134 1.27 -18.75 6.24
CA VAL C 134 -0.11 -19.18 6.44
C VAL C 134 -1.03 -18.32 5.61
N ASP C 135 -2.00 -18.95 4.94
CA ASP C 135 -2.99 -18.26 4.13
C ASP C 135 -4.38 -18.55 4.66
N PRO C 136 -4.99 -17.63 5.40
CA PRO C 136 -6.31 -17.90 5.99
C PRO C 136 -7.47 -17.73 5.03
N CYS C 137 -7.24 -17.25 3.81
CA CYS C 137 -8.29 -17.01 2.85
C CYS C 137 -8.21 -18.02 1.71
N ALA C 138 -9.29 -18.09 0.93
CA ALA C 138 -9.34 -18.97 -0.23
C ALA C 138 -8.63 -18.31 -1.41
N LYS C 139 -8.77 -18.90 -2.60
CA LYS C 139 -8.09 -18.38 -3.78
C LYS C 139 -8.67 -17.06 -4.28
N GLY C 140 -9.81 -16.63 -3.76
CA GLY C 140 -10.37 -15.38 -4.23
C GLY C 140 -10.99 -15.52 -5.62
N TRP C 141 -10.92 -14.42 -6.37
CA TRP C 141 -11.49 -14.38 -7.72
C TRP C 141 -10.42 -14.23 -8.79
N ILE C 142 -9.60 -13.19 -8.72
CA ILE C 142 -8.57 -12.98 -9.73
C ILE C 142 -7.48 -14.03 -9.61
N ASP C 143 -7.04 -14.33 -8.39
CA ASP C 143 -6.04 -15.36 -8.20
C ASP C 143 -6.57 -16.73 -8.61
N TRP C 144 -7.84 -17.00 -8.30
CA TRP C 144 -8.45 -18.27 -8.72
C TRP C 144 -8.51 -18.36 -10.25
N ALA C 145 -8.88 -17.26 -10.91
CA ALA C 145 -8.91 -17.26 -12.38
C ALA C 145 -7.52 -17.49 -12.96
N ALA C 146 -6.51 -16.83 -12.39
CA ALA C 146 -5.14 -17.05 -12.85
C ALA C 146 -4.71 -18.49 -12.64
N SER C 147 -5.12 -19.10 -11.52
CA SER C 147 -4.80 -20.50 -11.28
C SER C 147 -5.46 -21.41 -12.30
N LYS C 148 -6.72 -21.14 -12.64
CA LYS C 148 -7.42 -22.01 -13.58
C LYS C 148 -7.12 -21.69 -15.04
N LEU C 149 -6.38 -20.62 -15.32
CA LEU C 149 -5.96 -20.35 -16.70
C LEU C 149 -4.49 -20.66 -16.95
N SER C 150 -3.64 -20.58 -15.91
CA SER C 150 -2.22 -20.82 -16.06
C SER C 150 -1.82 -22.24 -15.69
N GLY C 151 -2.40 -22.81 -14.63
CA GLY C 151 -2.02 -24.14 -14.20
C GLY C 151 -2.47 -25.25 -15.13
N LEU C 152 -3.49 -24.99 -15.96
CA LEU C 152 -3.96 -26.01 -16.89
C LEU C 152 -2.89 -26.36 -17.91
N THR C 153 -2.17 -25.35 -18.41
CA THR C 153 -1.10 -25.56 -19.38
C THR C 153 0.28 -25.58 -18.72
N THR C 154 0.34 -25.85 -17.43
CA THR C 154 1.59 -25.85 -16.69
C THR C 154 1.67 -27.10 -15.82
N ASN C 155 2.90 -27.58 -15.61
CA ASN C 155 3.11 -28.78 -14.81
C ASN C 155 2.75 -28.52 -13.35
N VAL C 156 2.32 -29.60 -12.67
CA VAL C 156 1.95 -29.48 -11.26
C VAL C 156 3.16 -29.12 -10.42
N VAL C 157 4.32 -29.72 -10.72
CA VAL C 157 5.53 -29.40 -9.96
C VAL C 157 5.90 -27.93 -10.13
N ASP C 158 5.77 -27.40 -11.35
CA ASP C 158 6.10 -26.00 -11.59
C ASP C 158 5.18 -25.08 -10.80
N ILE C 159 3.89 -25.40 -10.72
CA ILE C 159 3.00 -24.59 -9.89
C ILE C 159 3.36 -24.75 -8.42
N ILE C 160 3.92 -25.91 -8.04
CA ILE C 160 4.36 -26.08 -6.65
C ILE C 160 5.52 -25.13 -6.34
N LEU C 161 6.51 -25.05 -7.24
CA LEU C 161 7.59 -24.09 -7.00
C LEU C 161 7.10 -22.65 -7.09
N ALA C 162 6.12 -22.38 -7.95
CA ALA C 162 5.56 -21.04 -8.04
C ALA C 162 4.89 -20.64 -6.72
N HIS C 163 4.17 -21.58 -6.11
CA HIS C 163 3.55 -21.32 -4.81
C HIS C 163 4.60 -21.18 -3.72
N HIS C 164 5.69 -21.96 -3.79
CA HIS C 164 6.67 -21.95 -2.73
C HIS C 164 7.61 -20.74 -2.83
N PHE C 165 8.36 -20.65 -3.91
CA PHE C 165 9.39 -19.62 -4.03
C PHE C 165 8.85 -18.39 -4.74
N GLY C 166 9.51 -17.26 -4.48
CA GLY C 166 9.15 -16.02 -5.13
C GLY C 166 9.58 -15.99 -6.58
N GLN C 167 9.02 -15.00 -7.31
CA GLN C 167 9.30 -14.90 -8.74
C GLN C 167 10.76 -14.57 -9.02
N GLU C 168 11.40 -13.81 -8.12
CA GLU C 168 12.79 -13.43 -8.35
C GLU C 168 13.72 -14.64 -8.31
N GLU C 169 13.60 -15.46 -7.26
CA GLU C 169 14.41 -16.67 -7.18
C GLU C 169 14.03 -17.66 -8.26
N LEU C 170 12.73 -17.74 -8.59
CA LEU C 170 12.28 -18.66 -9.63
C LEU C 170 12.91 -18.31 -10.97
N GLN C 171 12.93 -17.02 -11.33
CA GLN C 171 13.60 -16.61 -12.56
C GLN C 171 15.11 -16.82 -12.46
N ALA C 172 15.70 -16.51 -11.30
CA ALA C 172 17.13 -16.75 -11.11
C ALA C 172 17.45 -18.24 -11.17
N ASN C 173 16.62 -19.06 -10.54
CA ASN C 173 16.77 -20.52 -10.55
C ASN C 173 18.14 -20.93 -10.00
N LEU C 174 18.37 -20.60 -8.74
CA LEU C 174 19.64 -20.89 -8.10
C LEU C 174 19.69 -22.35 -7.65
N ASP C 175 20.74 -22.70 -6.92
CA ASP C 175 21.00 -24.10 -6.57
C ASP C 175 19.87 -24.68 -5.72
N LEU C 176 19.31 -23.87 -4.82
CA LEU C 176 18.26 -24.36 -3.93
C LEU C 176 17.03 -24.80 -4.71
N ILE C 177 16.67 -24.06 -5.76
CA ILE C 177 15.42 -24.34 -6.47
C ILE C 177 15.48 -25.71 -7.12
N GLN C 178 16.59 -26.05 -7.79
CA GLN C 178 16.66 -27.39 -8.38
C GLN C 178 16.93 -28.46 -7.34
N THR C 179 17.72 -28.15 -6.30
CA THR C 179 17.90 -29.09 -5.21
C THR C 179 16.57 -29.50 -4.61
N TYR C 180 15.58 -28.60 -4.66
CA TYR C 180 14.26 -28.94 -4.13
C TYR C 180 13.31 -29.49 -5.18
N ARG C 181 13.39 -29.06 -6.45
CA ARG C 181 12.50 -29.68 -7.43
C ARG C 181 12.86 -31.14 -7.61
N MET C 182 14.11 -31.50 -7.34
CA MET C 182 14.48 -32.92 -7.33
C MET C 182 13.62 -33.68 -6.32
N HIS C 183 13.57 -33.20 -5.08
CA HIS C 183 12.83 -33.87 -4.02
C HIS C 183 11.33 -33.72 -4.16
N ILE C 184 10.86 -32.77 -4.97
CA ILE C 184 9.43 -32.63 -5.21
C ILE C 184 8.97 -33.53 -6.35
N ALA C 185 9.74 -33.60 -7.43
CA ALA C 185 9.40 -34.51 -8.52
C ALA C 185 9.50 -35.96 -8.07
N GLN C 186 10.59 -36.32 -7.39
CA GLN C 186 10.72 -37.64 -6.83
C GLN C 186 10.34 -37.61 -5.35
N ASP C 187 10.59 -38.72 -4.65
CA ASP C 187 10.30 -38.86 -3.22
C ASP C 187 8.84 -38.57 -2.87
N ILE C 188 7.96 -38.58 -3.87
CA ILE C 188 6.55 -38.24 -3.66
C ILE C 188 5.72 -38.98 -4.71
N ASN C 189 4.57 -39.49 -4.28
CA ASN C 189 3.63 -40.14 -5.20
C ASN C 189 2.76 -39.07 -5.83
N GLN C 190 2.92 -38.88 -7.15
CA GLN C 190 2.24 -37.78 -7.83
C GLN C 190 0.73 -37.98 -7.80
N ASP C 191 0.26 -39.23 -7.88
CA ASP C 191 -1.17 -39.48 -7.94
C ASP C 191 -1.89 -38.93 -6.72
N ASN C 192 -1.30 -39.09 -5.54
CA ASN C 192 -1.89 -38.48 -4.34
C ASN C 192 -1.46 -37.03 -4.16
N LEU C 193 -0.30 -36.65 -4.71
CA LEU C 193 0.16 -35.27 -4.57
C LEU C 193 -0.79 -34.31 -5.27
N GLN C 194 -1.24 -34.64 -6.48
CA GLN C 194 -2.17 -33.78 -7.19
C GLN C 194 -3.51 -33.70 -6.46
N LEU C 195 -3.97 -34.82 -5.90
CA LEU C 195 -5.20 -34.81 -5.13
C LEU C 195 -5.07 -33.91 -3.90
N PHE C 196 -3.93 -33.98 -3.21
CA PHE C 196 -3.72 -33.12 -2.05
C PHE C 196 -3.67 -31.65 -2.45
N LEU C 197 -3.04 -31.35 -3.59
CA LEU C 197 -3.04 -29.97 -4.07
C LEU C 197 -4.44 -29.48 -4.39
N ASN C 198 -5.24 -30.34 -5.05
CA ASN C 198 -6.61 -29.96 -5.36
C ASN C 198 -7.43 -29.73 -4.10
N SER C 199 -7.22 -30.58 -3.08
CA SER C 199 -7.88 -30.36 -1.79
C SER C 199 -7.43 -29.04 -1.17
N TYR C 200 -6.14 -28.71 -1.31
CA TYR C 200 -5.64 -27.45 -0.78
C TYR C 200 -6.31 -26.26 -1.45
N ASN C 201 -6.47 -26.32 -2.77
CA ASN C 201 -7.19 -25.26 -3.46
C ASN C 201 -8.64 -25.18 -2.99
N GLY C 202 -9.26 -26.34 -2.77
CA GLY C 202 -10.62 -26.37 -2.27
C GLY C 202 -10.70 -26.14 -0.78
N ARG C 203 -10.40 -24.92 -0.35
CA ARG C 203 -10.42 -24.56 1.06
C ARG C 203 -11.49 -23.50 1.31
N ARG C 204 -12.02 -23.48 2.52
CA ARG C 204 -12.96 -22.47 2.96
C ARG C 204 -12.22 -21.45 3.82
N ASP C 205 -12.63 -20.18 3.71
CA ASP C 205 -11.97 -19.12 4.47
C ASP C 205 -12.02 -19.40 5.95
N LEU C 206 -10.87 -19.38 6.59
CA LEU C 206 -10.81 -19.58 8.03
C LEU C 206 -11.52 -18.45 8.76
N GLU C 207 -12.34 -18.80 9.74
CA GLU C 207 -13.07 -17.81 10.52
C GLU C 207 -12.16 -17.40 11.66
N ILE C 208 -11.68 -16.16 11.61
CA ILE C 208 -10.94 -15.51 12.69
C ILE C 208 -11.16 -14.01 12.58
N GLU C 209 -11.23 -13.34 13.73
CA GLU C 209 -11.38 -11.90 13.77
C GLU C 209 -10.51 -11.35 14.88
N ARG C 210 -9.98 -10.15 14.65
CA ARG C 210 -9.23 -9.47 15.69
C ARG C 210 -10.20 -8.94 16.74
N PRO C 211 -10.05 -9.31 18.01
CA PRO C 211 -11.00 -8.85 19.02
C PRO C 211 -11.08 -7.33 19.07
N ILE C 212 -12.31 -6.83 19.18
CA ILE C 212 -12.57 -5.40 19.12
C ILE C 212 -13.21 -4.87 20.40
N LEU C 213 -13.41 -5.73 21.40
CA LEU C 213 -14.00 -5.43 22.70
C LEU C 213 -15.50 -5.17 22.60
N GLY C 214 -16.07 -5.16 21.40
CA GLY C 214 -17.50 -4.94 21.23
C GLY C 214 -18.35 -6.05 21.79
N ASP C 217 -18.62 -9.45 22.28
CA ASP C 217 -19.45 -10.61 22.60
C ASP C 217 -19.84 -11.37 21.33
N ASN C 218 -20.09 -10.64 20.25
CA ASN C 218 -20.46 -11.22 18.98
C ASN C 218 -19.26 -11.42 18.06
N LYS C 219 -18.05 -11.15 18.53
CA LYS C 219 -16.86 -11.32 17.71
C LYS C 219 -16.63 -12.80 17.40
N SER C 220 -16.08 -13.05 16.21
CA SER C 220 -15.73 -14.40 15.83
C SER C 220 -14.55 -14.90 16.65
N LYS C 221 -14.45 -16.22 16.76
CA LYS C 221 -13.39 -16.82 17.57
C LYS C 221 -12.02 -16.63 16.91
N THR C 222 -10.99 -16.71 17.74
CA THR C 222 -9.61 -16.55 17.28
C THR C 222 -8.71 -17.44 18.12
N LEU C 223 -7.49 -17.65 17.61
CA LEU C 223 -6.52 -18.49 18.30
C LEU C 223 -6.11 -17.84 19.61
N LYS C 224 -6.57 -18.40 20.74
CA LYS C 224 -6.19 -17.87 22.04
C LYS C 224 -4.77 -18.25 22.44
N CYS C 225 -4.18 -19.25 21.79
CA CYS C 225 -2.81 -19.65 22.07
C CYS C 225 -1.83 -18.65 21.46
N SER C 226 -0.64 -18.60 22.05
CA SER C 226 0.41 -17.73 21.53
C SER C 226 0.83 -18.19 20.14
N THR C 227 1.08 -17.22 19.25
CA THR C 227 1.37 -17.50 17.86
C THR C 227 2.60 -16.71 17.42
N LEU C 228 3.32 -17.28 16.45
CA LEU C 228 4.45 -16.61 15.82
C LEU C 228 4.34 -16.84 14.31
N LEU C 229 4.06 -15.79 13.55
CA LEU C 229 3.89 -15.89 12.11
C LEU C 229 5.21 -15.60 11.43
N VAL C 230 5.79 -16.63 10.81
CA VAL C 230 7.08 -16.52 10.14
C VAL C 230 6.84 -16.46 8.64
N VAL C 231 7.40 -15.44 8.00
CA VAL C 231 7.29 -15.27 6.56
C VAL C 231 8.54 -14.55 6.06
N GLY C 232 9.12 -15.06 4.97
CA GLY C 232 10.25 -14.39 4.37
C GLY C 232 9.86 -13.08 3.71
N ASP C 233 10.80 -12.13 3.70
CA ASP C 233 10.54 -10.83 3.09
C ASP C 233 10.35 -10.93 1.58
N ASN C 234 10.87 -11.99 0.95
CA ASN C 234 10.77 -12.19 -0.48
C ASN C 234 9.96 -13.45 -0.79
N SER C 235 8.87 -13.65 -0.07
CA SER C 235 8.04 -14.84 -0.23
C SER C 235 6.70 -14.46 -0.87
N PRO C 236 6.13 -15.35 -1.68
CA PRO C 236 4.81 -15.06 -2.27
C PRO C 236 3.72 -14.87 -1.22
N ALA C 237 3.78 -15.58 -0.11
CA ALA C 237 2.74 -15.51 0.92
C ALA C 237 3.09 -14.46 1.98
N VAL C 238 3.36 -13.25 1.51
CA VAL C 238 3.58 -12.12 2.41
C VAL C 238 2.27 -11.41 2.72
N GLU C 239 1.49 -11.10 1.68
CA GLU C 239 0.17 -10.52 1.90
C GLU C 239 -0.74 -11.48 2.65
N ALA C 240 -0.61 -12.78 2.37
CA ALA C 240 -1.43 -13.77 3.07
C ALA C 240 -1.16 -13.76 4.57
N VAL C 241 0.11 -13.73 4.95
CA VAL C 241 0.46 -13.71 6.38
C VAL C 241 0.09 -12.38 7.00
N VAL C 242 0.31 -11.27 6.29
CA VAL C 242 -0.03 -9.96 6.83
C VAL C 242 -1.53 -9.87 7.08
N GLU C 243 -2.34 -10.39 6.15
CA GLU C 243 -3.77 -10.47 6.38
C GLU C 243 -4.10 -11.45 7.50
N CYS C 244 -3.27 -12.47 7.69
CA CYS C 244 -3.43 -13.37 8.82
C CYS C 244 -2.93 -12.75 10.12
N ASN C 245 -1.92 -11.88 10.05
CA ASN C 245 -1.50 -11.15 11.23
C ASN C 245 -2.62 -10.24 11.73
N SER C 246 -3.27 -9.53 10.81
CA SER C 246 -4.54 -8.91 11.13
C SER C 246 -5.62 -9.97 11.29
N ARG C 247 -6.77 -9.56 11.80
CA ARG C 247 -7.83 -10.50 12.16
C ARG C 247 -7.30 -11.55 13.15
N LEU C 248 -6.44 -11.09 14.05
CA LEU C 248 -5.85 -11.93 15.08
C LEU C 248 -5.55 -11.07 16.30
N ASN C 249 -5.42 -11.73 17.45
CA ASN C 249 -5.15 -11.01 18.68
C ASN C 249 -3.71 -10.51 18.71
N PRO C 250 -3.47 -9.20 18.82
CA PRO C 250 -2.08 -8.72 18.83
C PRO C 250 -1.35 -9.02 20.13
N ILE C 251 -2.06 -9.37 21.20
CA ILE C 251 -1.40 -9.64 22.47
C ILE C 251 -0.58 -10.93 22.38
N ASN C 252 -1.09 -11.92 21.68
CA ASN C 252 -0.46 -13.24 21.63
C ASN C 252 0.40 -13.45 20.38
N THR C 253 -0.06 -13.01 19.22
CA THR C 253 0.62 -13.32 17.98
C THR C 253 1.75 -12.34 17.69
N THR C 254 2.79 -12.84 17.05
CA THR C 254 3.92 -12.04 16.61
C THR C 254 4.14 -12.26 15.11
N LEU C 255 4.56 -11.20 14.43
CA LEU C 255 4.86 -11.25 13.00
C LEU C 255 6.37 -11.16 12.82
N LEU C 256 6.95 -12.19 12.24
CA LEU C 256 8.38 -12.25 11.98
C LEU C 256 8.58 -12.23 10.47
N LYS C 257 8.73 -11.03 9.91
CA LYS C 257 9.03 -10.86 8.49
C LYS C 257 10.53 -11.04 8.31
N MET C 258 10.93 -12.28 8.07
CA MET C 258 12.35 -12.62 8.01
C MET C 258 13.05 -11.87 6.88
N ALA C 259 14.19 -11.28 7.20
CA ALA C 259 14.96 -10.49 6.24
C ALA C 259 15.95 -11.37 5.50
N ASP C 260 16.24 -10.98 4.25
CA ASP C 260 17.16 -11.71 3.39
C ASP C 260 16.74 -13.17 3.24
N CYS C 261 15.44 -13.40 3.14
CA CYS C 261 14.90 -14.75 3.05
C CYS C 261 13.65 -14.73 2.19
N GLY C 262 13.28 -15.92 1.71
CA GLY C 262 12.09 -16.07 0.90
C GLY C 262 11.81 -17.51 0.52
N GLY C 263 10.54 -17.84 0.34
CA GLY C 263 10.18 -19.19 -0.06
C GLY C 263 10.04 -20.16 1.10
N LEU C 264 11.14 -20.44 1.79
CA LEU C 264 11.15 -21.41 2.88
C LEU C 264 12.10 -20.92 3.97
N PRO C 265 11.58 -20.17 4.95
CA PRO C 265 12.45 -19.69 6.04
C PRO C 265 13.05 -20.78 6.88
N GLN C 266 12.48 -21.99 6.87
CA GLN C 266 12.98 -23.06 7.72
C GLN C 266 14.15 -23.83 7.12
N VAL C 267 14.52 -23.55 5.86
CA VAL C 267 15.64 -24.24 5.24
C VAL C 267 16.60 -23.23 4.63
N VAL C 268 16.17 -21.98 4.51
CA VAL C 268 17.04 -20.93 3.97
C VAL C 268 17.80 -20.23 5.08
N GLN C 269 17.11 -19.84 6.14
CA GLN C 269 17.72 -19.15 7.29
C GLN C 269 17.30 -19.85 8.57
N PRO C 270 17.82 -21.06 8.82
CA PRO C 270 17.45 -21.77 10.05
C PRO C 270 18.06 -21.18 11.31
N GLY C 271 19.18 -20.46 11.19
CA GLY C 271 19.80 -19.87 12.36
C GLY C 271 18.98 -18.79 13.02
N LYS C 272 18.19 -18.06 12.22
CA LYS C 272 17.33 -17.01 12.75
C LYS C 272 15.98 -17.57 13.19
N LEU C 273 15.43 -18.52 12.43
CA LEU C 273 14.18 -19.15 12.84
C LEU C 273 14.35 -19.93 14.14
N THR C 274 15.51 -20.57 14.32
CA THR C 274 15.75 -21.27 15.58
C THR C 274 15.79 -20.31 16.76
N GLU C 275 16.44 -19.16 16.59
CA GLU C 275 16.46 -18.16 17.65
C GLU C 275 15.07 -17.64 17.95
N ALA C 276 14.28 -17.36 16.92
CA ALA C 276 12.91 -16.89 17.13
C ALA C 276 12.08 -17.96 17.84
N PHE C 277 12.24 -19.23 17.45
CA PHE C 277 11.51 -20.32 18.10
C PHE C 277 11.93 -20.49 19.56
N LYS C 278 13.23 -20.37 19.85
CA LYS C 278 13.68 -20.47 21.23
C LYS C 278 13.10 -19.35 22.09
N TYR C 279 13.09 -18.12 21.57
CA TYR C 279 12.51 -17.03 22.36
C TYR C 279 11.00 -17.18 22.49
N PHE C 280 10.33 -17.71 21.46
CA PHE C 280 8.91 -17.98 21.55
C PHE C 280 8.60 -19.00 22.63
N LEU C 281 9.42 -20.06 22.71
CA LEU C 281 9.20 -21.08 23.74
C LEU C 281 9.54 -20.55 25.12
N GLN C 282 10.61 -19.76 25.24
CA GLN C 282 10.99 -19.22 26.55
C GLN C 282 9.95 -18.23 27.06
N GLY C 283 9.36 -17.44 26.17
CA GLY C 283 8.29 -16.55 26.58
C GLY C 283 7.06 -17.31 27.05
N MET C 284 6.86 -18.52 26.54
CA MET C 284 5.76 -19.36 26.98
C MET C 284 6.05 -20.08 28.28
N GLY C 285 7.30 -20.05 28.76
CA GLY C 285 7.65 -20.63 30.04
C GLY C 285 8.56 -21.86 29.96
N TYR C 286 8.87 -22.34 28.77
CA TYR C 286 9.69 -23.53 28.62
C TYR C 286 11.16 -23.14 28.44
N ILE C 287 12.03 -24.15 28.57
CA ILE C 287 13.49 -24.04 28.54
C ILE C 287 13.96 -22.71 29.12
N PRO C 288 13.69 -22.43 30.40
CA PRO C 288 14.02 -21.10 30.95
C PRO C 288 15.50 -20.89 31.20
N SER C 289 16.33 -21.93 31.11
CA SER C 289 17.75 -21.82 31.38
C SER C 289 18.58 -22.12 30.13
N ALA C 290 18.03 -21.83 28.95
CA ALA C 290 18.71 -22.09 27.70
C ALA C 290 19.59 -20.94 27.25
N SER C 291 19.63 -19.84 28.02
CA SER C 291 20.46 -18.67 27.71
C SER C 291 20.07 -18.04 26.39
N MET C 292 20.85 -17.05 25.95
CA MET C 292 20.51 -16.23 24.79
C MET C 292 21.59 -16.40 23.73
N THR C 293 21.17 -16.62 22.48
CA THR C 293 22.08 -17.07 21.45
C THR C 293 23.19 -16.06 21.18
N ARG C 294 22.83 -14.79 20.99
CA ARG C 294 23.84 -13.78 20.74
C ARG C 294 24.65 -13.45 21.98
N LEU C 295 24.23 -13.95 23.14
CA LEU C 295 25.00 -13.81 24.37
C LEU C 295 25.72 -15.11 24.76
N ALA C 296 25.43 -16.21 24.07
CA ALA C 296 26.03 -17.49 24.43
C ALA C 296 27.52 -17.52 24.08
N ARG C 297 27.91 -16.87 22.98
CA ARG C 297 29.30 -16.92 22.53
C ARG C 297 30.15 -15.87 23.24
N SER C 298 30.03 -15.82 24.57
CA SER C 298 30.80 -14.87 25.37
C SER C 298 30.85 -15.31 26.82
#